data_1FC8
# 
_entry.id   1FC8 
# 
_audit_conform.dict_name       mmcif_pdbx.dic 
_audit_conform.dict_version    5.392 
_audit_conform.dict_location   http://mmcif.pdb.org/dictionaries/ascii/mmcif_pdbx.dic 
# 
loop_
_database_2.database_id 
_database_2.database_code 
_database_2.pdbx_database_accession 
_database_2.pdbx_DOI 
PDB   1FC8         pdb_00001fc8 10.2210/pdb1fc8/pdb 
RCSB  RCSB011473   ?            ?                   
WWPDB D_1000011473 ?            ?                   
# 
loop_
_pdbx_audit_revision_history.ordinal 
_pdbx_audit_revision_history.data_content_type 
_pdbx_audit_revision_history.major_revision 
_pdbx_audit_revision_history.minor_revision 
_pdbx_audit_revision_history.revision_date 
1 'Structure model' 1 0 2001-05-30 
2 'Structure model' 1 1 2008-04-27 
3 'Structure model' 1 2 2011-07-13 
4 'Structure model' 1 3 2022-02-23 
5 'Structure model' 1 4 2024-05-22 
# 
_pdbx_audit_revision_details.ordinal             1 
_pdbx_audit_revision_details.revision_ordinal    1 
_pdbx_audit_revision_details.data_content_type   'Structure model' 
_pdbx_audit_revision_details.provider            repository 
_pdbx_audit_revision_details.type                'Initial release' 
_pdbx_audit_revision_details.description         ? 
_pdbx_audit_revision_details.details             ? 
# 
loop_
_pdbx_audit_revision_group.ordinal 
_pdbx_audit_revision_group.revision_ordinal 
_pdbx_audit_revision_group.data_content_type 
_pdbx_audit_revision_group.group 
1 2 'Structure model' 'Version format compliance' 
2 3 'Structure model' 'Version format compliance' 
3 4 'Structure model' 'Database references'       
4 4 'Structure model' 'Derived calculations'      
5 5 'Structure model' 'Data collection'           
# 
loop_
_pdbx_audit_revision_category.ordinal 
_pdbx_audit_revision_category.revision_ordinal 
_pdbx_audit_revision_category.data_content_type 
_pdbx_audit_revision_category.category 
1 4 'Structure model' database_2            
2 4 'Structure model' pdbx_struct_assembly  
3 4 'Structure model' pdbx_struct_oper_list 
4 4 'Structure model' struct_conn           
5 5 'Structure model' chem_comp_atom        
6 5 'Structure model' chem_comp_bond        
# 
loop_
_pdbx_audit_revision_item.ordinal 
_pdbx_audit_revision_item.revision_ordinal 
_pdbx_audit_revision_item.data_content_type 
_pdbx_audit_revision_item.item 
1 4 'Structure model' '_database_2.pdbx_DOI'                
2 4 'Structure model' '_database_2.pdbx_database_accession' 
3 4 'Structure model' '_struct_conn.pdbx_leaving_atom_flag' 
# 
_pdbx_database_status.status_code                     REL 
_pdbx_database_status.entry_id                        1FC8 
_pdbx_database_status.recvd_initial_deposition_date   2000-07-18 
_pdbx_database_status.deposit_site                    RCSB 
_pdbx_database_status.process_site                    RCSB 
_pdbx_database_status.status_code_mr                  REL 
_pdbx_database_status.SG_entry                        . 
_pdbx_database_status.pdb_format_compatible           Y 
_pdbx_database_status.status_code_sf                  ? 
_pdbx_database_status.status_code_cs                  ? 
_pdbx_database_status.status_code_nmr_data            ? 
_pdbx_database_status.methods_development_category    ? 
# 
loop_
_audit_author.name 
_audit_author.pdbx_ordinal 
'Trempe, J.-F.' 1 
'Gehring, K.'   2 
# 
_citation.id                        primary 
_citation.title                     
;NMR solution structure of an oligonucleotide hairpin with a 2'F-ANA/RNA stem: implications for RNase H specificity toward DNA/RNA hybrid duplexes.
;
_citation.journal_abbrev            J.Am.Chem.Soc. 
_citation.journal_volume            123 
_citation.page_first                4896 
_citation.page_last                 4903 
_citation.year                      2001 
_citation.journal_id_ASTM           JACSAT 
_citation.country                   US 
_citation.journal_id_ISSN           0002-7863 
_citation.journal_id_CSD            0004 
_citation.book_publisher            ? 
_citation.pdbx_database_id_PubMed   11457316 
_citation.pdbx_database_id_DOI      10.1021/ja003859p 
# 
loop_
_citation_author.citation_id 
_citation_author.name 
_citation_author.ordinal 
_citation_author.identifier_ORCID 
primary 'Trempe, J.F.'  1 ? 
primary 'Wilds, C.J.'   2 ? 
primary 'Denisov, A.Y.' 3 ? 
primary 'Pon, R.T.'     4 ? 
primary 'Damha, M.J.'   5 ? 
primary 'Gehring, K.'   6 ? 
# 
_entity.id                         1 
_entity.type                       polymer 
_entity.src_method                 syn 
_entity.pdbx_description           "5'-R(*GP*GP*AP*CP)D(*TP*TP*CP*GP*(GFL)P*(TAF)P*(CFL)P*(CFL))-3'" 
_entity.formula_weight             3790.341 
_entity.pdbx_number_of_molecules   1 
_entity.pdbx_ec                    ? 
_entity.pdbx_mutation              ? 
_entity.pdbx_fragment              ? 
_entity.details                    ? 
# 
_entity_name_com.entity_id   1 
_entity_name_com.name        
;RNA/2'F-ANA HAIRPIN
;
# 
_entity_poly.entity_id                      1 
_entity_poly.type                           'polydeoxyribonucleotide/polyribonucleotide hybrid' 
_entity_poly.nstd_linkage                   no 
_entity_poly.nstd_monomer                   yes 
_entity_poly.pdbx_seq_one_letter_code       'GGAC(DT)(DT)(DC)(DG)(GFL)(TAF)(CFL)(CFL)' 
_entity_poly.pdbx_seq_one_letter_code_can   GGACTTCGGTCC 
_entity_poly.pdbx_strand_id                 A 
_entity_poly.pdbx_target_identifier         ? 
# 
loop_
_entity_poly_seq.entity_id 
_entity_poly_seq.num 
_entity_poly_seq.mon_id 
_entity_poly_seq.hetero 
1 1  G   n 
1 2  G   n 
1 3  A   n 
1 4  C   n 
1 5  DT  n 
1 6  DT  n 
1 7  DC  n 
1 8  DG  n 
1 9  GFL n 
1 10 TAF n 
1 11 CFL n 
1 12 CFL n 
# 
_pdbx_entity_src_syn.entity_id              1 
_pdbx_entity_src_syn.pdbx_src_id            1 
_pdbx_entity_src_syn.pdbx_alt_source_flag   sample 
_pdbx_entity_src_syn.pdbx_beg_seq_num       ? 
_pdbx_entity_src_syn.pdbx_end_seq_num       ? 
_pdbx_entity_src_syn.organism_scientific    ? 
_pdbx_entity_src_syn.organism_common_name   ? 
_pdbx_entity_src_syn.ncbi_taxonomy_id       ? 
_pdbx_entity_src_syn.details                'SOLID PHASE SYNTHESIS; PHOSPHORAMIDITE CHEMISTRY' 
# 
loop_
_chem_comp.id 
_chem_comp.type 
_chem_comp.mon_nstd_flag 
_chem_comp.name 
_chem_comp.pdbx_synonyms 
_chem_comp.formula 
_chem_comp.formula_weight 
A   'RNA linking' y "ADENOSINE-5'-MONOPHOSPHATE"                                                                    ? 
'C10 H14 N5 O7 P'   347.221 
C   'RNA linking' y "CYTIDINE-5'-MONOPHOSPHATE"                                                                     ? 
'C9 H14 N3 O8 P'    323.197 
CFL 'DNA linking' n '4-amino-1-(2-deoxy-2-fluoro-5-O-phosphono-beta-D-arabinofuranosyl)pyrimidin-2(1H)-one'         
"2'-FLUORO-2'-DEOXY-CYTIDINE-5'-MONOPHOSPHATE" 'C9 H13 F N3 O7 P'  325.188 
DC  'DNA linking' y "2'-DEOXYCYTIDINE-5'-MONOPHOSPHATE"                                                             ? 
'C9 H14 N3 O7 P'    307.197 
DG  'DNA linking' y "2'-DEOXYGUANOSINE-5'-MONOPHOSPHATE"                                                            ? 
'C10 H14 N5 O7 P'   347.221 
DT  'DNA linking' y "THYMIDINE-5'-MONOPHOSPHATE"                                                                    ? 
'C10 H15 N2 O8 P'   322.208 
G   'RNA linking' y "GUANOSINE-5'-MONOPHOSPHATE"                                                                    ? 
'C10 H14 N5 O8 P'   363.221 
GFL 'DNA linking' n '2-AMINO-9-(2-DEOXY-2-FLUORO-5-O-PHOSPHONO-BETA-D-ARABINOFURANOSYL)-1,9-DIHYDRO-6H-PURIN-6-ONE' 
"2'-FLUORO-2-DEOXY-GUANOSINE-5'-MONOPHOSPHATE" 'C10 H13 F N5 O7 P' 365.212 
TAF 'DNA linking' n 
;2'-DEOXY-2'-FLUORO-ARABINO-FURANOSYL THYMINE-5'-PHOSPHATE
;
?                                              'C10 H14 F N2 O8 P' 340.199 
# 
loop_
_pdbx_poly_seq_scheme.asym_id 
_pdbx_poly_seq_scheme.entity_id 
_pdbx_poly_seq_scheme.seq_id 
_pdbx_poly_seq_scheme.mon_id 
_pdbx_poly_seq_scheme.ndb_seq_num 
_pdbx_poly_seq_scheme.pdb_seq_num 
_pdbx_poly_seq_scheme.auth_seq_num 
_pdbx_poly_seq_scheme.pdb_mon_id 
_pdbx_poly_seq_scheme.auth_mon_id 
_pdbx_poly_seq_scheme.pdb_strand_id 
_pdbx_poly_seq_scheme.pdb_ins_code 
_pdbx_poly_seq_scheme.hetero 
A 1 1  G   1  1  1  G   G  A . n 
A 1 2  G   2  2  2  G   G  A . n 
A 1 3  A   3  3  3  A   A  A . n 
A 1 4  C   4  4  4  C   C  A . n 
A 1 5  DT  5  5  5  DT  T  A . n 
A 1 6  DT  6  6  6  DT  T  A . n 
A 1 7  DC  7  7  7  DC  C  A . n 
A 1 8  DG  8  8  8  DG  G  A . n 
A 1 9  GFL 9  9  9  GFL +G A . n 
A 1 10 TAF 10 10 10 TAF +T A . n 
A 1 11 CFL 11 11 11 CFL +C A . n 
A 1 12 CFL 12 12 12 CFL +C A . n 
# 
_cell.entry_id           1FC8 
_cell.length_a           1.000 
_cell.length_b           1.000 
_cell.length_c           1.000 
_cell.angle_alpha        90.00 
_cell.angle_beta         90.00 
_cell.angle_gamma        90.00 
_cell.Z_PDB              1 
_cell.pdbx_unique_axis   ? 
# 
_symmetry.entry_id                         1FC8 
_symmetry.space_group_name_H-M             'P 1' 
_symmetry.pdbx_full_space_group_name_H-M   ? 
_symmetry.cell_setting                     ? 
_symmetry.Int_Tables_number                1 
# 
_exptl.entry_id          1FC8 
_exptl.method            'SOLUTION NMR' 
_exptl.crystals_number   ? 
# 
_struct.entry_id                  1FC8 
_struct.title                     
;NMR SOLUTION STRUCTURE OF A CHIMERIC OLIGONUCLEOTIDE HAIRPIN R(GGAC)D(TTCG)2'F-A(GTCC)
;
_struct.pdbx_model_details        ? 
_struct.pdbx_CASP_flag            ? 
_struct.pdbx_model_type_details   ? 
# 
_struct_keywords.entry_id        1FC8 
_struct_keywords.pdbx_keywords   'RNA/DNA CHIMERA' 
_struct_keywords.text            
;2'F-ARABINONUCLEIC ACID, RNA, DNA, HYBRID DUPLEX, HAIRPIN, RNA-DNA CHIMERA COMPLEX
;
# 
_struct_asym.id                            A 
_struct_asym.pdbx_blank_PDB_chainid_flag   N 
_struct_asym.pdbx_modified                 N 
_struct_asym.entity_id                     1 
_struct_asym.details                       ? 
# 
_struct_ref.id                         1 
_struct_ref.entity_id                  1 
_struct_ref.db_name                    PDB 
_struct_ref.db_code                    1FC8 
_struct_ref.pdbx_db_accession          1FC8 
_struct_ref.pdbx_db_isoform            ? 
_struct_ref.pdbx_seq_one_letter_code   ? 
_struct_ref.pdbx_align_begin           ? 
# 
_struct_ref_seq.align_id                      1 
_struct_ref_seq.ref_id                        1 
_struct_ref_seq.pdbx_PDB_id_code              1FC8 
_struct_ref_seq.pdbx_strand_id                A 
_struct_ref_seq.seq_align_beg                 1 
_struct_ref_seq.pdbx_seq_align_beg_ins_code   ? 
_struct_ref_seq.seq_align_end                 12 
_struct_ref_seq.pdbx_seq_align_end_ins_code   ? 
_struct_ref_seq.pdbx_db_accession             1FC8 
_struct_ref_seq.db_align_beg                  1 
_struct_ref_seq.pdbx_db_align_beg_ins_code    ? 
_struct_ref_seq.db_align_end                  12 
_struct_ref_seq.pdbx_db_align_end_ins_code    ? 
_struct_ref_seq.pdbx_auth_seq_align_beg       1 
_struct_ref_seq.pdbx_auth_seq_align_end       12 
# 
_pdbx_struct_assembly.id                   1 
_pdbx_struct_assembly.details              author_defined_assembly 
_pdbx_struct_assembly.method_details       ? 
_pdbx_struct_assembly.oligomeric_details   monomeric 
_pdbx_struct_assembly.oligomeric_count     1 
# 
_pdbx_struct_assembly_gen.assembly_id       1 
_pdbx_struct_assembly_gen.oper_expression   1 
_pdbx_struct_assembly_gen.asym_id_list      A 
# 
_pdbx_struct_oper_list.id                   1 
_pdbx_struct_oper_list.type                 'identity operation' 
_pdbx_struct_oper_list.name                 1_555 
_pdbx_struct_oper_list.symmetry_operation   x,y,z 
_pdbx_struct_oper_list.matrix[1][1]         1.0000000000 
_pdbx_struct_oper_list.matrix[1][2]         0.0000000000 
_pdbx_struct_oper_list.matrix[1][3]         0.0000000000 
_pdbx_struct_oper_list.vector[1]            0.0000000000 
_pdbx_struct_oper_list.matrix[2][1]         0.0000000000 
_pdbx_struct_oper_list.matrix[2][2]         1.0000000000 
_pdbx_struct_oper_list.matrix[2][3]         0.0000000000 
_pdbx_struct_oper_list.vector[2]            0.0000000000 
_pdbx_struct_oper_list.matrix[3][1]         0.0000000000 
_pdbx_struct_oper_list.matrix[3][2]         0.0000000000 
_pdbx_struct_oper_list.matrix[3][3]         1.0000000000 
_pdbx_struct_oper_list.vector[3]            0.0000000000 
# 
_struct_biol.id   1 
# 
loop_
_struct_conn.id 
_struct_conn.conn_type_id 
_struct_conn.pdbx_leaving_atom_flag 
_struct_conn.pdbx_PDB_id 
_struct_conn.ptnr1_label_asym_id 
_struct_conn.ptnr1_label_comp_id 
_struct_conn.ptnr1_label_seq_id 
_struct_conn.ptnr1_label_atom_id 
_struct_conn.pdbx_ptnr1_label_alt_id 
_struct_conn.pdbx_ptnr1_PDB_ins_code 
_struct_conn.pdbx_ptnr1_standard_comp_id 
_struct_conn.ptnr1_symmetry 
_struct_conn.ptnr2_label_asym_id 
_struct_conn.ptnr2_label_comp_id 
_struct_conn.ptnr2_label_seq_id 
_struct_conn.ptnr2_label_atom_id 
_struct_conn.pdbx_ptnr2_label_alt_id 
_struct_conn.pdbx_ptnr2_PDB_ins_code 
_struct_conn.ptnr1_auth_asym_id 
_struct_conn.ptnr1_auth_comp_id 
_struct_conn.ptnr1_auth_seq_id 
_struct_conn.ptnr2_auth_asym_id 
_struct_conn.ptnr2_auth_comp_id 
_struct_conn.ptnr2_auth_seq_id 
_struct_conn.ptnr2_symmetry 
_struct_conn.pdbx_ptnr3_label_atom_id 
_struct_conn.pdbx_ptnr3_label_seq_id 
_struct_conn.pdbx_ptnr3_label_comp_id 
_struct_conn.pdbx_ptnr3_label_asym_id 
_struct_conn.pdbx_ptnr3_label_alt_id 
_struct_conn.pdbx_ptnr3_PDB_ins_code 
_struct_conn.details 
_struct_conn.pdbx_dist_value 
_struct_conn.pdbx_value_order 
_struct_conn.pdbx_role 
covale1  covale both ? A DG  8  "O3'" ? ? ? 1_555 A GFL 9  P  ? ? A DG  8  A GFL 9  1_555 ? ? ? ? ? ? ?                1.619 ? ? 
covale2  covale one  ? A GFL 9  "O3'" ? ? ? 1_555 A TAF 10 P  ? ? A GFL 9  A TAF 10 1_555 ? ? ? ? ? ? ?                1.623 ? ? 
covale3  covale one  ? A TAF 10 "O3'" ? ? ? 1_555 A CFL 11 P  ? ? A TAF 10 A CFL 11 1_555 ? ? ? ? ? ? ?                1.622 ? ? 
covale4  covale one  ? A CFL 11 "O3'" ? ? ? 1_555 A CFL 12 P  ? ? A CFL 11 A CFL 12 1_555 ? ? ? ? ? ? ?                1.616 ? ? 
hydrog1  hydrog ?    ? A G   1  N1    ? ? ? 1_555 A CFL 12 N3 ? ? A G   1  A CFL 12 1_555 ? ? ? ? ? ? WATSON-CRICK     ?     ? ? 
hydrog2  hydrog ?    ? A G   1  N2    ? ? ? 1_555 A CFL 12 O2 ? ? A G   1  A CFL 12 1_555 ? ? ? ? ? ? WATSON-CRICK     ?     ? ? 
hydrog3  hydrog ?    ? A G   1  O6    ? ? ? 1_555 A CFL 12 N4 ? ? A G   1  A CFL 12 1_555 ? ? ? ? ? ? WATSON-CRICK     ?     ? ? 
hydrog4  hydrog ?    ? A G   2  N1    ? ? ? 1_555 A CFL 11 N3 ? ? A G   2  A CFL 11 1_555 ? ? ? ? ? ? WATSON-CRICK     ?     ? ? 
hydrog5  hydrog ?    ? A G   2  N2    ? ? ? 1_555 A CFL 11 O2 ? ? A G   2  A CFL 11 1_555 ? ? ? ? ? ? WATSON-CRICK     ?     ? ? 
hydrog6  hydrog ?    ? A G   2  O6    ? ? ? 1_555 A CFL 11 N4 ? ? A G   2  A CFL 11 1_555 ? ? ? ? ? ? WATSON-CRICK     ?     ? ? 
hydrog7  hydrog ?    ? A A   3  N1    ? ? ? 1_555 A TAF 10 N3 ? ? A A   3  A TAF 10 1_555 ? ? ? ? ? ? WATSON-CRICK     ?     ? ? 
hydrog8  hydrog ?    ? A A   3  N6    ? ? ? 1_555 A TAF 10 O4 ? ? A A   3  A TAF 10 1_555 ? ? ? ? ? ? WATSON-CRICK     ?     ? ? 
hydrog9  hydrog ?    ? A C   4  N3    ? ? ? 1_555 A GFL 9  N1 ? ? A C   4  A GFL 9  1_555 ? ? ? ? ? ? WATSON-CRICK     ?     ? ? 
hydrog10 hydrog ?    ? A C   4  N4    ? ? ? 1_555 A GFL 9  O6 ? ? A C   4  A GFL 9  1_555 ? ? ? ? ? ? WATSON-CRICK     ?     ? ? 
hydrog11 hydrog ?    ? A C   4  O2    ? ? ? 1_555 A GFL 9  N2 ? ? A C   4  A GFL 9  1_555 ? ? ? ? ? ? WATSON-CRICK     ?     ? ? 
hydrog12 hydrog ?    ? A DT  5  O2    ? ? ? 1_555 A GFL 9  N1 ? ? A DT  5  A GFL 9  1_555 ? ? ? ? ? ? 'DT-GFL MISPAIR' ?     ? ? 
# 
loop_
_struct_conn_type.id 
_struct_conn_type.criteria 
_struct_conn_type.reference 
covale ? ? 
hydrog ? ? 
# 
loop_
_pdbx_validate_close_contact.id 
_pdbx_validate_close_contact.PDB_model_num 
_pdbx_validate_close_contact.auth_atom_id_1 
_pdbx_validate_close_contact.auth_asym_id_1 
_pdbx_validate_close_contact.auth_comp_id_1 
_pdbx_validate_close_contact.auth_seq_id_1 
_pdbx_validate_close_contact.PDB_ins_code_1 
_pdbx_validate_close_contact.label_alt_id_1 
_pdbx_validate_close_contact.auth_atom_id_2 
_pdbx_validate_close_contact.auth_asym_id_2 
_pdbx_validate_close_contact.auth_comp_id_2 
_pdbx_validate_close_contact.auth_seq_id_2 
_pdbx_validate_close_contact.PDB_ins_code_2 
_pdbx_validate_close_contact.label_alt_id_2 
_pdbx_validate_close_contact.dist 
1 2 "HO2'" A C  4 ? ? "O4'" A DT 5 ? ? 1.56 
2 3 O2     A DT 6 ? ? H22   A DG 8 ? ? 1.60 
# 
loop_
_pdbx_validate_rmsd_angle.id 
_pdbx_validate_rmsd_angle.PDB_model_num 
_pdbx_validate_rmsd_angle.auth_atom_id_1 
_pdbx_validate_rmsd_angle.auth_asym_id_1 
_pdbx_validate_rmsd_angle.auth_comp_id_1 
_pdbx_validate_rmsd_angle.auth_seq_id_1 
_pdbx_validate_rmsd_angle.PDB_ins_code_1 
_pdbx_validate_rmsd_angle.label_alt_id_1 
_pdbx_validate_rmsd_angle.auth_atom_id_2 
_pdbx_validate_rmsd_angle.auth_asym_id_2 
_pdbx_validate_rmsd_angle.auth_comp_id_2 
_pdbx_validate_rmsd_angle.auth_seq_id_2 
_pdbx_validate_rmsd_angle.PDB_ins_code_2 
_pdbx_validate_rmsd_angle.label_alt_id_2 
_pdbx_validate_rmsd_angle.auth_atom_id_3 
_pdbx_validate_rmsd_angle.auth_asym_id_3 
_pdbx_validate_rmsd_angle.auth_comp_id_3 
_pdbx_validate_rmsd_angle.auth_seq_id_3 
_pdbx_validate_rmsd_angle.PDB_ins_code_3 
_pdbx_validate_rmsd_angle.label_alt_id_3 
_pdbx_validate_rmsd_angle.angle_value 
_pdbx_validate_rmsd_angle.angle_target_value 
_pdbx_validate_rmsd_angle.angle_deviation 
_pdbx_validate_rmsd_angle.angle_standard_deviation 
_pdbx_validate_rmsd_angle.linker_flag 
1  1 N7    A G  1 ? ? C8    A G  1 ? ? N9 A G  1 ? ? 117.82 113.10 4.72  0.50 N 
2  1 C8    A G  1 ? ? N9    A G  1 ? ? C4 A G  1 ? ? 103.88 106.40 -2.52 0.40 N 
3  1 N7    A G  2 ? ? C8    A G  2 ? ? N9 A G  2 ? ? 117.81 113.10 4.71  0.50 N 
4  1 C8    A G  2 ? ? N9    A G  2 ? ? C4 A G  2 ? ? 103.68 106.40 -2.72 0.40 N 
5  1 N7    A A  3 ? ? C8    A A  3 ? ? N9 A A  3 ? ? 117.48 113.80 3.68  0.50 N 
6  1 "O4'" A DT 5 ? ? "C1'" A DT 5 ? ? N1 A DT 5 ? ? 110.53 108.30 2.23  0.30 N 
7  1 "O4'" A DT 6 ? ? "C1'" A DT 6 ? ? N1 A DT 6 ? ? 110.54 108.30 2.24  0.30 N 
8  1 "O4'" A DG 8 ? ? "C1'" A DG 8 ? ? N9 A DG 8 ? ? 110.49 108.30 2.19  0.30 N 
9  1 N7    A DG 8 ? ? C8    A DG 8 ? ? N9 A DG 8 ? ? 118.06 113.10 4.96  0.50 N 
10 2 N7    A G  1 ? ? C8    A G  1 ? ? N9 A G  1 ? ? 117.78 113.10 4.68  0.50 N 
11 2 C8    A G  1 ? ? N9    A G  1 ? ? C4 A G  1 ? ? 103.94 106.40 -2.46 0.40 N 
12 2 N7    A G  2 ? ? C8    A G  2 ? ? N9 A G  2 ? ? 117.86 113.10 4.76  0.50 N 
13 2 C8    A G  2 ? ? N9    A G  2 ? ? C4 A G  2 ? ? 103.78 106.40 -2.62 0.40 N 
14 2 N7    A A  3 ? ? C8    A A  3 ? ? N9 A A  3 ? ? 117.56 113.80 3.76  0.50 N 
15 2 "O4'" A DT 6 ? ? "C1'" A DT 6 ? ? N1 A DT 6 ? ? 110.31 108.30 2.01  0.30 N 
16 2 "O4'" A DG 8 ? ? "C1'" A DG 8 ? ? N9 A DG 8 ? ? 110.90 108.30 2.60  0.30 N 
17 2 N7    A DG 8 ? ? C8    A DG 8 ? ? N9 A DG 8 ? ? 118.03 113.10 4.93  0.50 N 
18 3 N7    A G  1 ? ? C8    A G  1 ? ? N9 A G  1 ? ? 117.77 113.10 4.67  0.50 N 
19 3 C8    A G  1 ? ? N9    A G  1 ? ? C4 A G  1 ? ? 103.88 106.40 -2.52 0.40 N 
20 3 N7    A G  2 ? ? C8    A G  2 ? ? N9 A G  2 ? ? 117.69 113.10 4.59  0.50 N 
21 3 C8    A G  2 ? ? N9    A G  2 ? ? C4 A G  2 ? ? 103.72 106.40 -2.68 0.40 N 
22 3 N7    A A  3 ? ? C8    A A  3 ? ? N9 A A  3 ? ? 117.54 113.80 3.74  0.50 N 
23 3 "O4'" A DT 6 ? ? "C1'" A DT 6 ? ? N1 A DT 6 ? ? 111.01 108.30 2.71  0.30 N 
24 3 "O4'" A DC 7 ? ? "C1'" A DC 7 ? ? N1 A DC 7 ? ? 110.94 108.30 2.64  0.30 N 
25 3 "O4'" A DG 8 ? ? "C1'" A DG 8 ? ? N9 A DG 8 ? ? 110.69 108.30 2.39  0.30 N 
26 3 N7    A DG 8 ? ? C8    A DG 8 ? ? N9 A DG 8 ? ? 117.98 113.10 4.88  0.50 N 
27 3 C8    A DG 8 ? ? N9    A DG 8 ? ? C4 A DG 8 ? ? 103.93 106.40 -2.47 0.40 N 
28 4 N7    A G  1 ? ? C8    A G  1 ? ? N9 A G  1 ? ? 117.80 113.10 4.70  0.50 N 
29 4 C8    A G  1 ? ? N9    A G  1 ? ? C4 A G  1 ? ? 103.86 106.40 -2.54 0.40 N 
30 4 N7    A G  2 ? ? C8    A G  2 ? ? N9 A G  2 ? ? 117.73 113.10 4.63  0.50 N 
31 4 C8    A G  2 ? ? N9    A G  2 ? ? C4 A G  2 ? ? 103.70 106.40 -2.70 0.40 N 
32 4 N7    A A  3 ? ? C8    A A  3 ? ? N9 A A  3 ? ? 117.47 113.80 3.67  0.50 N 
33 4 "O4'" A DT 5 ? ? "C1'" A DT 5 ? ? N1 A DT 5 ? ? 110.27 108.30 1.97  0.30 N 
34 4 "O4'" A DC 7 ? ? "C1'" A DC 7 ? ? N1 A DC 7 ? ? 111.18 108.30 2.88  0.30 N 
35 4 "O4'" A DG 8 ? ? "C1'" A DG 8 ? ? N9 A DG 8 ? ? 111.47 108.30 3.17  0.30 N 
36 4 N7    A DG 8 ? ? C8    A DG 8 ? ? N9 A DG 8 ? ? 117.93 113.10 4.83  0.50 N 
37 5 N7    A G  1 ? ? C8    A G  1 ? ? N9 A G  1 ? ? 117.66 113.10 4.56  0.50 N 
38 5 C8    A G  1 ? ? N9    A G  1 ? ? C4 A G  1 ? ? 103.90 106.40 -2.50 0.40 N 
39 5 N7    A G  2 ? ? C8    A G  2 ? ? N9 A G  2 ? ? 117.63 113.10 4.53  0.50 N 
40 5 C8    A G  2 ? ? N9    A G  2 ? ? C4 A G  2 ? ? 103.73 106.40 -2.67 0.40 N 
41 5 N7    A A  3 ? ? C8    A A  3 ? ? N9 A A  3 ? ? 117.56 113.80 3.76  0.50 N 
42 5 "O4'" A C  4 ? ? "C1'" A C  4 ? ? N1 A C  4 ? ? 112.71 108.50 4.21  0.70 N 
43 5 "O4'" A DT 5 ? ? "C1'" A DT 5 ? ? N1 A DT 5 ? ? 110.31 108.30 2.01  0.30 N 
44 5 "O4'" A DT 6 ? ? "C1'" A DT 6 ? ? N1 A DT 6 ? ? 110.19 108.30 1.89  0.30 N 
45 5 "O4'" A DC 7 ? ? "C1'" A DC 7 ? ? N1 A DC 7 ? ? 110.74 108.30 2.44  0.30 N 
46 5 "O4'" A DG 8 ? ? "C1'" A DG 8 ? ? N9 A DG 8 ? ? 111.45 108.30 3.15  0.30 N 
47 5 N7    A DG 8 ? ? C8    A DG 8 ? ? N9 A DG 8 ? ? 117.77 113.10 4.67  0.50 N 
# 
loop_
_pdbx_struct_mod_residue.id 
_pdbx_struct_mod_residue.label_asym_id 
_pdbx_struct_mod_residue.label_comp_id 
_pdbx_struct_mod_residue.label_seq_id 
_pdbx_struct_mod_residue.auth_asym_id 
_pdbx_struct_mod_residue.auth_comp_id 
_pdbx_struct_mod_residue.auth_seq_id 
_pdbx_struct_mod_residue.PDB_ins_code 
_pdbx_struct_mod_residue.parent_comp_id 
_pdbx_struct_mod_residue.details 
1 A GFL 9  A GFL 9  ? DG ? 
2 A TAF 10 A TAF 10 ? DT ? 
3 A CFL 11 A CFL 11 ? DC ? 
4 A CFL 12 A CFL 12 ? DC ? 
# 
_pdbx_nmr_ensemble.entry_id                                      1FC8 
_pdbx_nmr_ensemble.conformers_calculated_total_number            5 
_pdbx_nmr_ensemble.conformers_submitted_total_number             5 
_pdbx_nmr_ensemble.conformer_selection_criteria                  'RMSD FROM AVERAGE LOWER THAN 0.7 ANGSTROM' 
_pdbx_nmr_ensemble.average_constraints_per_residue               ? 
_pdbx_nmr_ensemble.average_constraint_violations_per_residue     ? 
_pdbx_nmr_ensemble.maximum_distance_constraint_violation         ? 
_pdbx_nmr_ensemble.average_distance_constraint_violation         ? 
_pdbx_nmr_ensemble.maximum_upper_distance_constraint_violation   ? 
_pdbx_nmr_ensemble.maximum_lower_distance_constraint_violation   ? 
_pdbx_nmr_ensemble.distance_constraint_violation_method          ? 
_pdbx_nmr_ensemble.maximum_torsion_angle_constraint_violation    ? 
_pdbx_nmr_ensemble.average_torsion_angle_constraint_violation    ? 
_pdbx_nmr_ensemble.torsion_angle_constraint_violation_method     ? 
# 
_pdbx_nmr_representative.entry_id             1FC8 
_pdbx_nmr_representative.conformer_id         3 
_pdbx_nmr_representative.selection_criteria   'closest to the average' 
# 
loop_
_pdbx_nmr_sample_details.solution_id 
_pdbx_nmr_sample_details.contents 
_pdbx_nmr_sample_details.solvent_system 
1 
;0.5 mM Oligonucleotide hairpin;  
90% H2O, 10% D2O
;
'90% H2O/10% D2O' 
2 
;0.5 mM Oligonucleotide hairpin;  
D2O
;
D2O               
# 
_pdbx_nmr_exptl_sample_conditions.conditions_id       1 
_pdbx_nmr_exptl_sample_conditions.temperature         293 
_pdbx_nmr_exptl_sample_conditions.pressure            ambient 
_pdbx_nmr_exptl_sample_conditions.pH                  7.2 
_pdbx_nmr_exptl_sample_conditions.ionic_strength      0.066 
_pdbx_nmr_exptl_sample_conditions.pressure_units      ? 
_pdbx_nmr_exptl_sample_conditions.temperature_units   K 
# 
loop_
_pdbx_nmr_exptl.experiment_id 
_pdbx_nmr_exptl.conditions_id 
_pdbx_nmr_exptl.type 
_pdbx_nmr_exptl.solution_id 
1 1 '2D NOESY'         1 
2 1 '2D NOESY'         2 
3 1 DQF-COSY           2 
4 1 '2D 1H-13C HMQC'   2 
5 1 '2D 1H-31P HETCOR' 2 
6 1 '2D 1H-19F HETCOR' 2 
# 
_pdbx_nmr_details.entry_id   1FC8 
_pdbx_nmr_details.text       'This structure was determined using standard 2D homonuclear techniques.' 
# 
_pdbx_nmr_refine.entry_id           1FC8 
_pdbx_nmr_refine.method             
;Distance geometry, 
simulated annealing
;
_pdbx_nmr_refine.details            
;SA at 15000K for 15 psec from random coordinates.  
Refinement from lower energy structure at 3000K fro 9 psec.  
5 structures generated. 
 
Total of 305 restraints:  
98 intraresidue  NOE-derived distance constraints, 
94 sequential NOE-derived distance constraints, 
3 long range NOE-derived distance constraints, 
15 distance restraints from hydrogen bonds, 
91 dihedral angle restraints, 
4 planarity constraints for base pairs
;
_pdbx_nmr_refine.software_ordinal   1 
# 
loop_
_pdbx_nmr_software.classification 
_pdbx_nmr_software.name 
_pdbx_nmr_software.version 
_pdbx_nmr_software.authors 
_pdbx_nmr_software.ordinal 
'structure solution' X-PLOR 3.843 BRUNGER 1 
refinement           X-PLOR 3.843 BRUNGER 2 
# 
loop_
_chem_comp_atom.comp_id 
_chem_comp_atom.atom_id 
_chem_comp_atom.type_symbol 
_chem_comp_atom.pdbx_aromatic_flag 
_chem_comp_atom.pdbx_stereo_config 
_chem_comp_atom.pdbx_ordinal 
A   OP3    O N N 1   
A   P      P N N 2   
A   OP1    O N N 3   
A   OP2    O N N 4   
A   "O5'"  O N N 5   
A   "C5'"  C N N 6   
A   "C4'"  C N R 7   
A   "O4'"  O N N 8   
A   "C3'"  C N S 9   
A   "O3'"  O N N 10  
A   "C2'"  C N R 11  
A   "O2'"  O N N 12  
A   "C1'"  C N R 13  
A   N9     N Y N 14  
A   C8     C Y N 15  
A   N7     N Y N 16  
A   C5     C Y N 17  
A   C6     C Y N 18  
A   N6     N N N 19  
A   N1     N Y N 20  
A   C2     C Y N 21  
A   N3     N Y N 22  
A   C4     C Y N 23  
A   HOP3   H N N 24  
A   HOP2   H N N 25  
A   "H5'"  H N N 26  
A   "H5''" H N N 27  
A   "H4'"  H N N 28  
A   "H3'"  H N N 29  
A   "HO3'" H N N 30  
A   "H2'"  H N N 31  
A   "HO2'" H N N 32  
A   "H1'"  H N N 33  
A   H8     H N N 34  
A   H61    H N N 35  
A   H62    H N N 36  
A   H2     H N N 37  
C   OP3    O N N 38  
C   P      P N N 39  
C   OP1    O N N 40  
C   OP2    O N N 41  
C   "O5'"  O N N 42  
C   "C5'"  C N N 43  
C   "C4'"  C N R 44  
C   "O4'"  O N N 45  
C   "C3'"  C N S 46  
C   "O3'"  O N N 47  
C   "C2'"  C N R 48  
C   "O2'"  O N N 49  
C   "C1'"  C N R 50  
C   N1     N N N 51  
C   C2     C N N 52  
C   O2     O N N 53  
C   N3     N N N 54  
C   C4     C N N 55  
C   N4     N N N 56  
C   C5     C N N 57  
C   C6     C N N 58  
C   HOP3   H N N 59  
C   HOP2   H N N 60  
C   "H5'"  H N N 61  
C   "H5''" H N N 62  
C   "H4'"  H N N 63  
C   "H3'"  H N N 64  
C   "HO3'" H N N 65  
C   "H2'"  H N N 66  
C   "HO2'" H N N 67  
C   "H1'"  H N N 68  
C   H41    H N N 69  
C   H42    H N N 70  
C   H5     H N N 71  
C   H6     H N N 72  
CFL O3P    O N N 73  
CFL P      P N N 74  
CFL O1P    O N N 75  
CFL O2P    O N N 76  
CFL "O5'"  O N N 77  
CFL "C5'"  C N N 78  
CFL "C4'"  C N R 79  
CFL "O4'"  O N N 80  
CFL "C3'"  C N R 81  
CFL "O3'"  O N N 82  
CFL "C2'"  C N S 83  
CFL "C1'"  C N R 84  
CFL N1     N N N 85  
CFL C2     C N N 86  
CFL O2     O N N 87  
CFL N3     N N N 88  
CFL C4     C N N 89  
CFL N4     N N N 90  
CFL C5     C N N 91  
CFL C6     C N N 92  
CFL F      F N N 93  
CFL HO3P   H N N 94  
CFL HO1P   H N N 95  
CFL "H5'1" H N N 96  
CFL "H5'2" H N N 97  
CFL "H4'"  H N N 98  
CFL "H3'"  H N N 99  
CFL "HO3'" H N N 100 
CFL "H2'"  H N N 101 
CFL "H1'"  H N N 102 
CFL HN41   H N N 103 
CFL HN42   H N N 104 
CFL H5     H N N 105 
CFL H6     H N N 106 
DC  OP3    O N N 107 
DC  P      P N N 108 
DC  OP1    O N N 109 
DC  OP2    O N N 110 
DC  "O5'"  O N N 111 
DC  "C5'"  C N N 112 
DC  "C4'"  C N R 113 
DC  "O4'"  O N N 114 
DC  "C3'"  C N S 115 
DC  "O3'"  O N N 116 
DC  "C2'"  C N N 117 
DC  "C1'"  C N R 118 
DC  N1     N N N 119 
DC  C2     C N N 120 
DC  O2     O N N 121 
DC  N3     N N N 122 
DC  C4     C N N 123 
DC  N4     N N N 124 
DC  C5     C N N 125 
DC  C6     C N N 126 
DC  HOP3   H N N 127 
DC  HOP2   H N N 128 
DC  "H5'"  H N N 129 
DC  "H5''" H N N 130 
DC  "H4'"  H N N 131 
DC  "H3'"  H N N 132 
DC  "HO3'" H N N 133 
DC  "H2'"  H N N 134 
DC  "H2''" H N N 135 
DC  "H1'"  H N N 136 
DC  H41    H N N 137 
DC  H42    H N N 138 
DC  H5     H N N 139 
DC  H6     H N N 140 
DG  OP3    O N N 141 
DG  P      P N N 142 
DG  OP1    O N N 143 
DG  OP2    O N N 144 
DG  "O5'"  O N N 145 
DG  "C5'"  C N N 146 
DG  "C4'"  C N R 147 
DG  "O4'"  O N N 148 
DG  "C3'"  C N S 149 
DG  "O3'"  O N N 150 
DG  "C2'"  C N N 151 
DG  "C1'"  C N R 152 
DG  N9     N Y N 153 
DG  C8     C Y N 154 
DG  N7     N Y N 155 
DG  C5     C Y N 156 
DG  C6     C N N 157 
DG  O6     O N N 158 
DG  N1     N N N 159 
DG  C2     C N N 160 
DG  N2     N N N 161 
DG  N3     N N N 162 
DG  C4     C Y N 163 
DG  HOP3   H N N 164 
DG  HOP2   H N N 165 
DG  "H5'"  H N N 166 
DG  "H5''" H N N 167 
DG  "H4'"  H N N 168 
DG  "H3'"  H N N 169 
DG  "HO3'" H N N 170 
DG  "H2'"  H N N 171 
DG  "H2''" H N N 172 
DG  "H1'"  H N N 173 
DG  H8     H N N 174 
DG  H1     H N N 175 
DG  H21    H N N 176 
DG  H22    H N N 177 
DT  OP3    O N N 178 
DT  P      P N N 179 
DT  OP1    O N N 180 
DT  OP2    O N N 181 
DT  "O5'"  O N N 182 
DT  "C5'"  C N N 183 
DT  "C4'"  C N R 184 
DT  "O4'"  O N N 185 
DT  "C3'"  C N S 186 
DT  "O3'"  O N N 187 
DT  "C2'"  C N N 188 
DT  "C1'"  C N R 189 
DT  N1     N N N 190 
DT  C2     C N N 191 
DT  O2     O N N 192 
DT  N3     N N N 193 
DT  C4     C N N 194 
DT  O4     O N N 195 
DT  C5     C N N 196 
DT  C7     C N N 197 
DT  C6     C N N 198 
DT  HOP3   H N N 199 
DT  HOP2   H N N 200 
DT  "H5'"  H N N 201 
DT  "H5''" H N N 202 
DT  "H4'"  H N N 203 
DT  "H3'"  H N N 204 
DT  "HO3'" H N N 205 
DT  "H2'"  H N N 206 
DT  "H2''" H N N 207 
DT  "H1'"  H N N 208 
DT  H3     H N N 209 
DT  H71    H N N 210 
DT  H72    H N N 211 
DT  H73    H N N 212 
DT  H6     H N N 213 
G   OP3    O N N 214 
G   P      P N N 215 
G   OP1    O N N 216 
G   OP2    O N N 217 
G   "O5'"  O N N 218 
G   "C5'"  C N N 219 
G   "C4'"  C N R 220 
G   "O4'"  O N N 221 
G   "C3'"  C N S 222 
G   "O3'"  O N N 223 
G   "C2'"  C N R 224 
G   "O2'"  O N N 225 
G   "C1'"  C N R 226 
G   N9     N Y N 227 
G   C8     C Y N 228 
G   N7     N Y N 229 
G   C5     C Y N 230 
G   C6     C N N 231 
G   O6     O N N 232 
G   N1     N N N 233 
G   C2     C N N 234 
G   N2     N N N 235 
G   N3     N N N 236 
G   C4     C Y N 237 
G   HOP3   H N N 238 
G   HOP2   H N N 239 
G   "H5'"  H N N 240 
G   "H5''" H N N 241 
G   "H4'"  H N N 242 
G   "H3'"  H N N 243 
G   "HO3'" H N N 244 
G   "H2'"  H N N 245 
G   "HO2'" H N N 246 
G   "H1'"  H N N 247 
G   H8     H N N 248 
G   H1     H N N 249 
G   H21    H N N 250 
G   H22    H N N 251 
GFL O3P    O N N 252 
GFL P      P N N 253 
GFL O1P    O N N 254 
GFL O2P    O N N 255 
GFL "O5'"  O N N 256 
GFL "C5'"  C N N 257 
GFL "C4'"  C N R 258 
GFL "O4'"  O N N 259 
GFL "C3'"  C N R 260 
GFL "O3'"  O N N 261 
GFL "C2'"  C N S 262 
GFL "C1'"  C N R 263 
GFL N9     N Y N 264 
GFL C8     C Y N 265 
GFL N7     N Y N 266 
GFL C5     C Y N 267 
GFL C6     C N N 268 
GFL O6     O N N 269 
GFL N1     N N N 270 
GFL C2     C N N 271 
GFL N2     N N N 272 
GFL N3     N N N 273 
GFL C4     C Y N 274 
GFL F      F N N 275 
GFL HO3P   H N N 276 
GFL HO2P   H N N 277 
GFL "H5'1" H N N 278 
GFL "H5'2" H N N 279 
GFL "H4'"  H N N 280 
GFL "H3'"  H N N 281 
GFL "HO3'" H N N 282 
GFL "H2'"  H N N 283 
GFL "H1'"  H N N 284 
GFL H8     H N N 285 
GFL HN1    H N N 286 
GFL HN21   H N N 287 
GFL HN22   H N N 288 
TAF P      P N N 289 
TAF OP1    O N N 290 
TAF OP2    O N N 291 
TAF OP3    O N N 292 
TAF "O5'"  O N N 293 
TAF N1     N N N 294 
TAF C6     C N N 295 
TAF C2     C N N 296 
TAF O2     O N N 297 
TAF N3     N N N 298 
TAF C4     C N N 299 
TAF O4     O N N 300 
TAF C5     C N N 301 
TAF C5M    C N N 302 
TAF "F2'"  F N N 303 
TAF "C2'"  C N S 304 
TAF "C5'"  C N N 305 
TAF "C4'"  C N R 306 
TAF "O4'"  O N N 307 
TAF "C1'"  C N R 308 
TAF "C3'"  C N R 309 
TAF "O3'"  O N N 310 
TAF HOP1   H N N 311 
TAF HOP2   H N N 312 
TAF H6     H N N 313 
TAF H3     H N N 314 
TAF H71    H N N 315 
TAF H72    H N N 316 
TAF H73    H N N 317 
TAF "H2'"  H N N 318 
TAF "H5'"  H N N 319 
TAF "H5''" H N N 320 
TAF "H4'"  H N N 321 
TAF "H1'"  H N N 322 
TAF "H3'"  H N N 323 
TAF "HO'3" H N N 324 
# 
loop_
_chem_comp_bond.comp_id 
_chem_comp_bond.atom_id_1 
_chem_comp_bond.atom_id_2 
_chem_comp_bond.value_order 
_chem_comp_bond.pdbx_aromatic_flag 
_chem_comp_bond.pdbx_stereo_config 
_chem_comp_bond.pdbx_ordinal 
A   OP3   P      sing N N 1   
A   OP3   HOP3   sing N N 2   
A   P     OP1    doub N N 3   
A   P     OP2    sing N N 4   
A   P     "O5'"  sing N N 5   
A   OP2   HOP2   sing N N 6   
A   "O5'" "C5'"  sing N N 7   
A   "C5'" "C4'"  sing N N 8   
A   "C5'" "H5'"  sing N N 9   
A   "C5'" "H5''" sing N N 10  
A   "C4'" "O4'"  sing N N 11  
A   "C4'" "C3'"  sing N N 12  
A   "C4'" "H4'"  sing N N 13  
A   "O4'" "C1'"  sing N N 14  
A   "C3'" "O3'"  sing N N 15  
A   "C3'" "C2'"  sing N N 16  
A   "C3'" "H3'"  sing N N 17  
A   "O3'" "HO3'" sing N N 18  
A   "C2'" "O2'"  sing N N 19  
A   "C2'" "C1'"  sing N N 20  
A   "C2'" "H2'"  sing N N 21  
A   "O2'" "HO2'" sing N N 22  
A   "C1'" N9     sing N N 23  
A   "C1'" "H1'"  sing N N 24  
A   N9    C8     sing Y N 25  
A   N9    C4     sing Y N 26  
A   C8    N7     doub Y N 27  
A   C8    H8     sing N N 28  
A   N7    C5     sing Y N 29  
A   C5    C6     sing Y N 30  
A   C5    C4     doub Y N 31  
A   C6    N6     sing N N 32  
A   C6    N1     doub Y N 33  
A   N6    H61    sing N N 34  
A   N6    H62    sing N N 35  
A   N1    C2     sing Y N 36  
A   C2    N3     doub Y N 37  
A   C2    H2     sing N N 38  
A   N3    C4     sing Y N 39  
C   OP3   P      sing N N 40  
C   OP3   HOP3   sing N N 41  
C   P     OP1    doub N N 42  
C   P     OP2    sing N N 43  
C   P     "O5'"  sing N N 44  
C   OP2   HOP2   sing N N 45  
C   "O5'" "C5'"  sing N N 46  
C   "C5'" "C4'"  sing N N 47  
C   "C5'" "H5'"  sing N N 48  
C   "C5'" "H5''" sing N N 49  
C   "C4'" "O4'"  sing N N 50  
C   "C4'" "C3'"  sing N N 51  
C   "C4'" "H4'"  sing N N 52  
C   "O4'" "C1'"  sing N N 53  
C   "C3'" "O3'"  sing N N 54  
C   "C3'" "C2'"  sing N N 55  
C   "C3'" "H3'"  sing N N 56  
C   "O3'" "HO3'" sing N N 57  
C   "C2'" "O2'"  sing N N 58  
C   "C2'" "C1'"  sing N N 59  
C   "C2'" "H2'"  sing N N 60  
C   "O2'" "HO2'" sing N N 61  
C   "C1'" N1     sing N N 62  
C   "C1'" "H1'"  sing N N 63  
C   N1    C2     sing N N 64  
C   N1    C6     sing N N 65  
C   C2    O2     doub N N 66  
C   C2    N3     sing N N 67  
C   N3    C4     doub N N 68  
C   C4    N4     sing N N 69  
C   C4    C5     sing N N 70  
C   N4    H41    sing N N 71  
C   N4    H42    sing N N 72  
C   C5    C6     doub N N 73  
C   C5    H5     sing N N 74  
C   C6    H6     sing N N 75  
CFL O3P   P      sing N N 76  
CFL O3P   HO3P   sing N N 77  
CFL P     O1P    sing N N 78  
CFL P     O2P    doub N N 79  
CFL P     "O5'"  sing N N 80  
CFL O1P   HO1P   sing N N 81  
CFL "O5'" "C5'"  sing N N 82  
CFL "C5'" "C4'"  sing N N 83  
CFL "C5'" "H5'1" sing N N 84  
CFL "C5'" "H5'2" sing N N 85  
CFL "C4'" "O4'"  sing N N 86  
CFL "C4'" "C3'"  sing N N 87  
CFL "C4'" "H4'"  sing N N 88  
CFL "O4'" "C1'"  sing N N 89  
CFL "C3'" "O3'"  sing N N 90  
CFL "C3'" "C2'"  sing N N 91  
CFL "C3'" "H3'"  sing N N 92  
CFL "O3'" "HO3'" sing N N 93  
CFL "C2'" "C1'"  sing N N 94  
CFL "C2'" F      sing N N 95  
CFL "C2'" "H2'"  sing N N 96  
CFL "C1'" N1     sing N N 97  
CFL "C1'" "H1'"  sing N N 98  
CFL N1    C2     sing N N 99  
CFL N1    C6     sing N N 100 
CFL C2    O2     doub N N 101 
CFL C2    N3     sing N N 102 
CFL N3    C4     doub N N 103 
CFL C4    N4     sing N N 104 
CFL C4    C5     sing N N 105 
CFL N4    HN41   sing N N 106 
CFL N4    HN42   sing N N 107 
CFL C5    C6     doub N N 108 
CFL C5    H5     sing N N 109 
CFL C6    H6     sing N N 110 
DC  OP3   P      sing N N 111 
DC  OP3   HOP3   sing N N 112 
DC  P     OP1    doub N N 113 
DC  P     OP2    sing N N 114 
DC  P     "O5'"  sing N N 115 
DC  OP2   HOP2   sing N N 116 
DC  "O5'" "C5'"  sing N N 117 
DC  "C5'" "C4'"  sing N N 118 
DC  "C5'" "H5'"  sing N N 119 
DC  "C5'" "H5''" sing N N 120 
DC  "C4'" "O4'"  sing N N 121 
DC  "C4'" "C3'"  sing N N 122 
DC  "C4'" "H4'"  sing N N 123 
DC  "O4'" "C1'"  sing N N 124 
DC  "C3'" "O3'"  sing N N 125 
DC  "C3'" "C2'"  sing N N 126 
DC  "C3'" "H3'"  sing N N 127 
DC  "O3'" "HO3'" sing N N 128 
DC  "C2'" "C1'"  sing N N 129 
DC  "C2'" "H2'"  sing N N 130 
DC  "C2'" "H2''" sing N N 131 
DC  "C1'" N1     sing N N 132 
DC  "C1'" "H1'"  sing N N 133 
DC  N1    C2     sing N N 134 
DC  N1    C6     sing N N 135 
DC  C2    O2     doub N N 136 
DC  C2    N3     sing N N 137 
DC  N3    C4     doub N N 138 
DC  C4    N4     sing N N 139 
DC  C4    C5     sing N N 140 
DC  N4    H41    sing N N 141 
DC  N4    H42    sing N N 142 
DC  C5    C6     doub N N 143 
DC  C5    H5     sing N N 144 
DC  C6    H6     sing N N 145 
DG  OP3   P      sing N N 146 
DG  OP3   HOP3   sing N N 147 
DG  P     OP1    doub N N 148 
DG  P     OP2    sing N N 149 
DG  P     "O5'"  sing N N 150 
DG  OP2   HOP2   sing N N 151 
DG  "O5'" "C5'"  sing N N 152 
DG  "C5'" "C4'"  sing N N 153 
DG  "C5'" "H5'"  sing N N 154 
DG  "C5'" "H5''" sing N N 155 
DG  "C4'" "O4'"  sing N N 156 
DG  "C4'" "C3'"  sing N N 157 
DG  "C4'" "H4'"  sing N N 158 
DG  "O4'" "C1'"  sing N N 159 
DG  "C3'" "O3'"  sing N N 160 
DG  "C3'" "C2'"  sing N N 161 
DG  "C3'" "H3'"  sing N N 162 
DG  "O3'" "HO3'" sing N N 163 
DG  "C2'" "C1'"  sing N N 164 
DG  "C2'" "H2'"  sing N N 165 
DG  "C2'" "H2''" sing N N 166 
DG  "C1'" N9     sing N N 167 
DG  "C1'" "H1'"  sing N N 168 
DG  N9    C8     sing Y N 169 
DG  N9    C4     sing Y N 170 
DG  C8    N7     doub Y N 171 
DG  C8    H8     sing N N 172 
DG  N7    C5     sing Y N 173 
DG  C5    C6     sing N N 174 
DG  C5    C4     doub Y N 175 
DG  C6    O6     doub N N 176 
DG  C6    N1     sing N N 177 
DG  N1    C2     sing N N 178 
DG  N1    H1     sing N N 179 
DG  C2    N2     sing N N 180 
DG  C2    N3     doub N N 181 
DG  N2    H21    sing N N 182 
DG  N2    H22    sing N N 183 
DG  N3    C4     sing N N 184 
DT  OP3   P      sing N N 185 
DT  OP3   HOP3   sing N N 186 
DT  P     OP1    doub N N 187 
DT  P     OP2    sing N N 188 
DT  P     "O5'"  sing N N 189 
DT  OP2   HOP2   sing N N 190 
DT  "O5'" "C5'"  sing N N 191 
DT  "C5'" "C4'"  sing N N 192 
DT  "C5'" "H5'"  sing N N 193 
DT  "C5'" "H5''" sing N N 194 
DT  "C4'" "O4'"  sing N N 195 
DT  "C4'" "C3'"  sing N N 196 
DT  "C4'" "H4'"  sing N N 197 
DT  "O4'" "C1'"  sing N N 198 
DT  "C3'" "O3'"  sing N N 199 
DT  "C3'" "C2'"  sing N N 200 
DT  "C3'" "H3'"  sing N N 201 
DT  "O3'" "HO3'" sing N N 202 
DT  "C2'" "C1'"  sing N N 203 
DT  "C2'" "H2'"  sing N N 204 
DT  "C2'" "H2''" sing N N 205 
DT  "C1'" N1     sing N N 206 
DT  "C1'" "H1'"  sing N N 207 
DT  N1    C2     sing N N 208 
DT  N1    C6     sing N N 209 
DT  C2    O2     doub N N 210 
DT  C2    N3     sing N N 211 
DT  N3    C4     sing N N 212 
DT  N3    H3     sing N N 213 
DT  C4    O4     doub N N 214 
DT  C4    C5     sing N N 215 
DT  C5    C7     sing N N 216 
DT  C5    C6     doub N N 217 
DT  C7    H71    sing N N 218 
DT  C7    H72    sing N N 219 
DT  C7    H73    sing N N 220 
DT  C6    H6     sing N N 221 
G   OP3   P      sing N N 222 
G   OP3   HOP3   sing N N 223 
G   P     OP1    doub N N 224 
G   P     OP2    sing N N 225 
G   P     "O5'"  sing N N 226 
G   OP2   HOP2   sing N N 227 
G   "O5'" "C5'"  sing N N 228 
G   "C5'" "C4'"  sing N N 229 
G   "C5'" "H5'"  sing N N 230 
G   "C5'" "H5''" sing N N 231 
G   "C4'" "O4'"  sing N N 232 
G   "C4'" "C3'"  sing N N 233 
G   "C4'" "H4'"  sing N N 234 
G   "O4'" "C1'"  sing N N 235 
G   "C3'" "O3'"  sing N N 236 
G   "C3'" "C2'"  sing N N 237 
G   "C3'" "H3'"  sing N N 238 
G   "O3'" "HO3'" sing N N 239 
G   "C2'" "O2'"  sing N N 240 
G   "C2'" "C1'"  sing N N 241 
G   "C2'" "H2'"  sing N N 242 
G   "O2'" "HO2'" sing N N 243 
G   "C1'" N9     sing N N 244 
G   "C1'" "H1'"  sing N N 245 
G   N9    C8     sing Y N 246 
G   N9    C4     sing Y N 247 
G   C8    N7     doub Y N 248 
G   C8    H8     sing N N 249 
G   N7    C5     sing Y N 250 
G   C5    C6     sing N N 251 
G   C5    C4     doub Y N 252 
G   C6    O6     doub N N 253 
G   C6    N1     sing N N 254 
G   N1    C2     sing N N 255 
G   N1    H1     sing N N 256 
G   C2    N2     sing N N 257 
G   C2    N3     doub N N 258 
G   N2    H21    sing N N 259 
G   N2    H22    sing N N 260 
G   N3    C4     sing N N 261 
GFL O3P   P      sing N N 262 
GFL O3P   HO3P   sing N N 263 
GFL P     O1P    doub N N 264 
GFL P     O2P    sing N N 265 
GFL P     "O5'"  sing N N 266 
GFL O2P   HO2P   sing N N 267 
GFL "O5'" "C5'"  sing N N 268 
GFL "C5'" "C4'"  sing N N 269 
GFL "C5'" "H5'1" sing N N 270 
GFL "C5'" "H5'2" sing N N 271 
GFL "C4'" "O4'"  sing N N 272 
GFL "C4'" "C3'"  sing N N 273 
GFL "C4'" "H4'"  sing N N 274 
GFL "O4'" "C1'"  sing N N 275 
GFL "C3'" "O3'"  sing N N 276 
GFL "C3'" "C2'"  sing N N 277 
GFL "C3'" "H3'"  sing N N 278 
GFL "O3'" "HO3'" sing N N 279 
GFL "C2'" "C1'"  sing N N 280 
GFL "C2'" F      sing N N 281 
GFL "C2'" "H2'"  sing N N 282 
GFL "C1'" N9     sing N N 283 
GFL "C1'" "H1'"  sing N N 284 
GFL N9    C8     sing Y N 285 
GFL N9    C4     sing Y N 286 
GFL C8    N7     doub Y N 287 
GFL C8    H8     sing N N 288 
GFL N7    C5     sing Y N 289 
GFL C5    C6     sing N N 290 
GFL C5    C4     doub Y N 291 
GFL C6    O6     doub N N 292 
GFL C6    N1     sing N N 293 
GFL N1    C2     sing N N 294 
GFL N1    HN1    sing N N 295 
GFL C2    N2     sing N N 296 
GFL C2    N3     doub N N 297 
GFL N2    HN21   sing N N 298 
GFL N2    HN22   sing N N 299 
GFL N3    C4     sing N N 300 
TAF P     OP1    sing N N 301 
TAF P     OP2    sing N N 302 
TAF P     OP3    doub N N 303 
TAF P     "O5'"  sing N N 304 
TAF OP1   HOP1   sing N N 305 
TAF OP2   HOP2   sing N N 306 
TAF "O5'" "C5'"  sing N N 307 
TAF N1    C6     sing N N 308 
TAF N1    C2     sing N N 309 
TAF N1    "C1'"  sing N N 310 
TAF C6    C5     doub N N 311 
TAF C6    H6     sing N N 312 
TAF C2    O2     doub N N 313 
TAF C2    N3     sing N N 314 
TAF N3    C4     sing N N 315 
TAF N3    H3     sing N N 316 
TAF C4    O4     doub N N 317 
TAF C4    C5     sing N N 318 
TAF C5    C5M    sing N N 319 
TAF C5M   H71    sing N N 320 
TAF C5M   H72    sing N N 321 
TAF C5M   H73    sing N N 322 
TAF "F2'" "C2'"  sing N N 323 
TAF "C2'" "C1'"  sing N N 324 
TAF "C2'" "C3'"  sing N N 325 
TAF "C2'" "H2'"  sing N N 326 
TAF "C5'" "C4'"  sing N N 327 
TAF "C5'" "H5'"  sing N N 328 
TAF "C5'" "H5''" sing N N 329 
TAF "C4'" "O4'"  sing N N 330 
TAF "C4'" "C3'"  sing N N 331 
TAF "C4'" "H4'"  sing N N 332 
TAF "O4'" "C1'"  sing N N 333 
TAF "C1'" "H1'"  sing N N 334 
TAF "C3'" "O3'"  sing N N 335 
TAF "C3'" "H3'"  sing N N 336 
TAF "O3'" "HO'3" sing N N 337 
# 
loop_
_ndb_struct_conf_na.entry_id 
_ndb_struct_conf_na.feature 
1FC8 'double helix' 
1FC8 'hairpin loop' 
# 
loop_
_ndb_struct_na_base_pair.model_number 
_ndb_struct_na_base_pair.i_label_asym_id 
_ndb_struct_na_base_pair.i_label_comp_id 
_ndb_struct_na_base_pair.i_label_seq_id 
_ndb_struct_na_base_pair.i_symmetry 
_ndb_struct_na_base_pair.j_label_asym_id 
_ndb_struct_na_base_pair.j_label_comp_id 
_ndb_struct_na_base_pair.j_label_seq_id 
_ndb_struct_na_base_pair.j_symmetry 
_ndb_struct_na_base_pair.shear 
_ndb_struct_na_base_pair.stretch 
_ndb_struct_na_base_pair.stagger 
_ndb_struct_na_base_pair.buckle 
_ndb_struct_na_base_pair.propeller 
_ndb_struct_na_base_pair.opening 
_ndb_struct_na_base_pair.pair_number 
_ndb_struct_na_base_pair.pair_name 
_ndb_struct_na_base_pair.i_auth_asym_id 
_ndb_struct_na_base_pair.i_auth_seq_id 
_ndb_struct_na_base_pair.i_PDB_ins_code 
_ndb_struct_na_base_pair.j_auth_asym_id 
_ndb_struct_na_base_pair.j_auth_seq_id 
_ndb_struct_na_base_pair.j_PDB_ins_code 
_ndb_struct_na_base_pair.hbond_type_28 
_ndb_struct_na_base_pair.hbond_type_12 
1 A G 1 1_555 A CFL 12 1_555 -0.396 -0.303 0.080  -4.075 -4.793 -1.939 1 A_G1:CFL12_A A 1 ? A 12 ? 19 1 
1 A G 2 1_555 A CFL 11 1_555 -1.075 -0.507 -0.446 1.420  -9.232 3.196  2 A_G2:CFL11_A A 2 ? A 11 ? 19 1 
1 A A 3 1_555 A TAF 10 1_555 -0.051 -0.320 -0.723 10.512 -2.561 3.408  3 A_A3:TAF10_A A 3 ? A 10 ? 20 1 
1 A C 4 1_555 A GFL 9  1_555 0.717  -0.254 -0.343 14.008 0.533  3.096  4 A_C4:GFL9_A  A 4 ? A 9  ? 19 1 
# 
loop_
_ndb_struct_na_base_pair_step.model_number 
_ndb_struct_na_base_pair_step.i_label_asym_id_1 
_ndb_struct_na_base_pair_step.i_label_comp_id_1 
_ndb_struct_na_base_pair_step.i_label_seq_id_1 
_ndb_struct_na_base_pair_step.i_symmetry_1 
_ndb_struct_na_base_pair_step.j_label_asym_id_1 
_ndb_struct_na_base_pair_step.j_label_comp_id_1 
_ndb_struct_na_base_pair_step.j_label_seq_id_1 
_ndb_struct_na_base_pair_step.j_symmetry_1 
_ndb_struct_na_base_pair_step.i_label_asym_id_2 
_ndb_struct_na_base_pair_step.i_label_comp_id_2 
_ndb_struct_na_base_pair_step.i_label_seq_id_2 
_ndb_struct_na_base_pair_step.i_symmetry_2 
_ndb_struct_na_base_pair_step.j_label_asym_id_2 
_ndb_struct_na_base_pair_step.j_label_comp_id_2 
_ndb_struct_na_base_pair_step.j_label_seq_id_2 
_ndb_struct_na_base_pair_step.j_symmetry_2 
_ndb_struct_na_base_pair_step.shift 
_ndb_struct_na_base_pair_step.slide 
_ndb_struct_na_base_pair_step.rise 
_ndb_struct_na_base_pair_step.tilt 
_ndb_struct_na_base_pair_step.roll 
_ndb_struct_na_base_pair_step.twist 
_ndb_struct_na_base_pair_step.x_displacement 
_ndb_struct_na_base_pair_step.y_displacement 
_ndb_struct_na_base_pair_step.helical_rise 
_ndb_struct_na_base_pair_step.inclination 
_ndb_struct_na_base_pair_step.tip 
_ndb_struct_na_base_pair_step.helical_twist 
_ndb_struct_na_base_pair_step.step_number 
_ndb_struct_na_base_pair_step.step_name 
_ndb_struct_na_base_pair_step.i_auth_asym_id_1 
_ndb_struct_na_base_pair_step.i_auth_seq_id_1 
_ndb_struct_na_base_pair_step.i_PDB_ins_code_1 
_ndb_struct_na_base_pair_step.j_auth_asym_id_1 
_ndb_struct_na_base_pair_step.j_auth_seq_id_1 
_ndb_struct_na_base_pair_step.j_PDB_ins_code_1 
_ndb_struct_na_base_pair_step.i_auth_asym_id_2 
_ndb_struct_na_base_pair_step.i_auth_seq_id_2 
_ndb_struct_na_base_pair_step.i_PDB_ins_code_2 
_ndb_struct_na_base_pair_step.j_auth_asym_id_2 
_ndb_struct_na_base_pair_step.j_auth_seq_id_2 
_ndb_struct_na_base_pair_step.j_PDB_ins_code_2 
1 A G 1 1_555 A CFL 12 1_555 A G 2 1_555 A CFL 11 1_555 0.592 -1.230 3.480 4.064  -2.066 32.379 -1.797 -0.288 3.595 -3.683 -7.243 
32.689 1 AA_G1G2:CFL11CFL12_AA A 1 ? A 12 ? A 2 ? A 11 ? 
1 A G 2 1_555 A CFL 11 1_555 A A 3 1_555 A TAF 10 1_555 0.764 -0.733 3.147 -0.796 8.650  36.849 -2.172 -1.275 2.891 13.456 1.239  
37.824 2 AA_G2A3:TAF10CFL11_AA A 2 ? A 11 ? A 3 ? A 10 ? 
1 A A 3 1_555 A TAF 10 1_555 A C 4 1_555 A GFL 9  1_555 0.800 -1.741 3.546 -0.908 3.661  33.430 -3.638 -1.539 3.320 6.339  1.572  
33.636 3 AA_A3C4:GFL9TAF10_AA  A 3 ? A 10 ? A 4 ? A 9  ? 
# 
loop_
_pdbx_nmr_spectrometer.spectrometer_id 
_pdbx_nmr_spectrometer.model 
_pdbx_nmr_spectrometer.manufacturer 
_pdbx_nmr_spectrometer.field_strength 
_pdbx_nmr_spectrometer.type 
1 DRX       Bruker 500 ? 
2 DMX       Bruker 400 ? 
3 UNITYPLUS Varian 750 ? 
# 
_atom_sites.entry_id                    1FC8 
_atom_sites.fract_transf_matrix[1][1]   1.000000 
_atom_sites.fract_transf_matrix[1][2]   0.000000 
_atom_sites.fract_transf_matrix[1][3]   0.000000 
_atom_sites.fract_transf_matrix[2][1]   0.000000 
_atom_sites.fract_transf_matrix[2][2]   1.000000 
_atom_sites.fract_transf_matrix[2][3]   0.000000 
_atom_sites.fract_transf_matrix[3][1]   0.000000 
_atom_sites.fract_transf_matrix[3][2]   0.000000 
_atom_sites.fract_transf_matrix[3][3]   1.000000 
_atom_sites.fract_transf_vector[1]      0.00000 
_atom_sites.fract_transf_vector[2]      0.00000 
_atom_sites.fract_transf_vector[3]      0.00000 
# 
loop_
_atom_type.symbol 
C 
F 
H 
N 
O 
P 
# 
loop_
_atom_site.group_PDB 
_atom_site.id 
_atom_site.type_symbol 
_atom_site.label_atom_id 
_atom_site.label_alt_id 
_atom_site.label_comp_id 
_atom_site.label_asym_id 
_atom_site.label_entity_id 
_atom_site.label_seq_id 
_atom_site.pdbx_PDB_ins_code 
_atom_site.Cartn_x 
_atom_site.Cartn_y 
_atom_site.Cartn_z 
_atom_site.occupancy 
_atom_site.B_iso_or_equiv 
_atom_site.pdbx_formal_charge 
_atom_site.auth_seq_id 
_atom_site.auth_comp_id 
_atom_site.auth_asym_id 
_atom_site.auth_atom_id 
_atom_site.pdbx_PDB_model_num 
ATOM   1    O "O5'"  . G   A 1 1  ? -10.817 8.089  0.187   1.00 0.00 ? 1  G   A "O5'"  1 
ATOM   2    C "C5'"  . G   A 1 1  ? -10.421 8.259  -1.186  1.00 0.00 ? 1  G   A "C5'"  1 
ATOM   3    C "C4'"  . G   A 1 1  ? -11.015 7.200  -2.103  1.00 0.00 ? 1  G   A "C4'"  1 
ATOM   4    O "O4'"  . G   A 1 1  ? -10.632 7.392  -3.484  1.00 0.00 ? 1  G   A "O4'"  1 
ATOM   5    C "C3'"  . G   A 1 1  ? -10.538 5.820  -1.725  1.00 0.00 ? 1  G   A "C3'"  1 
ATOM   6    O "O3'"  . G   A 1 1  ? -11.354 5.239  -0.698  1.00 0.00 ? 1  G   A "O3'"  1 
ATOM   7    C "C2'"  . G   A 1 1  ? -10.604 5.049  -3.008  1.00 0.00 ? 1  G   A "C2'"  1 
ATOM   8    O "O2'"  . G   A 1 1  ? -11.889 4.434  -3.181  1.00 0.00 ? 1  G   A "O2'"  1 
ATOM   9    C "C1'"  . G   A 1 1  ? -10.355 6.091  -4.080  1.00 0.00 ? 1  G   A "C1'"  1 
ATOM   10   N N9     . G   A 1 1  ? -8.960  6.019  -4.546  1.00 0.00 ? 1  G   A N9     1 
ATOM   11   C C8     . G   A 1 1  ? -7.950  6.896  -4.363  1.00 0.00 ? 1  G   A C8     1 
ATOM   12   N N7     . G   A 1 1  ? -6.803  6.604  -4.870  1.00 0.00 ? 1  G   A N7     1 
ATOM   13   C C5     . G   A 1 1  ? -7.066  5.369  -5.473  1.00 0.00 ? 1  G   A C5     1 
ATOM   14   C C6     . G   A 1 1  ? -6.207  4.509  -6.205  1.00 0.00 ? 1  G   A C6     1 
ATOM   15   O O6     . G   A 1 1  ? -5.023  4.663  -6.478  1.00 0.00 ? 1  G   A O6     1 
ATOM   16   N N1     . G   A 1 1  ? -6.872  3.374  -6.631  1.00 0.00 ? 1  G   A N1     1 
ATOM   17   C C2     . G   A 1 1  ? -8.193  3.089  -6.391  1.00 0.00 ? 1  G   A C2     1 
ATOM   18   N N2     . G   A 1 1  ? -8.644  1.947  -6.883  1.00 0.00 ? 1  G   A N2     1 
ATOM   19   N N3     . G   A 1 1  ? -9.011  3.885  -5.708  1.00 0.00 ? 1  G   A N3     1 
ATOM   20   C C4     . G   A 1 1  ? -8.388  5.004  -5.278  1.00 0.00 ? 1  G   A C4     1 
ATOM   21   H "H5'"  . G   A 1 1  ? -9.355  8.164  -1.265  1.00 0.00 ? 1  G   A "H5'"  1 
ATOM   22   H "H5''" . G   A 1 1  ? -10.735 9.269  -1.512  1.00 0.00 ? 1  G   A "H5''" 1 
ATOM   23   H "H4'"  . G   A 1 1  ? -12.101 7.234  -2.033  1.00 0.00 ? 1  G   A "H4'"  1 
ATOM   24   H "H3'"  . G   A 1 1  ? -9.491  5.882  -1.403  1.00 0.00 ? 1  G   A "H3'"  1 
ATOM   25   H "H2'"  . G   A 1 1  ? -9.815  4.296  -3.035  1.00 0.00 ? 1  G   A "H2'"  1 
ATOM   26   H "HO2'" . G   A 1 1  ? -11.933 3.695  -2.571  1.00 0.00 ? 1  G   A "HO2'" 1 
ATOM   27   H "H1'"  . G   A 1 1  ? -11.027 5.920  -4.918  1.00 0.00 ? 1  G   A "H1'"  1 
ATOM   28   H H8     . G   A 1 1  ? -8.100  7.811  -3.799  1.00 0.00 ? 1  G   A H8     1 
ATOM   29   H H1     . G   A 1 1  ? -6.322  2.717  -7.162  1.00 0.00 ? 1  G   A H1     1 
ATOM   30   H H21    . G   A 1 1  ? -8.022  1.338  -7.402  1.00 0.00 ? 1  G   A H21    1 
ATOM   31   H H22    . G   A 1 1  ? -9.605  1.685  -6.739  1.00 0.00 ? 1  G   A H22    1 
ATOM   32   H "HO5'" . G   A 1 1  ? -10.620 7.180  0.430   1.00 0.00 ? 1  G   A "HO5'" 1 
ATOM   33   P P      . G   A 1 2  ? -10.692 4.343  0.463   1.00 0.00 ? 2  G   A P      1 
ATOM   34   O OP1    . G   A 1 2  ? -11.715 4.109  1.505   1.00 0.00 ? 2  G   A OP1    1 
ATOM   35   O OP2    . G   A 1 2  ? -9.391  4.947  0.827   1.00 0.00 ? 2  G   A OP2    1 
ATOM   36   O "O5'"  . G   A 1 2  ? -10.416 2.953  -0.301  1.00 0.00 ? 2  G   A "O5'"  1 
ATOM   37   C "C5'"  . G   A 1 2  ? -11.525 2.141  -0.725  1.00 0.00 ? 2  G   A "C5'"  1 
ATOM   38   C "C4'"  . G   A 1 2  ? -11.141 1.072  -1.732  1.00 0.00 ? 2  G   A "C4'"  1 
ATOM   39   O "O4'"  . G   A 1 2  ? -10.483 1.619  -2.898  1.00 0.00 ? 2  G   A "O4'"  1 
ATOM   40   C "C3'"  . G   A 1 2  ? -10.183 0.073  -1.136  1.00 0.00 ? 2  G   A "C3'"  1 
ATOM   41   O "O3'"  . G   A 1 2  ? -10.882 -0.958 -0.425  1.00 0.00 ? 2  G   A "O3'"  1 
ATOM   42   C "C2'"  . G   A 1 2  ? -9.441  -0.457 -2.327  1.00 0.00 ? 2  G   A "C2'"  1 
ATOM   43   O "O2'"  . G   A 1 2  ? -10.117 -1.594 -2.883  1.00 0.00 ? 2  G   A "O2'"  1 
ATOM   44   C "C1'"  . G   A 1 2  ? -9.430  0.702  -3.311  1.00 0.00 ? 2  G   A "C1'"  1 
ATOM   45   N N9     . G   A 1 2  ? -8.111  1.372  -3.307  1.00 0.00 ? 2  G   A N9     1 
ATOM   46   C C8     . G   A 1 2  ? -7.693  2.449  -2.602  1.00 0.00 ? 2  G   A C8     1 
ATOM   47   N N7     . G   A 1 2  ? -6.473  2.837  -2.763  1.00 0.00 ? 2  G   A N7     1 
ATOM   48   C C5     . G   A 1 2  ? -5.999  1.908  -3.695  1.00 0.00 ? 2  G   A C5     1 
ATOM   49   C C6     . G   A 1 2  ? -4.714  1.782  -4.293  1.00 0.00 ? 2  G   A C6     1 
ATOM   50   O O6     . G   A 1 2  ? -3.716  2.479  -4.124  1.00 0.00 ? 2  G   A O6     1 
ATOM   51   N N1     . G   A 1 2  ? -4.667  0.713  -5.169  1.00 0.00 ? 2  G   A N1     1 
ATOM   52   C C2     . G   A 1 2  ? -5.716  -0.135 -5.446  1.00 0.00 ? 2  G   A C2     1 
ATOM   53   N N2     . G   A 1 2  ? -5.476  -1.102 -6.317  1.00 0.00 ? 2  G   A N2     1 
ATOM   54   N N3     . G   A 1 2  ? -6.921  -0.030 -4.897  1.00 0.00 ? 2  G   A N3     1 
ATOM   55   C C4     . G   A 1 2  ? -7.000  1.007  -4.034  1.00 0.00 ? 2  G   A C4     1 
ATOM   56   H "H5'"  . G   A 1 2  ? -12.257 2.759  -1.212  1.00 0.00 ? 2  G   A "H5'"  1 
ATOM   57   H "H5''" . G   A 1 2  ? -11.970 1.674  0.174   1.00 0.00 ? 2  G   A "H5''" 1 
ATOM   58   H "H4'"  . G   A 1 2  ? -12.040 0.548  -2.051  1.00 0.00 ? 2  G   A "H4'"  1 
ATOM   59   H "H3'"  . G   A 1 2  ? -9.479  0.593  -0.476  1.00 0.00 ? 2  G   A "H3'"  1 
ATOM   60   H "H2'"  . G   A 1 2  ? -8.421  -0.717 -2.054  1.00 0.00 ? 2  G   A "H2'"  1 
ATOM   61   H "HO2'" . G   A 1 2  ? -10.363 -2.162 -2.148  1.00 0.00 ? 2  G   A "HO2'" 1 
ATOM   62   H "H1'"  . G   A 1 2  ? -9.644  0.327  -4.310  1.00 0.00 ? 2  G   A "H1'"  1 
ATOM   63   H H8     . G   A 1 2  ? -8.361  2.965  -1.913  1.00 0.00 ? 2  G   A H8     1 
ATOM   64   H H1     . G   A 1 2  ? -3.784  0.559  -5.625  1.00 0.00 ? 2  G   A H1     1 
ATOM   65   H H21    . G   A 1 2  ? -4.557  -1.193 -6.734  1.00 0.00 ? 2  G   A H21    1 
ATOM   66   H H22    . G   A 1 2  ? -6.209  -1.750 -6.560  1.00 0.00 ? 2  G   A H22    1 
ATOM   67   P P      . A   A 1 3  ? -10.354 -1.451 1.014   1.00 0.00 ? 3  A   A P      1 
ATOM   68   O OP1    . A   A 1 3  ? -11.382 -2.334 1.610   1.00 0.00 ? 3  A   A OP1    1 
ATOM   69   O OP2    . A   A 1 3  ? -9.866  -0.270 1.761   1.00 0.00 ? 3  A   A OP2    1 
ATOM   70   O "O5'"  . A   A 1 3  ? -9.077  -2.346 0.606   1.00 0.00 ? 3  A   A "O5'"  1 
ATOM   71   C "C5'"  . A   A 1 3  ? -9.258  -3.585 -0.085  1.00 0.00 ? 3  A   A "C5'"  1 
ATOM   72   C "C4'"  . A   A 1 3  ? -8.015  -4.007 -0.867  1.00 0.00 ? 3  A   A "C4'"  1 
ATOM   73   O "O4'"  . A   A 1 3  ? -7.620  -3.035 -1.865  1.00 0.00 ? 3  A   A "O4'"  1 
ATOM   74   C "C3'"  . A   A 1 3  ? -6.812  -4.170 0.025   1.00 0.00 ? 3  A   A "C3'"  1 
ATOM   75   O "O3'"  . A   A 1 3  ? -6.815  -5.420 0.728   1.00 0.00 ? 3  A   A "O3'"  1 
ATOM   76   C "C2'"  . A   A 1 3  ? -5.672  -4.057 -0.935  1.00 0.00 ? 3  A   A "C2'"  1 
ATOM   77   O "O2'"  . A   A 1 3  ? -5.390  -5.321 -1.550  1.00 0.00 ? 3  A   A "O2'"  1 
ATOM   78   C "C1'"  . A   A 1 3  ? -6.165  -3.053 -1.961  1.00 0.00 ? 3  A   A "C1'"  1 
ATOM   79   N N9     . A   A 1 3  ? -5.579  -1.726 -1.681  1.00 0.00 ? 3  A   A N9     1 
ATOM   80   C C8     . A   A 1 3  ? -6.053  -0.703 -0.928  1.00 0.00 ? 3  A   A C8     1 
ATOM   81   N N7     . A   A 1 3  ? -5.309  0.344  -0.812  1.00 0.00 ? 3  A   A N7     1 
ATOM   82   C C5     . A   A 1 3  ? -4.195  -0.014 -1.581  1.00 0.00 ? 3  A   A C5     1 
ATOM   83   C C6     . A   A 1 3  ? -3.000  0.645  -1.890  1.00 0.00 ? 3  A   A C6     1 
ATOM   84   N N6     . A   A 1 3  ? -2.701  1.863  -1.445  1.00 0.00 ? 3  A   A N6     1 
ATOM   85   N N1     . A   A 1 3  ? -2.120  -0.001 -2.674  1.00 0.00 ? 3  A   A N1     1 
ATOM   86   C C2     . A   A 1 3  ? -2.396  -1.227 -3.130  1.00 0.00 ? 3  A   A C2     1 
ATOM   87   N N3     . A   A 1 3  ? -3.493  -1.940 -2.899  1.00 0.00 ? 3  A   A N3     1 
ATOM   88   C C4     . A   A 1 3  ? -4.355  -1.272 -2.112  1.00 0.00 ? 3  A   A C4     1 
ATOM   89   H "H5'"  . A   A 1 3  ? -10.092 -3.486 -0.781  1.00 0.00 ? 3  A   A "H5'"  1 
ATOM   90   H "H5''" . A   A 1 3  ? -9.497  -4.363 0.642   1.00 0.00 ? 3  A   A "H5''" 1 
ATOM   91   H "H4'"  . A   A 1 3  ? -8.214  -4.953 -1.366  1.00 0.00 ? 3  A   A "H4'"  1 
ATOM   92   H "H3'"  . A   A 1 3  ? -6.770  -3.328 0.729   1.00 0.00 ? 3  A   A "H3'"  1 
ATOM   93   H "H2'"  . A   A 1 3  ? -4.789  -3.668 -0.436  1.00 0.00 ? 3  A   A "H2'"  1 
ATOM   94   H "HO2'" . A   A 1 3  ? -5.423  -5.986 -0.856  1.00 0.00 ? 3  A   A "HO2'" 1 
ATOM   95   H "H1'"  . A   A 1 3  ? -5.868  -3.381 -2.956  1.00 0.00 ? 3  A   A "H1'"  1 
ATOM   96   H H8     . A   A 1 3  ? -7.018  -0.768 -0.428  1.00 0.00 ? 3  A   A H8     1 
ATOM   97   H H61    . A   A 1 3  ? -1.821  2.294  -1.698  1.00 0.00 ? 3  A   A H61    1 
ATOM   98   H H62    . A   A 1 3  ? -3.354  2.356  -0.852  1.00 0.00 ? 3  A   A H62    1 
ATOM   99   H H2     . A   A 1 3  ? -1.638  -1.695 -3.763  1.00 0.00 ? 3  A   A H2     1 
ATOM   100  P P      . C   A 1 4  ? -6.312  -5.479 2.261   1.00 0.00 ? 4  C   A P      1 
ATOM   101  O OP1    . C   A 1 4  ? -6.813  -6.732 2.865   1.00 0.00 ? 4  C   A OP1    1 
ATOM   102  O OP2    . C   A 1 4  ? -6.614  -4.180 2.905   1.00 0.00 ? 4  C   A OP2    1 
ATOM   103  O "O5'"  . C   A 1 4  ? -4.716  -5.604 2.094   1.00 0.00 ? 4  C   A "O5'"  1 
ATOM   104  C "C5'"  . C   A 1 4  ? -4.153  -6.711 1.381   1.00 0.00 ? 4  C   A "C5'"  1 
ATOM   105  C "C4'"  . C   A 1 4  ? -2.768  -6.386 0.830   1.00 0.00 ? 4  C   A "C4'"  1 
ATOM   106  O "O4'"  . C   A 1 4  ? -2.772  -5.145 0.093   1.00 0.00 ? 4  C   A "O4'"  1 
ATOM   107  C "C3'"  . C   A 1 4  ? -1.752  -6.213 1.937   1.00 0.00 ? 4  C   A "C3'"  1 
ATOM   108  O "O3'"  . C   A 1 4  ? -1.141  -7.456 2.310   1.00 0.00 ? 4  C   A "O3'"  1 
ATOM   109  C "C2'"  . C   A 1 4  ? -0.753  -5.254 1.373   1.00 0.00 ? 4  C   A "C2'"  1 
ATOM   110  O "O2'"  . C   A 1 4  ? 0.353   -5.944 0.771   1.00 0.00 ? 4  C   A "O2'"  1 
ATOM   111  C "C1'"  . C   A 1 4  ? -1.521  -4.454 0.339   1.00 0.00 ? 4  C   A "C1'"  1 
ATOM   112  N N1     . C   A 1 4  ? -1.741  -3.069 0.819   1.00 0.00 ? 4  C   A N1     1 
ATOM   113  C C2     . C   A 1 4  ? -0.705  -2.170 0.631   1.00 0.00 ? 4  C   A C2     1 
ATOM   114  O O2     . C   A 1 4  ? 0.315   -2.526 0.063   1.00 0.00 ? 4  C   A O2     1 
ATOM   115  N N3     . C   A 1 4  ? -0.853  -0.901 1.085   1.00 0.00 ? 4  C   A N3     1 
ATOM   116  C C4     . C   A 1 4  ? -1.975  -0.522 1.700   1.00 0.00 ? 4  C   A C4     1 
ATOM   117  N N4     . C   A 1 4  ? -2.077  0.728  2.140   1.00 0.00 ? 4  C   A N4     1 
ATOM   118  C C5     . C   A 1 4  ? -3.055  -1.441 1.898   1.00 0.00 ? 4  C   A C5     1 
ATOM   119  C C6     . C   A 1 4  ? -2.899  -2.699 1.442   1.00 0.00 ? 4  C   A C6     1 
ATOM   120  H "H5'"  . C   A 1 4  ? -4.810  -6.970 0.551   1.00 0.00 ? 4  C   A "H5'"  1 
ATOM   121  H "H5''" . C   A 1 4  ? -4.078  -7.567 2.054   1.00 0.00 ? 4  C   A "H5''" 1 
ATOM   122  H "H4'"  . C   A 1 4  ? -2.445  -7.188 0.168   1.00 0.00 ? 4  C   A "H4'"  1 
ATOM   123  H "H3'"  . C   A 1 4  ? -2.239  -5.752 2.801   1.00 0.00 ? 4  C   A "H3'"  1 
ATOM   124  H "H2'"  . C   A 1 4  ? -0.396  -4.592 2.152   1.00 0.00 ? 4  C   A "H2'"  1 
ATOM   125  H "HO2'" . C   A 1 4  ? 1.137   -5.730 1.294   1.00 0.00 ? 4  C   A "HO2'" 1 
ATOM   126  H "H1'"  . C   A 1 4  ? -0.940  -4.427 -0.570  1.00 0.00 ? 4  C   A "H1'"  1 
ATOM   127  H H41    . C   A 1 4  ? -1.310  1.375  2.003   1.00 0.00 ? 4  C   A H41    1 
ATOM   128  H H42    . C   A 1 4  ? -2.916  1.029  2.614   1.00 0.00 ? 4  C   A H42    1 
ATOM   129  H H5     . C   A 1 4  ? -3.969  -1.136 2.407   1.00 0.00 ? 4  C   A H5     1 
ATOM   130  H H6     . C   A 1 4  ? -3.703  -3.423 1.575   1.00 0.00 ? 4  C   A H6     1 
ATOM   131  P P      . DT  A 1 5  ? -0.734  -7.728 3.843   1.00 0.00 ? 5  DT  A P      1 
ATOM   132  O OP1    . DT  A 1 5  ? -0.306  -9.139 3.969   1.00 0.00 ? 5  DT  A OP1    1 
ATOM   133  O OP2    . DT  A 1 5  ? -1.808  -7.200 4.713   1.00 0.00 ? 5  DT  A OP2    1 
ATOM   134  O "O5'"  . DT  A 1 5  ? 0.564   -6.785 4.020   1.00 0.00 ? 5  DT  A "O5'"  1 
ATOM   135  C "C5'"  . DT  A 1 5  ? 1.783   -7.093 3.329   1.00 0.00 ? 5  DT  A "C5'"  1 
ATOM   136  C "C4'"  . DT  A 1 5  ? 2.689   -5.873 3.186   1.00 0.00 ? 5  DT  A "C4'"  1 
ATOM   137  O "O4'"  . DT  A 1 5  ? 1.963   -4.790 2.570   1.00 0.00 ? 5  DT  A "O4'"  1 
ATOM   138  C "C3'"  . DT  A 1 5  ? 3.169   -5.376 4.544   1.00 0.00 ? 5  DT  A "C3'"  1 
ATOM   139  O "O3'"  . DT  A 1 5  ? 4.482   -5.881 4.848   1.00 0.00 ? 5  DT  A "O3'"  1 
ATOM   140  C "C2'"  . DT  A 1 5  ? 3.208   -3.900 4.387   1.00 0.00 ? 5  DT  A "C2'"  1 
ATOM   141  C "C1'"  . DT  A 1 5  ? 2.301   -3.553 3.239   1.00 0.00 ? 5  DT  A "C1'"  1 
ATOM   142  N N1     . DT  A 1 5  ? 1.094   -2.876 3.708   1.00 0.00 ? 5  DT  A N1     1 
ATOM   143  C C2     . DT  A 1 5  ? 1.029   -1.509 3.561   1.00 0.00 ? 5  DT  A C2     1 
ATOM   144  O O2     . DT  A 1 5  ? 1.957   -0.857 3.110   1.00 0.00 ? 5  DT  A O2     1 
ATOM   145  N N3     . DT  A 1 5  ? -0.137  -0.915 3.966   1.00 0.00 ? 5  DT  A N3     1 
ATOM   146  C C4     . DT  A 1 5  ? -1.232  -1.553 4.496   1.00 0.00 ? 5  DT  A C4     1 
ATOM   147  O O4     . DT  A 1 5  ? -2.224  -0.913 4.824   1.00 0.00 ? 5  DT  A O4     1 
ATOM   148  C C5     . DT  A 1 5  ? -1.078  -2.988 4.616   1.00 0.00 ? 5  DT  A C5     1 
ATOM   149  C C7     . DT  A 1 5  ? -2.232  -3.827 5.149   1.00 0.00 ? 5  DT  A C7     1 
ATOM   150  C C6     . DT  A 1 5  ? 0.063   -3.593 4.229   1.00 0.00 ? 5  DT  A C6     1 
ATOM   151  H "H5'"  . DT  A 1 5  ? 1.543   -7.473 2.336   1.00 0.00 ? 5  DT  A "H5'"  1 
ATOM   152  H "H5''" . DT  A 1 5  ? 2.310   -7.856 3.881   1.00 0.00 ? 5  DT  A "H5''" 1 
ATOM   153  H "H4'"  . DT  A 1 5  ? 3.548   -6.124 2.566   1.00 0.00 ? 5  DT  A "H4'"  1 
ATOM   154  H "H3'"  . DT  A 1 5  ? 2.455   -5.650 5.325   1.00 0.00 ? 5  DT  A "H3'"  1 
ATOM   155  H "H2'"  . DT  A 1 5  ? 2.857   -3.415 5.311   1.00 0.00 ? 5  DT  A "H2'"  1 
ATOM   156  H "H2''" . DT  A 1 5  ? 4.220   -3.600 4.132   1.00 0.00 ? 5  DT  A "H2''" 1 
ATOM   157  H "H1'"  . DT  A 1 5  ? 2.833   -2.902 2.543   1.00 0.00 ? 5  DT  A "H1'"  1 
ATOM   158  H H3     . DT  A 1 5  ? -0.195  0.086  3.866   1.00 0.00 ? 5  DT  A H3     1 
ATOM   159  H H71    . DT  A 1 5  ? -1.899  -4.396 6.016   1.00 0.00 ? 5  DT  A H71    1 
ATOM   160  H H72    . DT  A 1 5  ? -2.570  -4.513 4.372   1.00 0.00 ? 5  DT  A H72    1 
ATOM   161  H H73    . DT  A 1 5  ? -3.055  -3.173 5.436   1.00 0.00 ? 5  DT  A H73    1 
ATOM   162  H H6     . DT  A 1 5  ? 0.182   -4.674 4.361   1.00 0.00 ? 5  DT  A H6     1 
ATOM   163  P P      . DT  A 1 6  ? 5.202   -5.575 6.267   1.00 0.00 ? 6  DT  A P      1 
ATOM   164  O OP1    . DT  A 1 6  ? 6.516   -6.255 6.269   1.00 0.00 ? 6  DT  A OP1    1 
ATOM   165  O OP2    . DT  A 1 6  ? 4.228   -5.858 7.346   1.00 0.00 ? 6  DT  A OP2    1 
ATOM   166  O "O5'"  . DT  A 1 6  ? 5.458   -3.976 6.237   1.00 0.00 ? 6  DT  A "O5'"  1 
ATOM   167  C "C5'"  . DT  A 1 6  ? 6.309   -3.360 5.250   1.00 0.00 ? 6  DT  A "C5'"  1 
ATOM   168  C "C4'"  . DT  A 1 6  ? 6.017   -1.857 5.125   1.00 0.00 ? 6  DT  A "C4'"  1 
ATOM   169  O "O4'"  . DT  A 1 6  ? 4.588   -1.633 4.993   1.00 0.00 ? 6  DT  A "O4'"  1 
ATOM   170  C "C3'"  . DT  A 1 6  ? 6.484   -1.103 6.364   1.00 0.00 ? 6  DT  A "C3'"  1 
ATOM   171  O "O3'"  . DT  A 1 6  ? 7.308   0.012  5.999   1.00 0.00 ? 6  DT  A "O3'"  1 
ATOM   172  C "C2'"  . DT  A 1 6  ? 5.231   -0.646 7.029   1.00 0.00 ? 6  DT  A "C2'"  1 
ATOM   173  C "C1'"  . DT  A 1 6  ? 4.167   -0.655 5.965   1.00 0.00 ? 6  DT  A "C1'"  1 
ATOM   174  N N1     . DT  A 1 6  ? 2.854   -1.027 6.541   1.00 0.00 ? 6  DT  A N1     1 
ATOM   175  C C2     . DT  A 1 6  ? 1.759   -0.233 6.247   1.00 0.00 ? 6  DT  A C2     1 
ATOM   176  O O2     . DT  A 1 6  ? 1.833   0.760  5.533   1.00 0.00 ? 6  DT  A O2     1 
ATOM   177  N N3     . DT  A 1 6  ? 0.563   -0.624 6.805   1.00 0.00 ? 6  DT  A N3     1 
ATOM   178  C C4     . DT  A 1 6  ? 0.360   -1.717 7.617   1.00 0.00 ? 6  DT  A C4     1 
ATOM   179  O O4     . DT  A 1 6  ? -0.757  -1.964 8.055   1.00 0.00 ? 6  DT  A O4     1 
ATOM   180  C C5     . DT  A 1 6  ? 1.554   -2.490 7.874   1.00 0.00 ? 6  DT  A C5     1 
ATOM   181  C C7     . DT  A 1 6  ? 1.477   -3.731 8.761   1.00 0.00 ? 6  DT  A C7     1 
ATOM   182  C C6     . DT  A 1 6  ? 2.737   -2.132 7.341   1.00 0.00 ? 6  DT  A C6     1 
ATOM   183  H "H5'"  . DT  A 1 6  ? 6.140   -3.837 4.284   1.00 0.00 ? 6  DT  A "H5'"  1 
ATOM   184  H "H5''" . DT  A 1 6  ? 7.352   -3.501 5.536   1.00 0.00 ? 6  DT  A "H5''" 1 
ATOM   185  H "H4'"  . DT  A 1 6  ? 6.524   -1.461 4.251   1.00 0.00 ? 6  DT  A "H4'"  1 
ATOM   186  H "H3'"  . DT  A 1 6  ? 7.029   -1.781 7.024   1.00 0.00 ? 6  DT  A "H3'"  1 
ATOM   187  H "H2'"  . DT  A 1 6  ? 4.967   -1.360 7.822   1.00 0.00 ? 6  DT  A "H2'"  1 
ATOM   188  H "H2''" . DT  A 1 6  ? 5.357   0.373  7.417   1.00 0.00 ? 6  DT  A "H2''" 1 
ATOM   189  H "H1'"  . DT  A 1 6  ? 4.102   0.327  5.501   1.00 0.00 ? 6  DT  A "H1'"  1 
ATOM   190  H H3     . DT  A 1 6  ? -0.241  -0.055 6.600   1.00 0.00 ? 6  DT  A H3     1 
ATOM   191  H H71    . DT  A 1 6  ? 0.456   -3.859 9.122   1.00 0.00 ? 6  DT  A H71    1 
ATOM   192  H H72    . DT  A 1 6  ? 2.148   -3.612 9.612   1.00 0.00 ? 6  DT  A H72    1 
ATOM   193  H H73    . DT  A 1 6  ? 1.772   -4.609 8.186   1.00 0.00 ? 6  DT  A H73    1 
ATOM   194  H H6     . DT  A 1 6  ? 3.622   -2.731 7.551   1.00 0.00 ? 6  DT  A H6     1 
ATOM   195  P P      . DC  A 1 7  ? 8.644   0.356  6.830   1.00 0.00 ? 7  DC  A P      1 
ATOM   196  O OP1    . DC  A 1 7  ? 9.457   1.302  6.033   1.00 0.00 ? 7  DC  A OP1    1 
ATOM   197  O OP2    . DC  A 1 7  ? 9.244   -0.916 7.296   1.00 0.00 ? 7  DC  A OP2    1 
ATOM   198  O "O5'"  . DC  A 1 7  ? 8.070   1.131  8.118   1.00 0.00 ? 7  DC  A "O5'"  1 
ATOM   199  C "C5'"  . DC  A 1 7  ? 8.157   2.560  8.233   1.00 0.00 ? 7  DC  A "C5'"  1 
ATOM   200  C "C4'"  . DC  A 1 7  ? 9.097   2.934  9.370   1.00 0.00 ? 7  DC  A "C4'"  1 
ATOM   201  O "O4'"  . DC  A 1 7  ? 8.714   2.208  10.565  1.00 0.00 ? 7  DC  A "O4'"  1 
ATOM   202  C "C3'"  . DC  A 1 7  ? 10.528  2.521  9.018   1.00 0.00 ? 7  DC  A "C3'"  1 
ATOM   203  O "O3'"  . DC  A 1 7  ? 11.477  3.544  9.355   1.00 0.00 ? 7  DC  A "O3'"  1 
ATOM   204  C "C2'"  . DC  A 1 7  ? 10.762  1.290  9.815   1.00 0.00 ? 7  DC  A "C2'"  1 
ATOM   205  C "C1'"  . DC  A 1 7  ? 9.809   1.361  10.980  1.00 0.00 ? 7  DC  A "C1'"  1 
ATOM   206  N N1     . DC  A 1 7  ? 9.300   0.013  11.309  1.00 0.00 ? 7  DC  A N1     1 
ATOM   207  C C2     . DC  A 1 7  ? 9.767   -0.604 12.461  1.00 0.00 ? 7  DC  A C2     1 
ATOM   208  O O2     . DC  A 1 7  ? 10.583  -0.034 13.184  1.00 0.00 ? 7  DC  A O2     1 
ATOM   209  N N3     . DC  A 1 7  ? 9.299   -1.847 12.758  1.00 0.00 ? 7  DC  A N3     1 
ATOM   210  C C4     . DC  A 1 7  ? 8.413   -2.458 11.963  1.00 0.00 ? 7  DC  A C4     1 
ATOM   211  N N4     . DC  A 1 7  ? 7.983   -3.670 12.289  1.00 0.00 ? 7  DC  A N4     1 
ATOM   212  C C5     . DC  A 1 7  ? 7.928   -1.829 10.774  1.00 0.00 ? 7  DC  A C5     1 
ATOM   213  C C6     . DC  A 1 7  ? 8.394   -0.602 10.487  1.00 0.00 ? 7  DC  A C6     1 
ATOM   214  H "H5'"  . DC  A 1 7  ? 7.165   2.964  8.441   1.00 0.00 ? 7  DC  A "H5'"  1 
ATOM   215  H "H5''" . DC  A 1 7  ? 8.529   2.984  7.298   1.00 0.00 ? 7  DC  A "H5''" 1 
ATOM   216  H "H4'"  . DC  A 1 7  ? 9.049   4.004  9.559   1.00 0.00 ? 7  DC  A "H4'"  1 
ATOM   217  H "H3'"  . DC  A 1 7  ? 10.592  2.282  7.949   1.00 0.00 ? 7  DC  A "H3'"  1 
ATOM   218  H "H2'"  . DC  A 1 7  ? 10.525  0.409  9.199   1.00 0.00 ? 7  DC  A "H2'"  1 
ATOM   219  H "H2''" . DC  A 1 7  ? 11.800  1.274  10.183  1.00 0.00 ? 7  DC  A "H2''" 1 
ATOM   220  H "H1'"  . DC  A 1 7  ? 10.306  1.791  11.849  1.00 0.00 ? 7  DC  A "H1'"  1 
ATOM   221  H H41    . DC  A 1 7  ? 8.325   -4.116 13.127  1.00 0.00 ? 7  DC  A H41    1 
ATOM   222  H H42    . DC  A 1 7  ? 7.314   -4.144 11.700  1.00 0.00 ? 7  DC  A H42    1 
ATOM   223  H H5     . DC  A 1 7  ? 7.203   -2.328 10.120  1.00 0.00 ? 7  DC  A H5     1 
ATOM   224  H H6     . DC  A 1 7  ? 8.046   -0.093 9.591   1.00 0.00 ? 7  DC  A H6     1 
ATOM   225  P P      . DG  A 1 8  ? 11.551  4.922  8.516   1.00 0.00 ? 8  DG  A P      1 
ATOM   226  O OP1    . DG  A 1 8  ? 12.919  5.471  8.655   1.00 0.00 ? 8  DG  A OP1    1 
ATOM   227  O OP2    . DG  A 1 8  ? 10.384  5.755  8.887   1.00 0.00 ? 8  DG  A OP2    1 
ATOM   228  O "O5'"  . DG  A 1 8  ? 11.364  4.430  6.987   1.00 0.00 ? 8  DG  A "O5'"  1 
ATOM   229  C "C5'"  . DG  A 1 8  ? 10.841  5.318  5.973   1.00 0.00 ? 8  DG  A "C5'"  1 
ATOM   230  C "C4'"  . DG  A 1 8  ? 9.710   4.690  5.169   1.00 0.00 ? 8  DG  A "C4'"  1 
ATOM   231  O "O4'"  . DG  A 1 8  ? 8.619   4.296  6.043   1.00 0.00 ? 8  DG  A "O4'"  1 
ATOM   232  C "C3'"  . DG  A 1 8  ? 9.143   5.672  4.142   1.00 0.00 ? 8  DG  A "C3'"  1 
ATOM   233  O "O3'"  . DG  A 1 8  ? 9.053   5.050  2.846   1.00 0.00 ? 8  DG  A "O3'"  1 
ATOM   234  C "C2'"  . DG  A 1 8  ? 7.793   6.026  4.673   1.00 0.00 ? 8  DG  A "C2'"  1 
ATOM   235  C "C1'"  . DG  A 1 8  ? 7.395   4.896  5.581   1.00 0.00 ? 8  DG  A "C1'"  1 
ATOM   236  N N9     . DG  A 1 8  ? 6.604   5.383  6.712   1.00 0.00 ? 8  DG  A N9     1 
ATOM   237  C C8     . DG  A 1 8  ? 6.941   6.283  7.646   1.00 0.00 ? 8  DG  A C8     1 
ATOM   238  N N7     . DG  A 1 8  ? 6.080   6.554  8.566   1.00 0.00 ? 8  DG  A N7     1 
ATOM   239  C C5     . DG  A 1 8  ? 5.014   5.724  8.200   1.00 0.00 ? 8  DG  A C5     1 
ATOM   240  C C6     . DG  A 1 8  ? 3.743   5.544  8.807   1.00 0.00 ? 8  DG  A C6     1 
ATOM   241  O O6     . DG  A 1 8  ? 3.287   6.088  9.806   1.00 0.00 ? 8  DG  A O6     1 
ATOM   242  N N1     . DG  A 1 8  ? 2.982   4.618  8.119   1.00 0.00 ? 8  DG  A N1     1 
ATOM   243  C C2     . DG  A 1 8  ? 3.382   3.946  6.988   1.00 0.00 ? 8  DG  A C2     1 
ATOM   244  N N2     . DG  A 1 8  ? 2.510   3.097  6.475   1.00 0.00 ? 8  DG  A N2     1 
ATOM   245  N N3     . DG  A 1 8  ? 4.567   4.103  6.409   1.00 0.00 ? 8  DG  A N3     1 
ATOM   246  C C4     . DG  A 1 8  ? 5.332   5.002  7.060   1.00 0.00 ? 8  DG  A C4     1 
ATOM   247  H "H5'"  . DG  A 1 8  ? 11.616  5.552  5.263   1.00 0.00 ? 8  DG  A "H5'"  1 
ATOM   248  H "H5''" . DG  A 1 8  ? 10.491  6.246  6.466   1.00 0.00 ? 8  DG  A "H5''" 1 
ATOM   249  H "H4'"  . DG  A 1 8  ? 10.083  3.810  4.651   1.00 0.00 ? 8  DG  A "H4'"  1 
ATOM   250  H "H3'"  . DG  A 1 8  ? 9.774   6.564  4.096   1.00 0.00 ? 8  DG  A "H3'"  1 
ATOM   251  H "H2'"  . DG  A 1 8  ? 7.869   6.957  5.258   1.00 0.00 ? 8  DG  A "H2'"  1 
ATOM   252  H "H2''" . DG  A 1 8  ? 7.070   6.112  3.850   1.00 0.00 ? 8  DG  A "H2''" 1 
ATOM   253  H "H1'"  . DG  A 1 8  ? 6.821   4.171  5.026   1.00 0.00 ? 8  DG  A "H1'"  1 
ATOM   254  H H8     . DG  A 1 8  ? 7.912   6.763  7.620   1.00 0.00 ? 8  DG  A H8     1 
ATOM   255  H H1     . DG  A 1 8  ? 2.065   4.441  8.491   1.00 0.00 ? 8  DG  A H1     1 
ATOM   256  H H21    . DG  A 1 8  ? 1.611   2.973  6.911   1.00 0.00 ? 8  DG  A H21    1 
ATOM   257  H H22    . DG  A 1 8  ? 2.748   2.568  5.646   1.00 0.00 ? 8  DG  A H22    1 
HETATM 258  P P      . GFL A 1 9  ? 8.421   5.820  1.568   1.00 0.00 ? 9  GFL A P      1 
HETATM 259  O O1P    . GFL A 1 9  ? 8.949   7.202  1.547   1.00 0.00 ? 9  GFL A O1P    1 
HETATM 260  O O2P    . GFL A 1 9  ? 6.959   5.592  1.563   1.00 0.00 ? 9  GFL A O2P    1 
HETATM 261  O "O5'"  . GFL A 1 9  ? 9.060   5.020  0.315   1.00 0.00 ? 9  GFL A "O5'"  1 
HETATM 262  C "C5'"  . GFL A 1 9  ? 9.655   3.718  0.491   1.00 0.00 ? 9  GFL A "C5'"  1 
HETATM 263  C "C4'"  . GFL A 1 9  ? 8.674   2.573  0.281   1.00 0.00 ? 9  GFL A "C4'"  1 
HETATM 264  O "O4'"  . GFL A 1 9  ? 7.533   2.676  1.168   1.00 0.00 ? 9  GFL A "O4'"  1 
HETATM 265  C "C3'"  . GFL A 1 9  ? 8.116   2.552  -1.156  1.00 0.00 ? 9  GFL A "C3'"  1 
HETATM 266  O "O3'"  . GFL A 1 9  ? 8.691   1.448  -1.907  1.00 0.00 ? 9  GFL A "O3'"  1 
HETATM 267  C "C2'"  . GFL A 1 9  ? 6.628   2.376  -0.961  1.00 0.00 ? 9  GFL A "C2'"  1 
HETATM 268  C "C1'"  . GFL A 1 9  ? 6.480   2.001  0.492   1.00 0.00 ? 9  GFL A "C1'"  1 
HETATM 269  N N9     . GFL A 1 9  ? 5.130   2.315  0.990   1.00 0.00 ? 9  GFL A N9     1 
HETATM 270  C C8     . GFL A 1 9  ? 4.647   3.390  1.657   1.00 0.00 ? 9  GFL A C8     1 
HETATM 271  N N7     . GFL A 1 9  ? 3.386   3.379  1.969   1.00 0.00 ? 9  GFL A N7     1 
HETATM 272  C C5     . GFL A 1 9  ? 2.975   2.141  1.445   1.00 0.00 ? 9  GFL A C5     1 
HETATM 273  C C6     . GFL A 1 9  ? 1.694   1.506  1.445   1.00 0.00 ? 9  GFL A C6     1 
HETATM 274  O O6     . GFL A 1 9  ? 0.633   1.903  1.926   1.00 0.00 ? 9  GFL A O6     1 
HETATM 275  N N1     . GFL A 1 9  ? 1.740   0.276  0.806   1.00 0.00 ? 9  GFL A N1     1 
HETATM 276  C C2     . GFL A 1 9  ? 2.865   -0.280 0.238   1.00 0.00 ? 9  GFL A C2     1 
HETATM 277  N N2     . GFL A 1 9  ? 2.722   -1.462 -0.335  1.00 0.00 ? 9  GFL A N2     1 
HETATM 278  N N3     . GFL A 1 9  ? 4.052   0.299  0.234   1.00 0.00 ? 9  GFL A N3     1 
HETATM 279  C C4     . GFL A 1 9  ? 4.042   1.496  0.848   1.00 0.00 ? 9  GFL A C4     1 
HETATM 280  F F      . GFL A 1 9  ? 5.977   3.550  -1.228  1.00 0.00 ? 9  GFL A F      1 
HETATM 281  H "H5'1" . GFL A 1 9  ? 10.011  3.622  1.503   1.00 0.00 ? 9  GFL A "H5'1" 1 
HETATM 282  H "H5'2" . GFL A 1 9  ? 10.504  3.630  -0.212  1.00 0.00 ? 9  GFL A "H5'2" 1 
HETATM 283  H "H4'"  . GFL A 1 9  ? 9.181   1.629  0.475   1.00 0.00 ? 9  GFL A "H4'"  1 
HETATM 284  H "H3'"  . GFL A 1 9  ? 8.314   3.508  -1.649  1.00 0.00 ? 9  GFL A "H3'"  1 
HETATM 285  H "H2'"  . GFL A 1 9  ? 6.244   1.580  -1.581  1.00 0.00 ? 9  GFL A "H2'"  1 
HETATM 286  H "H1'"  . GFL A 1 9  ? 6.655   0.923  0.597   1.00 0.00 ? 9  GFL A "H1'"  1 
HETATM 287  H H8     . GFL A 1 9  ? 5.288   4.232  1.918   1.00 0.00 ? 9  GFL A H8     1 
HETATM 288  H HN1    . GFL A 1 9  ? 0.871   -0.237 0.774   1.00 0.00 ? 9  GFL A HN1    1 
HETATM 289  H HN21   . GFL A 1 9  ? 1.815   -1.919 -0.341  1.00 0.00 ? 9  GFL A HN21   1 
HETATM 290  H HN22   . GFL A 1 9  ? 3.518   -1.907 -0.765  1.00 0.00 ? 9  GFL A HN22   1 
HETATM 291  P P      . TAF A 1 10 ? 8.440   1.256  -3.499  1.00 0.00 ? 10 TAF A P      1 
HETATM 292  O OP1    . TAF A 1 10 ? 9.606   0.543  -4.063  1.00 0.00 ? 10 TAF A OP1    1 
HETATM 293  O OP2    . TAF A 1 10 ? 8.038   2.564  -4.060  1.00 0.00 ? 10 TAF A OP2    1 
HETATM 294  O "O5'"  . TAF A 1 10 ? 7.161   0.266  -3.558  1.00 0.00 ? 10 TAF A "O5'"  1 
HETATM 295  N N1     . TAF A 1 10 ? 2.691   0.059  -3.269  1.00 0.00 ? 10 TAF A N1     1 
HETATM 296  C C6     . TAF A 1 10 ? 3.152   1.288  -2.840  1.00 0.00 ? 10 TAF A C6     1 
HETATM 297  C C2     . TAF A 1 10 ? 1.373   -0.322 -3.059  1.00 0.00 ? 10 TAF A C2     1 
HETATM 298  O O2     . TAF A 1 10 ? 0.935   -1.408 -3.422  1.00 0.00 ? 10 TAF A O2     1 
HETATM 299  N N3     . TAF A 1 10 ? 0.571   0.586  -2.412  1.00 0.00 ? 10 TAF A N3     1 
HETATM 300  C C4     . TAF A 1 10 ? 0.947   1.826  -1.954  1.00 0.00 ? 10 TAF A C4     1 
HETATM 301  O O4     . TAF A 1 10 ? 0.130   2.548  -1.390  1.00 0.00 ? 10 TAF A O4     1 
HETATM 302  C C5     . TAF A 1 10 ? 2.335   2.156  -2.207  1.00 0.00 ? 10 TAF A C5     1 
HETATM 303  C C5M    . TAF A 1 10 ? 2.883   3.509  -1.756  1.00 0.00 ? 10 TAF A C5M    1 
HETATM 304  F "F2'"  . TAF A 1 10 ? 3.774   0.860  -5.564  1.00 0.00 ? 10 TAF A "F2'"  1 
HETATM 305  C "C2'"  . TAF A 1 10 ? 3.767   -0.504 -5.443  1.00 0.00 ? 10 TAF A "C2'"  1 
HETATM 306  C "C5'"  . TAF A 1 10 ? 7.164   -0.989 -4.296  1.00 0.00 ? 10 TAF A "C5'"  1 
HETATM 307  C "C4'"  . TAF A 1 10 ? 5.730   -1.513 -4.475  1.00 0.00 ? 10 TAF A "C4'"  1 
HETATM 308  O "O4'"  . TAF A 1 10 ? 4.871   -0.992 -3.433  1.00 0.00 ? 10 TAF A "O4'"  1 
HETATM 309  C "C1'"  . TAF A 1 10 ? 3.566   -0.906 -3.990  1.00 0.00 ? 10 TAF A "C1'"  1 
HETATM 310  C "C3'"  . TAF A 1 10 ? 5.123   -1.066 -5.816  1.00 0.00 ? 10 TAF A "C3'"  1 
HETATM 311  O "O3'"  . TAF A 1 10 ? 5.015   -2.215 -6.704  1.00 0.00 ? 10 TAF A "O3'"  1 
HETATM 312  H H6     . TAF A 1 10 ? 4.194   1.573  -3.011  1.00 0.00 ? 10 TAF A H6     1 
HETATM 313  H H3     . TAF A 1 10 ? -0.391  0.319  -2.265  1.00 0.00 ? 10 TAF A H3     1 
HETATM 314  H H71    . TAF A 1 10 ? 3.694   3.355  -1.048  1.00 0.00 ? 10 TAF A H71    1 
HETATM 315  H H72    . TAF A 1 10 ? 2.089   4.084  -1.280  1.00 0.00 ? 10 TAF A H72    1 
HETATM 316  H H73    . TAF A 1 10 ? 3.256   4.055  -2.623  1.00 0.00 ? 10 TAF A H73    1 
HETATM 317  H "H2'"  . TAF A 1 10 ? 2.983   -0.939 -6.061  1.00 0.00 ? 10 TAF A "H2'"  1 
HETATM 318  H "H5'"  . TAF A 1 10 ? 7.762   -1.748 -3.764  1.00 0.00 ? 10 TAF A "H5'"  1 
HETATM 319  H "H5''" . TAF A 1 10 ? 7.610   -0.826 -5.279  1.00 0.00 ? 10 TAF A "H5''" 1 
HETATM 320  H "H4'"  . TAF A 1 10 ? 5.718   -2.598 -4.424  1.00 0.00 ? 10 TAF A "H4'"  1 
HETATM 321  H "H1'"  . TAF A 1 10 ? 3.125   -1.904 -3.949  1.00 0.00 ? 10 TAF A "H1'"  1 
HETATM 322  H "H3'"  . TAF A 1 10 ? 5.738   -0.281 -6.264  1.00 0.00 ? 10 TAF A "H3'"  1 
HETATM 323  P P      . CFL A 1 11 ? 4.676   -2.073 -8.284  1.00 0.00 ? 11 CFL A P      1 
HETATM 324  O O1P    . CFL A 1 11 ? 5.347   -3.182 -8.992  1.00 0.00 ? 11 CFL A O1P    1 
HETATM 325  O O2P    . CFL A 1 11 ? 4.952   -0.675 -8.681  1.00 0.00 ? 11 CFL A O2P    1 
HETATM 326  O "O5'"  . CFL A 1 11 ? 3.080   -2.314 -8.357  1.00 0.00 ? 11 CFL A "O5'"  1 
HETATM 327  C "C5'"  . CFL A 1 11 ? 2.478   -3.514 -8.923  1.00 0.00 ? 11 CFL A "C5'"  1 
HETATM 328  C "C4'"  . CFL A 1 11 ? 0.964   -3.498 -8.673  1.00 0.00 ? 11 CFL A "C4'"  1 
HETATM 329  O "O4'"  . CFL A 1 11 ? 0.680   -2.703 -7.519  1.00 0.00 ? 11 CFL A "O4'"  1 
HETATM 330  C "C3'"  . CFL A 1 11 ? 0.202   -2.880 -9.843  1.00 0.00 ? 11 CFL A "C3'"  1 
HETATM 331  O "O3'"  . CFL A 1 11 ? -0.474  -3.906 -10.597 1.00 0.00 ? 11 CFL A "O3'"  1 
HETATM 332  C "C2'"  . CFL A 1 11 ? -0.781  -1.932 -9.217  1.00 0.00 ? 11 CFL A "C2'"  1 
HETATM 333  C "C1'"  . CFL A 1 11 ? -0.583  -2.084 -7.714  1.00 0.00 ? 11 CFL A "C1'"  1 
HETATM 334  N N1     . CFL A 1 11 ? -0.637  -0.783 -7.006  1.00 0.00 ? 11 CFL A N1     1 
HETATM 335  C C2     . CFL A 1 11 ? -1.801  -0.474 -6.323  1.00 0.00 ? 11 CFL A C2     1 
HETATM 336  O O2     . CFL A 1 11 ? -2.758  -1.239 -6.353  1.00 0.00 ? 11 CFL A O2     1 
HETATM 337  N N3     . CFL A 1 11 ? -1.854  0.693  -5.629  1.00 0.00 ? 11 CFL A N3     1 
HETATM 338  C C4     . CFL A 1 11 ? -0.811  1.528  -5.602  1.00 0.00 ? 11 CFL A C4     1 
HETATM 339  N N4     . CFL A 1 11 ? -0.901  2.655  -4.903  1.00 0.00 ? 11 CFL A N4     1 
HETATM 340  C C5     . CFL A 1 11 ? 0.396   1.223  -6.306  1.00 0.00 ? 11 CFL A C5     1 
HETATM 341  C C6     . CFL A 1 11 ? 0.442   0.066  -6.995  1.00 0.00 ? 11 CFL A C6     1 
HETATM 342  F F      . CFL A 1 11 ? -0.535  -0.649 -9.619  1.00 0.00 ? 11 CFL A F      1 
HETATM 343  H "H5'1" . CFL A 1 11 ? 2.914   -4.423 -8.477  1.00 0.00 ? 11 CFL A "H5'1" 1 
HETATM 344  H "H5'2" . CFL A 1 11 ? 2.660   -3.533 -9.998  1.00 0.00 ? 11 CFL A "H5'2" 1 
HETATM 345  H "H4'"  . CFL A 1 11 ? 0.588   -4.498 -8.495  1.00 0.00 ? 11 CFL A "H4'"  1 
HETATM 346  H "H3'"  . CFL A 1 11 ? 0.890   -2.321 -10.483 1.00 0.00 ? 11 CFL A "H3'"  1 
HETATM 347  H "H2'"  . CFL A 1 11 ? -1.798  -2.235 -9.489  1.00 0.00 ? 11 CFL A "H2'"  1 
HETATM 348  H "H1'"  . CFL A 1 11 ? -1.343  -2.751 -7.321  1.00 0.00 ? 11 CFL A "H1'"  1 
HETATM 349  H HN41   . CFL A 1 11 ? -1.755  2.872  -4.405  1.00 0.00 ? 11 CFL A HN41   1 
HETATM 350  H HN42   . CFL A 1 11 ? -0.118  3.292  -4.868  1.00 0.00 ? 11 CFL A HN42   1 
HETATM 351  H H5     . CFL A 1 11 ? 1.257   1.895  -6.271  1.00 0.00 ? 11 CFL A H5     1 
HETATM 352  H H6     . CFL A 1 11 ? 1.339   -0.182 -7.569  1.00 0.00 ? 11 CFL A H6     1 
HETATM 353  P P      . CFL A 1 12 ? -1.211  -3.577 -11.997 1.00 0.00 ? 12 CFL A P      1 
HETATM 354  O O1P    . CFL A 1 12 ? -1.304  -4.835 -12.768 1.00 0.00 ? 12 CFL A O1P    1 
HETATM 355  O O2P    . CFL A 1 12 ? -0.548  -2.398 -12.589 1.00 0.00 ? 12 CFL A O2P    1 
HETATM 356  O "O5'"  . CFL A 1 12 ? -2.702  -3.145 -11.541 1.00 0.00 ? 12 CFL A "O5'"  1 
HETATM 357  C "C5'"  . CFL A 1 12 ? -3.754  -4.118 -11.356 1.00 0.00 ? 12 CFL A "C5'"  1 
HETATM 358  C "C4'"  . CFL A 1 12 ? -5.048  -3.450 -10.880 1.00 0.00 ? 12 CFL A "C4'"  1 
HETATM 359  O "O4'"  . CFL A 1 12 ? -4.766  -2.510 -9.842  1.00 0.00 ? 12 CFL A "O4'"  1 
HETATM 360  C "C3'"  . CFL A 1 12 ? -5.729  -2.680 -12.010 1.00 0.00 ? 12 CFL A "C3'"  1 
HETATM 361  O "O3'"  . CFL A 1 12 ? -6.883  -3.381 -12.497 1.00 0.00 ? 12 CFL A "O3'"  1 
HETATM 362  C "C2'"  . CFL A 1 12 ? -6.108  -1.352 -11.424 1.00 0.00 ? 12 CFL A "C2'"  1 
HETATM 363  C "C1'"  . CFL A 1 12 ? -5.697  -1.431 -9.956  1.00 0.00 ? 12 CFL A "C1'"  1 
HETATM 364  N N1     . CFL A 1 12 ? -5.054  -0.177 -9.500  1.00 0.00 ? 12 CFL A N1     1 
HETATM 365  C C2     . CFL A 1 12 ? -5.780  0.675  -8.677  1.00 0.00 ? 12 CFL A C2     1 
HETATM 366  O O2     . CFL A 1 12 ? -6.927  0.391  -8.339  1.00 0.00 ? 12 CFL A O2     1 
HETATM 367  N N3     . CFL A 1 12 ? -5.182  1.825  -8.257  1.00 0.00 ? 12 CFL A N3     1 
HETATM 368  C C4     . CFL A 1 12 ? -3.933  2.127  -8.629  1.00 0.00 ? 12 CFL A C4     1 
HETATM 369  N N4     . CFL A 1 12 ? -3.378  3.250  -8.195  1.00 0.00 ? 12 CFL A N4     1 
HETATM 370  C C5     . CFL A 1 12 ? -3.187  1.261  -9.474  1.00 0.00 ? 12 CFL A C5     1 
HETATM 371  C C6     . CFL A 1 12 ? -3.771  0.129  -9.884  1.00 0.00 ? 12 CFL A C6     1 
HETATM 372  F F      . CFL A 1 12 ? -5.449  -0.342 -12.065 1.00 0.00 ? 12 CFL A F      1 
HETATM 373  H "H5'1" . CFL A 1 12 ? -3.440  -4.852 -10.616 1.00 0.00 ? 12 CFL A "H5'1" 1 
HETATM 374  H "H5'2" . CFL A 1 12 ? -3.943  -4.628 -12.300 1.00 0.00 ? 12 CFL A "H5'2" 1 
HETATM 375  H "H4'"  . CFL A 1 12 ? -5.738  -4.193 -10.489 1.00 0.00 ? 12 CFL A "H4'"  1 
HETATM 376  H "H3'"  . CFL A 1 12 ? -5.014  -2.519 -12.823 1.00 0.00 ? 12 CFL A "H3'"  1 
HETATM 377  H "HO3'" . CFL A 1 12 ? -7.338  -3.749 -11.736 1.00 0.00 ? 12 CFL A "HO3'" 1 
HETATM 378  H "H2'"  . CFL A 1 12 ? -7.205  -1.212 -11.502 1.00 0.00 ? 12 CFL A "H2'"  1 
HETATM 379  H "H1'"  . CFL A 1 12 ? -6.571  -1.654 -9.348  1.00 0.00 ? 12 CFL A "H1'"  1 
HETATM 380  H HN41   . CFL A 1 12 ? -3.905  3.872  -7.589  1.00 0.00 ? 12 CFL A HN41   1 
HETATM 381  H HN42   . CFL A 1 12 ? -2.436  3.486  -8.466  1.00 0.00 ? 12 CFL A HN42   1 
HETATM 382  H H5     . CFL A 1 12 ? -2.178  1.517  -9.791  1.00 0.00 ? 12 CFL A H5     1 
HETATM 383  H H6     . CFL A 1 12 ? -3.206  -0.562 -10.518 1.00 0.00 ? 12 CFL A H6     1 
ATOM   384  O "O5'"  . G   A 1 1  ? -7.277  8.806  -0.940  1.00 0.00 ? 1  G   A "O5'"  2 
ATOM   385  C "C5'"  . G   A 1 1  ? -8.657  8.818  -0.542  1.00 0.00 ? 1  G   A "C5'"  2 
ATOM   386  C "C4'"  . G   A 1 1  ? -9.476  7.729  -1.221  1.00 0.00 ? 1  G   A "C4'"  2 
ATOM   387  O "O4'"  . G   A 1 1  ? -9.461  7.864  -2.663  1.00 0.00 ? 1  G   A "O4'"  2 
ATOM   388  C "C3'"  . G   A 1 1  ? -8.921  6.356  -0.925  1.00 0.00 ? 1  G   A "C3'"  2 
ATOM   389  O "O3'"  . G   A 1 1  ? -9.444  5.821  0.301   1.00 0.00 ? 1  G   A "O3'"  2 
ATOM   390  C "C2'"  . G   A 1 1  ? -9.318  5.543  -2.121  1.00 0.00 ? 1  G   A "C2'"  2 
ATOM   391  O "O2'"  . G   A 1 1  ? -10.608 4.941  -1.941  1.00 0.00 ? 1  G   A "O2'"  2 
ATOM   392  C "C1'"  . G   A 1 1  ? -9.330  6.540  -3.258  1.00 0.00 ? 1  G   A "C1'"  2 
ATOM   393  N N9     . G   A 1 1  ? -8.071  6.434  -4.013  1.00 0.00 ? 1  G   A N9     2 
ATOM   394  C C8     . G   A 1 1  ? -7.046  7.310  -4.095  1.00 0.00 ? 1  G   A C8     2 
ATOM   395  N N7     . G   A 1 1  ? -6.022  6.972  -4.798  1.00 0.00 ? 1  G   A N7     2 
ATOM   396  C C5     . G   A 1 1  ? -6.398  5.702  -5.254  1.00 0.00 ? 1  G   A C5     2 
ATOM   397  C C6     . G   A 1 1  ? -5.701  4.784  -6.081  1.00 0.00 ? 1  G   A C6     2 
ATOM   398  O O6     . G   A 1 1  ? -4.591  4.905  -6.590  1.00 0.00 ? 1  G   A O6     2 
ATOM   399  N N1     . G   A 1 1  ? -6.435  3.630  -6.292  1.00 0.00 ? 1  G   A N1     2 
ATOM   400  C C2     . G   A 1 1  ? -7.684  3.378  -5.777  1.00 0.00 ? 1  G   A C2     2 
ATOM   401  N N2     . G   A 1 1  ? -8.228  2.213  -6.097  1.00 0.00 ? 1  G   A N2     2 
ATOM   402  N N3     . G   A 1 1  ? -8.351  4.228  -4.999  1.00 0.00 ? 1  G   A N3     2 
ATOM   403  C C4     . G   A 1 1  ? -7.656  5.367  -4.776  1.00 0.00 ? 1  G   A C4     2 
ATOM   404  H "H5'"  . G   A 1 1  ? -9.106  9.752  -0.829  1.00 0.00 ? 1  G   A "H5'"  2 
ATOM   405  H "H5''" . G   A 1 1  ? -8.700  8.702  0.557   1.00 0.00 ? 1  G   A "H5''" 2 
ATOM   406  H "H4'"  . G   A 1 1  ? -10.506 7.784  -0.875  1.00 0.00 ? 1  G   A "H4'"  2 
ATOM   407  H "H3'"  . G   A 1 1  ? -7.826  6.413  -0.887  1.00 0.00 ? 1  G   A "H3'"  2 
ATOM   408  H "H2'"  . G   A 1 1  ? -8.568  4.780  -2.320  1.00 0.00 ? 1  G   A "H2'"  2 
ATOM   409  H "HO2'" . G   A 1 1  ? -10.460 4.042  -1.625  1.00 0.00 ? 1  G   A "HO2'" 2 
ATOM   410  H "H1'"  . G   A 1 1  ? -10.172 6.342  -3.918  1.00 0.00 ? 1  G   A "H1'"  2 
ATOM   411  H H8     . G   A 1 1  ? -7.082  8.266  -3.574  1.00 0.00 ? 1  G   A H8     2 
ATOM   412  H H1     . G   A 1 1  ? -5.999  2.931  -6.876  1.00 0.00 ? 1  G   A H1     2 
ATOM   413  H H21    . G   A 1 1  ? -7.723  1.563  -6.690  1.00 0.00 ? 1  G   A H21    2 
ATOM   414  H H22    . G   A 1 1  ? -9.144  1.976  -5.751  1.00 0.00 ? 1  G   A H22    2 
ATOM   415  H "HO5'" . G   A 1 1  ? -7.261  8.783  -1.899  1.00 0.00 ? 1  G   A "HO5'" 2 
ATOM   416  P P      . G   A 1 2  ? -8.520  4.911  1.263   1.00 0.00 ? 2  G   A P      2 
ATOM   417  O OP1    . G   A 1 2  ? -9.112  4.926  2.620   1.00 0.00 ? 2  G   A OP1    2 
ATOM   418  O OP2    . G   A 1 2  ? -7.103  5.300  1.068   1.00 0.00 ? 2  G   A OP2    2 
ATOM   419  O "O5'"  . G   A 1 2  ? -8.737  3.446  0.629   1.00 0.00 ? 2  G   A "O5'"  2 
ATOM   420  C "C5'"  . G   A 1 2  ? -10.062 2.886  0.529   1.00 0.00 ? 2  G   A "C5'"  2 
ATOM   421  C "C4'"  . G   A 1 2  ? -10.154 1.764  -0.490  1.00 0.00 ? 2  G   A "C4'"  2 
ATOM   422  O "O4'"  . G   A 1 2  ? -9.755  2.203  -1.812  1.00 0.00 ? 2  G   A "O4'"  2 
ATOM   423  C "C3'"  . G   A 1 2  ? -9.237  0.620  -0.122  1.00 0.00 ? 2  G   A "C3'"  2 
ATOM   424  O "O3'"  . G   A 1 2  ? -9.892  -0.330 0.727   1.00 0.00 ? 2  G   A "O3'"  2 
ATOM   425  C "C2'"  . G   A 1 2  ? -8.850  0.033  -1.441  1.00 0.00 ? 2  G   A "C2'"  2 
ATOM   426  O "O2'"  . G   A 1 2  ? -9.810  -0.941 -1.869  1.00 0.00 ? 2  G   A "O2'"  2 
ATOM   427  C "C1'"  . G   A 1 2  ? -8.835  1.226  -2.371  1.00 0.00 ? 2  G   A "C1'"  2 
ATOM   428  N N9     . G   A 1 2  ? -7.477  1.794  -2.449  1.00 0.00 ? 2  G   A N9     2 
ATOM   429  C C8     . G   A 1 2  ? -6.945  2.827  -1.755  1.00 0.00 ? 2  G   A C8     2 
ATOM   430  N N7     . G   A 1 2  ? -5.726  3.153  -2.003  1.00 0.00 ? 2  G   A N7     2 
ATOM   431  C C5     . G   A 1 2  ? -5.380  2.224  -2.988  1.00 0.00 ? 2  G   A C5     2 
ATOM   432  C C6     . G   A 1 2  ? -4.157  2.049  -3.681  1.00 0.00 ? 2  G   A C6     2 
ATOM   433  O O6     . G   A 1 2  ? -3.118  2.697  -3.581  1.00 0.00 ? 2  G   A O6     2 
ATOM   434  N N1     . G   A 1 2  ? -4.230  1.002  -4.576  1.00 0.00 ? 2  G   A N1     2 
ATOM   435  C C2     . G   A 1 2  ? -5.332  0.212  -4.793  1.00 0.00 ? 2  G   A C2     2 
ATOM   436  N N2     . G   A 1 2  ? -5.191  -0.754 -5.691  1.00 0.00 ? 2  G   A N2     2 
ATOM   437  N N3     . G   A 1 2  ? -6.490  0.363  -4.155  1.00 0.00 ? 2  G   A N3     2 
ATOM   438  C C4     . G   A 1 2  ? -6.448  1.384  -3.267  1.00 0.00 ? 2  G   A C4     2 
ATOM   439  H "H5'"  . G   A 1 2  ? -10.752 3.646  0.200   1.00 0.00 ? 2  G   A "H5'"  2 
ATOM   440  H "H5''" . G   A 1 2  ? -10.358 2.519  1.530   1.00 0.00 ? 2  G   A "H5''" 2 
ATOM   441  H "H4'"  . G   A 1 2  ? -11.180 1.400  -0.535  1.00 0.00 ? 2  G   A "H4'"  2 
ATOM   442  H "H3'"  . G   A 1 2  ? -8.340  1.020  0.366   1.00 0.00 ? 2  G   A "H3'"  2 
ATOM   443  H "H2'"  . G   A 1 2  ? -7.855  -0.409 -1.388  1.00 0.00 ? 2  G   A "H2'"  2 
ATOM   444  H "HO2'" . G   A 1 2  ? -10.117 -1.398 -1.080  1.00 0.00 ? 2  G   A "HO2'" 2 
ATOM   445  H "H1'"  . G   A 1 2  ? -9.166  0.928  -3.366  1.00 0.00 ? 2  G   A "H1'"  2 
ATOM   446  H H8     . G   A 1 2  ? -7.521  3.347  -0.991  1.00 0.00 ? 2  G   A H8     2 
ATOM   447  H H1     . G   A 1 2  ? -3.390  0.817  -5.098  1.00 0.00 ? 2  G   A H1     2 
ATOM   448  H H21    . G   A 1 2  ? -4.309  -0.876 -6.170  1.00 0.00 ? 2  G   A H21    2 
ATOM   449  H H22    . G   A 1 2  ? -5.964  -1.369 -5.888  1.00 0.00 ? 2  G   A H22    2 
ATOM   450  P P      . A   A 1 3  ? -9.145  -0.868 2.047   1.00 0.00 ? 3  A   A P      2 
ATOM   451  O OP1    . A   A 1 3  ? -10.128 -1.607 2.873   1.00 0.00 ? 3  A   A OP1    2 
ATOM   452  O OP2    . A   A 1 3  ? -8.375  0.251  2.637   1.00 0.00 ? 3  A   A OP2    2 
ATOM   453  O "O5'"  . A   A 1 3  ? -8.100  -1.923 1.431   1.00 0.00 ? 3  A   A "O5'"  2 
ATOM   454  C "C5'"  . A   A 1 3  ? -8.573  -3.111 0.790   1.00 0.00 ? 3  A   A "C5'"  2 
ATOM   455  C "C4'"  . A   A 1 3  ? -7.519  -3.719 -0.127  1.00 0.00 ? 3  A   A "C4'"  2 
ATOM   456  O "O4'"  . A   A 1 3  ? -7.151  -2.829 -1.209  1.00 0.00 ? 3  A   A "O4'"  2 
ATOM   457  C "C3'"  . A   A 1 3  ? -6.243  -4.008 0.619   1.00 0.00 ? 3  A   A "C3'"  2 
ATOM   458  O "O3'"  . A   A 1 3  ? -6.284  -5.265 1.306   1.00 0.00 ? 3  A   A "O3'"  2 
ATOM   459  C "C2'"  . A   A 1 3  ? -5.207  -3.981 -0.453  1.00 0.00 ? 3  A   A "C2'"  2 
ATOM   460  O "O2'"  . A   A 1 3  ? -5.105  -5.256 -1.097  1.00 0.00 ? 3  A   A "O2'"  2 
ATOM   461  C "C1'"  . A   A 1 3  ? -5.713  -2.925 -1.416  1.00 0.00 ? 3  A   A "C1'"  2 
ATOM   462  N N9     . A   A 1 3  ? -5.046  -1.634 -1.149  1.00 0.00 ? 3  A   A N9     2 
ATOM   463  C C8     . A   A 1 3  ? -5.446  -0.598 -0.374  1.00 0.00 ? 3  A   A C8     2 
ATOM   464  N N7     . A   A 1 3  ? -4.660  0.418  -0.285  1.00 0.00 ? 3  A   A N7     2 
ATOM   465  C C5     . A   A 1 3  ? -3.593  0.024  -1.101  1.00 0.00 ? 3  A   A C5     2 
ATOM   466  C C6     . A   A 1 3  ? -2.391  0.645  -1.456  1.00 0.00 ? 3  A   A C6     2 
ATOM   467  N N6     . A   A 1 3  ? -2.039  1.852  -1.016  1.00 0.00 ? 3  A   A N6     2 
ATOM   468  N N1     . A   A 1 3  ? -1.566  -0.026 -2.278  1.00 0.00 ? 3  A   A N1     2 
ATOM   469  C C2     . A   A 1 3  ? -1.901  -1.241 -2.727  1.00 0.00 ? 3  A   A C2     2 
ATOM   470  N N3     . A   A 1 3  ? -3.012  -1.918 -2.455  1.00 0.00 ? 3  A   A N3     2 
ATOM   471  C C4     . A   A 1 3  ? -3.821  -1.225 -1.630  1.00 0.00 ? 3  A   A C4     2 
ATOM   472  H "H5'"  . A   A 1 3  ? -9.459  -2.872 0.200   1.00 0.00 ? 3  A   A "H5'"  2 
ATOM   473  H "H5''" . A   A 1 3  ? -8.841  -3.842 1.553   1.00 0.00 ? 3  A   A "H5''" 2 
ATOM   474  H "H4'"  . A   A 1 3  ? -7.904  -4.645 -0.551  1.00 0.00 ? 3  A   A "H4'"  2 
ATOM   475  H "H3'"  . A   A 1 3  ? -6.046  -3.191 1.323   1.00 0.00 ? 3  A   A "H3'"  2 
ATOM   476  H "H2'"  . A   A 1 3  ? -4.249  -3.678 -0.045  1.00 0.00 ? 3  A   A "H2'"  2 
ATOM   477  H "HO2'" . A   A 1 3  ? -5.271  -5.924 -0.426  1.00 0.00 ? 3  A   A "HO2'" 2 
ATOM   478  H "H1'"  . A   A 1 3  ? -5.509  -3.238 -2.439  1.00 0.00 ? 3  A   A "H1'"  2 
ATOM   479  H H8     . A   A 1 3  ? -6.392  -0.628 0.166   1.00 0.00 ? 3  A   A H8     2 
ATOM   480  H H61    . A   A 1 3  ? -1.158  2.261  -1.306  1.00 0.00 ? 3  A   A H61    2 
ATOM   481  H H62    . A   A 1 3  ? -2.652  2.361  -0.397  1.00 0.00 ? 3  A   A H62    2 
ATOM   482  H H2     . A   A 1 3  ? -1.184  -1.728 -3.388  1.00 0.00 ? 3  A   A H2     2 
ATOM   483  P P      . C   A 1 4  ? -5.619  -5.399 2.770   1.00 0.00 ? 4  C   A P      2 
ATOM   484  O OP1    . C   A 1 4  ? -6.045  -6.688 3.358   1.00 0.00 ? 4  C   A OP1    2 
ATOM   485  O OP2    . C   A 1 4  ? -5.856  -4.138 3.510   1.00 0.00 ? 4  C   A OP2    2 
ATOM   486  O "O5'"  . C   A 1 4  ? -4.052  -5.494 2.428   1.00 0.00 ? 4  C   A "O5'"  2 
ATOM   487  C "C5'"  . C   A 1 4  ? -3.549  -6.565 1.621   1.00 0.00 ? 4  C   A "C5'"  2 
ATOM   488  C "C4'"  . C   A 1 4  ? -2.216  -6.203 0.980   1.00 0.00 ? 4  C   A "C4'"  2 
ATOM   489  O "O4'"  . C   A 1 4  ? -2.314  -4.972 0.233   1.00 0.00 ? 4  C   A "O4'"  2 
ATOM   490  C "C3'"  . C   A 1 4  ? -1.151  -5.978 2.026   1.00 0.00 ? 4  C   A "C3'"  2 
ATOM   491  O "O3'"  . C   A 1 4  ? -0.462  -7.185 2.357   1.00 0.00 ? 4  C   A "O3'"  2 
ATOM   492  C "C2'"  . C   A 1 4  ? -0.236  -4.966 1.420   1.00 0.00 ? 4  C   A "C2'"  2 
ATOM   493  O "O2'"  . C   A 1 4  ? 0.884   -5.586 0.773   1.00 0.00 ? 4  C   A "O2'"  2 
ATOM   494  C "C1'"  . C   A 1 4  ? -1.092  -4.212 0.422   1.00 0.00 ? 4  C   A "C1'"  2 
ATOM   495  N N1     . C   A 1 4  ? -1.381  -2.848 0.921   1.00 0.00 ? 4  C   A N1     2 
ATOM   496  C C2     . C   A 1 4  ? -0.494  -1.851 0.569   1.00 0.00 ? 4  C   A C2     2 
ATOM   497  O O2     . C   A 1 4  ? 0.446   -2.105 -0.164  1.00 0.00 ? 4  C   A O2     2 
ATOM   498  N N3     . C   A 1 4  ? -0.696  -0.597 1.044   1.00 0.00 ? 4  C   A N3     2 
ATOM   499  C C4     . C   A 1 4  ? -1.731  -0.326 1.836   1.00 0.00 ? 4  C   A C4     2 
ATOM   500  N N4     . C   A 1 4  ? -1.887  0.915  2.286   1.00 0.00 ? 4  C   A N4     2 
ATOM   501  C C5     . C   A 1 4  ? -2.663  -1.347 2.207   1.00 0.00 ? 4  C   A C5     2 
ATOM   502  C C6     . C   A 1 4  ? -2.453  -2.590 1.728   1.00 0.00 ? 4  C   A C6     2 
ATOM   503  H "H5'"  . C   A 1 4  ? -4.271  -6.789 0.834   1.00 0.00 ? 4  C   A "H5'"  2 
ATOM   504  H "H5''" . C   A 1 4  ? -3.417  -7.450 2.244   1.00 0.00 ? 4  C   A "H5''" 2 
ATOM   505  H "H4'"  . C   A 1 4  ? -1.904  -7.002 0.310   1.00 0.00 ? 4  C   A "H4'"  2 
ATOM   506  H "H3'"  . C   A 1 4  ? -1.614  -5.546 2.919   1.00 0.00 ? 4  C   A "H3'"  2 
ATOM   507  H "H2'"  . C   A 1 4  ? 0.113   -4.285 2.184   1.00 0.00 ? 4  C   A "H2'"  2 
ATOM   508  H "HO2'" . C   A 1 4  ? 1.685   -5.241 1.202   1.00 0.00 ? 4  C   A "HO2'" 2 
ATOM   509  H "H1'"  . C   A 1 4  ? -0.554  -4.145 -0.517  1.00 0.00 ? 4  C   A "H1'"  2 
ATOM   510  H H41    . C   A 1 4  ? -1.223  1.632  2.025   1.00 0.00 ? 4  C   A H41    2 
ATOM   511  H H42    . C   A 1 4  ? -2.664  1.140  2.892   1.00 0.00 ? 4  C   A H42    2 
ATOM   512  H H5     . C   A 1 4  ? -3.506  -1.131 2.864   1.00 0.00 ? 4  C   A H5     2 
ATOM   513  H H6     . C   A 1 4  ? -3.147  -3.391 1.985   1.00 0.00 ? 4  C   A H6     2 
ATOM   514  P P      . DT  A 1 5  ? 0.077   -7.418 3.852   1.00 0.00 ? 5  DT  A P      2 
ATOM   515  O OP1    . DT  A 1 5  ? 0.445   -8.846 3.994   1.00 0.00 ? 5  DT  A OP1    2 
ATOM   516  O OP2    . DT  A 1 5  ? -0.877  -6.797 4.801   1.00 0.00 ? 5  DT  A OP2    2 
ATOM   517  O "O5'"  . DT  A 1 5  ? 1.431   -6.541 3.848   1.00 0.00 ? 5  DT  A "O5'"  2 
ATOM   518  C "C5'"  . DT  A 1 5  ? 2.481   -6.850 2.918   1.00 0.00 ? 5  DT  A "C5'"  2 
ATOM   519  C "C4'"  . DT  A 1 5  ? 3.413   -5.665 2.676   1.00 0.00 ? 5  DT  A "C4'"  2 
ATOM   520  O "O4'"  . DT  A 1 5  ? 2.661   -4.533 2.198   1.00 0.00 ? 5  DT  A "O4'"  2 
ATOM   521  C "C3'"  . DT  A 1 5  ? 4.109   -5.242 3.958   1.00 0.00 ? 5  DT  A "C3'"  2 
ATOM   522  O "O3'"  . DT  A 1 5  ? 5.412   -5.881 4.045   1.00 0.00 ? 5  DT  A "O3'"  2 
ATOM   523  C "C2'"  . DT  A 1 5  ? 4.194   -3.752 3.841   1.00 0.00 ? 5  DT  A "C2'"  2 
ATOM   524  C "C1'"  . DT  A 1 5  ? 3.141   -3.331 2.846   1.00 0.00 ? 5  DT  A "C1'"  2 
ATOM   525  N N1     . DT  A 1 5  ? 2.018   -2.645 3.498   1.00 0.00 ? 5  DT  A N1     2 
ATOM   526  C C2     . DT  A 1 5  ? 1.948   -1.269 3.400   1.00 0.00 ? 5  DT  A C2     2 
ATOM   527  O O2     . DT  A 1 5  ? 2.823   -0.606 2.863   1.00 0.00 ? 5  DT  A O2     2 
ATOM   528  N N3     . DT  A 1 5  ? 0.842   -0.680 3.959   1.00 0.00 ? 5  DT  A N3     2 
ATOM   529  C C4     . DT  A 1 5  ? -0.189  -1.329 4.598   1.00 0.00 ? 5  DT  A C4     2 
ATOM   530  O O4     . DT  A 1 5  ? -1.139  -0.696 5.049   1.00 0.00 ? 5  DT  A O4     2 
ATOM   531  C C5     . DT  A 1 5  ? -0.030  -2.766 4.660   1.00 0.00 ? 5  DT  A C5     2 
ATOM   532  C C7     . DT  A 1 5  ? -1.107  -3.619 5.316   1.00 0.00 ? 5  DT  A C7     2 
ATOM   533  C C6     . DT  A 1 5  ? 1.049   -3.364 4.122   1.00 0.00 ? 5  DT  A C6     2 
ATOM   534  H "H5'"  . DT  A 1 5  ? 2.038   -7.151 1.968   1.00 0.00 ? 5  DT  A "H5'"  2 
ATOM   535  H "H5''" . DT  A 1 5  ? 3.055   -7.669 3.312   1.00 0.00 ? 5  DT  A "H5''" 2 
ATOM   536  H "H4'"  . DT  A 1 5  ? 4.160   -5.936 1.931   1.00 0.00 ? 5  DT  A "H4'"  2 
ATOM   537  H "H3'"  . DT  A 1 5  ? 3.495   -5.507 4.824   1.00 0.00 ? 5  DT  A "H3'"  2 
ATOM   538  H "H2'"  . DT  A 1 5  ? 3.987   -3.289 4.819   1.00 0.00 ? 5  DT  A "H2'"  2 
ATOM   539  H "H2''" . DT  A 1 5  ? 5.176   -3.475 3.453   1.00 0.00 ? 5  DT  A "H2''" 2 
ATOM   540  H "H1'"  . DT  A 1 5  ? 3.586   -2.671 2.103   1.00 0.00 ? 5  DT  A "H1'"  2 
ATOM   541  H H3     . DT  A 1 5  ? 0.781   0.323  3.895   1.00 0.00 ? 5  DT  A H3     2 
ATOM   542  H H71    . DT  A 1 5  ? -0.666  -4.203 6.123   1.00 0.00 ? 5  DT  A H71    2 
ATOM   543  H H72    . DT  A 1 5  ? -1.539  -4.291 4.574   1.00 0.00 ? 5  DT  A H72    2 
ATOM   544  H H73    . DT  A 1 5  ? -1.889  -2.974 5.717   1.00 0.00 ? 5  DT  A H73    2 
ATOM   545  H H6     . DT  A 1 5  ? 1.165   -4.445 4.203   1.00 0.00 ? 5  DT  A H6     2 
ATOM   546  P P      . DT  A 1 6  ? 6.754   -5.127 4.564   1.00 0.00 ? 6  DT  A P      2 
ATOM   547  O OP1    . DT  A 1 6  ? 7.007   -3.966 3.677   1.00 0.00 ? 6  DT  A OP1    2 
ATOM   548  O OP2    . DT  A 1 6  ? 7.806   -6.151 4.746   1.00 0.00 ? 6  DT  A OP2    2 
ATOM   549  O "O5'"  . DT  A 1 6  ? 6.332   -4.580 6.021   1.00 0.00 ? 6  DT  A "O5'"  2 
ATOM   550  C "C5'"  . DT  A 1 6  ? 6.298   -3.173 6.291   1.00 0.00 ? 6  DT  A "C5'"  2 
ATOM   551  C "C4'"  . DT  A 1 6  ? 5.274   -2.831 7.364   1.00 0.00 ? 6  DT  A "C4'"  2 
ATOM   552  O "O4'"  . DT  A 1 6  ? 3.978   -3.388 7.035   1.00 0.00 ? 6  DT  A "O4'"  2 
ATOM   553  C "C3'"  . DT  A 1 6  ? 5.688   -3.388 8.721   1.00 0.00 ? 6  DT  A "C3'"  2 
ATOM   554  O "O3'"  . DT  A 1 6  ? 5.806   -2.337 9.691   1.00 0.00 ? 6  DT  A "O3'"  2 
ATOM   555  C "C2'"  . DT  A 1 6  ? 4.609   -4.347 9.091   1.00 0.00 ? 6  DT  A "C2'"  2 
ATOM   556  C "C1'"  . DT  A 1 6  ? 3.434   -4.018 8.207   1.00 0.00 ? 6  DT  A "C1'"  2 
ATOM   557  N N1     . DT  A 1 6  ? 2.669   -5.225 7.832   1.00 0.00 ? 6  DT  A N1     2 
ATOM   558  C C2     . DT  A 1 6  ? 1.290   -5.147 7.890   1.00 0.00 ? 6  DT  A C2     2 
ATOM   559  O O2     . DT  A 1 6  ? 0.700   -4.131 8.245   1.00 0.00 ? 6  DT  A O2     2 
ATOM   560  N N3     . DT  A 1 6  ? 0.605   -6.279 7.522   1.00 0.00 ? 6  DT  A N3     2 
ATOM   561  C C4     . DT  A 1 6  ? 1.159   -7.468 7.109   1.00 0.00 ? 6  DT  A C4     2 
ATOM   562  O O4     . DT  A 1 6  ? 0.441   -8.417 6.818   1.00 0.00 ? 6  DT  A O4     2 
ATOM   563  C C5     . DT  A 1 6  ? 2.603   -7.467 7.074   1.00 0.00 ? 6  DT  A C5     2 
ATOM   564  C C7     . DT  A 1 6  ? 3.346   -8.722 6.620   1.00 0.00 ? 6  DT  A C7     2 
ATOM   565  C C6     . DT  A 1 6  ? 3.304   -6.373 7.430   1.00 0.00 ? 6  DT  A C6     2 
ATOM   566  H "H5'"  . DT  A 1 6  ? 6.040   -2.639 5.376   1.00 0.00 ? 6  DT  A "H5'"  2 
ATOM   567  H "H5''" . DT  A 1 6  ? 7.284   -2.848 6.624   1.00 0.00 ? 6  DT  A "H5''" 2 
ATOM   568  H "H4'"  . DT  A 1 6  ? 5.185   -1.756 7.439   1.00 0.00 ? 6  DT  A "H4'"  2 
ATOM   569  H "H3'"  . DT  A 1 6  ? 6.635   -3.920 8.623   1.00 0.00 ? 6  DT  A "H3'"  2 
ATOM   570  H "H2'"  . DT  A 1 6  ? 4.956   -5.369 8.884   1.00 0.00 ? 6  DT  A "H2'"  2 
ATOM   571  H "H2''" . DT  A 1 6  ? 4.331   -4.210 10.147  1.00 0.00 ? 6  DT  A "H2''" 2 
ATOM   572  H "H1'"  . DT  A 1 6  ? 2.781   -3.318 8.725   1.00 0.00 ? 6  DT  A "H1'"  2 
ATOM   573  H H3     . DT  A 1 6  ? -0.399  -6.233 7.553   1.00 0.00 ? 6  DT  A H3     2 
ATOM   574  H H71    . DT  A 1 6  ? 2.626   -9.507 6.388   1.00 0.00 ? 6  DT  A H71    2 
ATOM   575  H H72    . DT  A 1 6  ? 4.009   -9.060 7.416   1.00 0.00 ? 6  DT  A H72    2 
ATOM   576  H H73    . DT  A 1 6  ? 3.934   -8.493 5.730   1.00 0.00 ? 6  DT  A H73    2 
ATOM   577  H H6     . DT  A 1 6  ? 4.395   -6.405 7.398   1.00 0.00 ? 6  DT  A H6     2 
ATOM   578  P P      . DC  A 1 7  ? 7.009   -1.265 9.593   1.00 0.00 ? 7  DC  A P      2 
ATOM   579  O OP1    . DC  A 1 7  ? 8.269   -2.002 9.349   1.00 0.00 ? 7  DC  A OP1    2 
ATOM   580  O OP2    . DC  A 1 7  ? 6.904   -0.350 10.751  1.00 0.00 ? 7  DC  A OP2    2 
ATOM   581  O "O5'"  . DC  A 1 7  ? 6.629   -0.436 8.259   1.00 0.00 ? 7  DC  A "O5'"  2 
ATOM   582  C "C5'"  . DC  A 1 7  ? 7.589   0.402  7.590   1.00 0.00 ? 7  DC  A "C5'"  2 
ATOM   583  C "C4'"  . DC  A 1 7  ? 7.097   1.847  7.484   1.00 0.00 ? 7  DC  A "C4'"  2 
ATOM   584  O "O4'"  . DC  A 1 7  ? 5.777   1.889  6.886   1.00 0.00 ? 7  DC  A "O4'"  2 
ATOM   585  C "C3'"  . DC  A 1 7  ? 6.994   2.493  8.865   1.00 0.00 ? 7  DC  A "C3'"  2 
ATOM   586  O "O3'"  . DC  A 1 7  ? 7.613   3.791  8.871   1.00 0.00 ? 7  DC  A "O3'"  2 
ATOM   587  C "C2'"  . DC  A 1 7  ? 5.532   2.593  9.125   1.00 0.00 ? 7  DC  A "C2'"  2 
ATOM   588  C "C1'"  . DC  A 1 7  ? 4.868   2.576  7.773   1.00 0.00 ? 7  DC  A "C1'"  2 
ATOM   589  N N1     . DC  A 1 7  ? 3.580   1.860  7.828   1.00 0.00 ? 7  DC  A N1     2 
ATOM   590  C C2     . DC  A 1 7  ? 2.408   2.596  7.704   1.00 0.00 ? 7  DC  A C2     2 
ATOM   591  O O2     . DC  A 1 7  ? 2.450   3.818  7.574   1.00 0.00 ? 7  DC  A O2     2 
ATOM   592  N N3     . DC  A 1 7  ? 1.225   1.925  7.735   1.00 0.00 ? 7  DC  A N3     2 
ATOM   593  C C4     . DC  A 1 7  ? 1.194   0.596  7.882   1.00 0.00 ? 7  DC  A C4     2 
ATOM   594  N N4     . DC  A 1 7  ? 0.024   -0.025 7.905   1.00 0.00 ? 7  DC  A N4     2 
ATOM   595  C C5     . DC  A 1 7  ? 2.395   -0.159 8.011   1.00 0.00 ? 7  DC  A C5     2 
ATOM   596  C C6     . DC  A 1 7  ? 3.558   0.508  7.979   1.00 0.00 ? 7  DC  A C6     2 
ATOM   597  H "H5'"  . DC  A 1 7  ? 7.757   0.013  6.586   1.00 0.00 ? 7  DC  A "H5'"  2 
ATOM   598  H "H5''" . DC  A 1 7  ? 8.532   0.386  8.140   1.00 0.00 ? 7  DC  A "H5''" 2 
ATOM   599  H "H4'"  . DC  A 1 7  ? 7.784   2.421  6.865   1.00 0.00 ? 7  DC  A "H4'"  2 
ATOM   600  H "H3'"  . DC  A 1 7  ? 7.461   1.846  9.614   1.00 0.00 ? 7  DC  A "H3'"  2 
ATOM   601  H "H2'"  . DC  A 1 7  ? 5.209   1.711  9.702   1.00 0.00 ? 7  DC  A "H2'"  2 
ATOM   602  H "H2''" . DC  A 1 7  ? 5.302   3.536  9.644   1.00 0.00 ? 7  DC  A "H2''" 2 
ATOM   603  H "H1'"  . DC  A 1 7  ? 4.710   3.597  7.426   1.00 0.00 ? 7  DC  A "H1'"  2 
ATOM   604  H H41    . DC  A 1 7  ? -0.830  0.504  7.814   1.00 0.00 ? 7  DC  A H41    2 
ATOM   605  H H42    . DC  A 1 7  ? -0.012  -1.030 8.014   1.00 0.00 ? 7  DC  A H42    2 
ATOM   606  H H5     . DC  A 1 7  ? 2.370   -1.242 8.131   1.00 0.00 ? 7  DC  A H5     2 
ATOM   607  H H6     . DC  A 1 7  ? 4.494   -0.037 8.079   1.00 0.00 ? 7  DC  A H6     2 
ATOM   608  P P      . DG  A 1 8  ? 9.217   3.940  8.755   1.00 0.00 ? 8  DG  A P      2 
ATOM   609  O OP1    . DG  A 1 8  ? 9.840   2.863  9.557   1.00 0.00 ? 8  DG  A OP1    2 
ATOM   610  O OP2    . DG  A 1 8  ? 9.572   5.354  9.018   1.00 0.00 ? 8  DG  A OP2    2 
ATOM   611  O "O5'"  . DG  A 1 8  ? 9.500   3.623  7.192   1.00 0.00 ? 8  DG  A "O5'"  2 
ATOM   612  C "C5'"  . DG  A 1 8  ? 9.621   4.681  6.214   1.00 0.00 ? 8  DG  A "C5'"  2 
ATOM   613  C "C4'"  . DG  A 1 8  ? 8.591   4.571  5.098   1.00 0.00 ? 8  DG  A "C4'"  2 
ATOM   614  O "O4'"  . DG  A 1 8  ? 7.241   4.657  5.634   1.00 0.00 ? 8  DG  A "O4'"  2 
ATOM   615  C "C3'"  . DG  A 1 8  ? 8.756   5.701  4.079   1.00 0.00 ? 8  DG  A "C3'"  2 
ATOM   616  O "O3'"  . DG  A 1 8  ? 8.818   5.195  2.732   1.00 0.00 ? 8  DG  A "O3'"  2 
ATOM   617  C "C2'"  . DG  A 1 8  ? 7.552   6.557  4.269   1.00 0.00 ? 8  DG  A "C2'"  2 
ATOM   618  C "C1'"  . DG  A 1 8  ? 6.518   5.690  4.933   1.00 0.00 ? 8  DG  A "C1'"  2 
ATOM   619  N N9     . DG  A 1 8  ? 5.701   6.480  5.863   1.00 0.00 ? 8  DG  A N9     2 
ATOM   620  C C8     . DG  A 1 8  ? 6.104   7.264  6.875   1.00 0.00 ? 8  DG  A C8     2 
ATOM   621  N N7     . DG  A 1 8  ? 5.202   7.868  7.570   1.00 0.00 ? 8  DG  A N7     2 
ATOM   622  C C5     . DG  A 1 8  ? 4.027   7.432  6.943   1.00 0.00 ? 8  DG  A C5     2 
ATOM   623  C C6     . DG  A 1 8  ? 2.669   7.737  7.231   1.00 0.00 ? 8  DG  A C6     2 
ATOM   624  O O6     . DG  A 1 8  ? 2.217   8.465  8.107   1.00 0.00 ? 8  DG  A O6     2 
ATOM   625  N N1     . DG  A 1 8  ? 1.809   7.090  6.361   1.00 0.00 ? 8  DG  A N1     2 
ATOM   626  C C2     . DG  A 1 8  ? 2.196   6.256  5.339   1.00 0.00 ? 8  DG  A C2     2 
ATOM   627  N N2     . DG  A 1 8  ? 1.226   5.732  4.608   1.00 0.00 ? 8  DG  A N2     2 
ATOM   628  N N3     . DG  A 1 8  ? 3.464   5.961  5.057   1.00 0.00 ? 8  DG  A N3     2 
ATOM   629  C C4     . DG  A 1 8  ? 4.327   6.579  5.892   1.00 0.00 ? 8  DG  A C4     2 
ATOM   630  H "H5'"  . DG  A 1 8  ? 10.584  4.616  5.737   1.00 0.00 ? 8  DG  A "H5'"  2 
ATOM   631  H "H5''" . DG  A 1 8  ? 9.523   5.652  6.734   1.00 0.00 ? 8  DG  A "H5''" 2 
ATOM   632  H "H4'"  . DG  A 1 8  ? 8.713   3.616  4.596   1.00 0.00 ? 8  DG  A "H4'"  2 
ATOM   633  H "H3'"  . DG  A 1 8  ? 9.657   6.274  4.311   1.00 0.00 ? 8  DG  A "H3'"  2 
ATOM   634  H "H2'"  . DG  A 1 8  ? 7.809   7.399  4.932   1.00 0.00 ? 8  DG  A "H2'"  2 
ATOM   635  H "H2''" . DG  A 1 8  ? 7.177   6.899  3.291   1.00 0.00 ? 8  DG  A "H2''" 2 
ATOM   636  H "H1'"  . DG  A 1 8  ? 5.882   5.244  4.187   1.00 0.00 ? 8  DG  A "H1'"  2 
ATOM   637  H H8     . DG  A 1 8  ? 7.159   7.385  7.089   1.00 0.00 ? 8  DG  A H8     2 
ATOM   638  H H1     . DG  A 1 8  ? 0.827   7.254  6.511   1.00 0.00 ? 8  DG  A H1     2 
ATOM   639  H H21    . DG  A 1 8  ? 0.262   5.947  4.813   1.00 0.00 ? 8  DG  A H21    2 
ATOM   640  H H22    . DG  A 1 8  ? 1.456   5.117  3.842   1.00 0.00 ? 8  DG  A H22    2 
HETATM 641  P P      . GFL A 1 9  ? 9.435   6.097  1.539   1.00 0.00 ? 9  GFL A P      2 
HETATM 642  O O1P    . GFL A 1 9  ? 10.884  6.261  1.787   1.00 0.00 ? 9  GFL A O1P    2 
HETATM 643  O O2P    . GFL A 1 9  ? 8.583   7.293  1.367   1.00 0.00 ? 9  GFL A O2P    2 
HETATM 644  O "O5'"  . GFL A 1 9  ? 9.254   5.153  0.239   1.00 0.00 ? 9  GFL A "O5'"  2 
HETATM 645  C "C5'"  . GFL A 1 9  ? 9.841   3.839  0.208   1.00 0.00 ? 9  GFL A "C5'"  2 
HETATM 646  C "C4'"  . GFL A 1 9  ? 8.834   2.751  -0.119  1.00 0.00 ? 9  GFL A "C4'"  2 
HETATM 647  O "O4'"  . GFL A 1 9  ? 7.658   2.866  0.715   1.00 0.00 ? 9  GFL A "O4'"  2 
HETATM 648  C "C3'"  . GFL A 1 9  ? 8.353   2.833  -1.583  1.00 0.00 ? 9  GFL A "C3'"  2 
HETATM 649  O "O3'"  . GFL A 1 9  ? 8.906   1.732  -2.356  1.00 0.00 ? 9  GFL A "O3'"  2 
HETATM 650  C "C2'"  . GFL A 1 9  ? 6.846   2.733  -1.474  1.00 0.00 ? 9  GFL A "C2'"  2 
HETATM 651  C "C1'"  . GFL A 1 9  ? 6.607   2.291  -0.045  1.00 0.00 ? 9  GFL A "C1'"  2 
HETATM 652  N N9     . GFL A 1 9  ? 5.250   2.638  0.438   1.00 0.00 ? 9  GFL A N9     2 
HETATM 653  C C8     . GFL A 1 9  ? 4.736   3.776  0.988   1.00 0.00 ? 9  GFL A C8     2 
HETATM 654  N N7     . GFL A 1 9  ? 3.488   3.748  1.346   1.00 0.00 ? 9  GFL A N7     2 
HETATM 655  C C5     . GFL A 1 9  ? 3.120   2.439  0.996   1.00 0.00 ? 9  GFL A C5     2 
HETATM 656  C C6     . GFL A 1 9  ? 1.871   1.752  1.126   1.00 0.00 ? 9  GFL A C6     2 
HETATM 657  O O6     . GFL A 1 9  ? 0.808   2.155  1.602   1.00 0.00 ? 9  GFL A O6     2 
HETATM 658  N N1     . GFL A 1 9  ? 1.960   0.457  0.643   1.00 0.00 ? 9  GFL A N1     2 
HETATM 659  C C2     . GFL A 1 9  ? 3.093   -0.116 0.105   1.00 0.00 ? 9  GFL A C2     2 
HETATM 660  N N2     . GFL A 1 9  ? 2.995   -1.366 -0.302  1.00 0.00 ? 9  GFL A N2     2 
HETATM 661  N N3     . GFL A 1 9  ? 4.246   0.509  -0.017  1.00 0.00 ? 9  GFL A N3     2 
HETATM 662  C C4     . GFL A 1 9  ? 4.196   1.770  0.442   1.00 0.00 ? 9  GFL A C4     2 
HETATM 663  F F      . GFL A 1 9  ? 6.276   3.956  -1.706  1.00 0.00 ? 9  GFL A F      2 
HETATM 664  H "H5'1" . GFL A 1 9  ? 10.231  3.598  1.183   1.00 0.00 ? 9  GFL A "H5'1" 2 
HETATM 665  H "H5'2" . GFL A 1 9  ? 10.663  3.841  -0.533  1.00 0.00 ? 9  GFL A "H5'2" 2 
HETATM 666  H "H4'"  . GFL A 1 9  ? 9.289   1.776  0.050   1.00 0.00 ? 9  GFL A "H4'"  2 
HETATM 667  H "H3'"  . GFL A 1 9  ? 8.632   3.799  -2.017  1.00 0.00 ? 9  GFL A "H3'"  2 
HETATM 668  H "H2'"  . GFL A 1 9  ? 6.454   1.990  -2.165  1.00 0.00 ? 9  GFL A "H2'"  2 
HETATM 669  H "H1'"  . GFL A 1 9  ? 6.730   1.201  0.007   1.00 0.00 ? 9  GFL A "H1'"  2 
HETATM 670  H H8     . GFL A 1 9  ? 5.339   4.681  1.118   1.00 0.00 ? 9  GFL A H8     2 
HETATM 671  H HN1    . GFL A 1 9  ? 1.120   -0.094 0.707   1.00 0.00 ? 9  GFL A HN1    2 
HETATM 672  H HN21   . GFL A 1 9  ? 2.113   -1.860 -0.215  1.00 0.00 ? 9  GFL A HN21   2 
HETATM 673  H HN22   . GFL A 1 9  ? 3.797   -1.829 -0.699  1.00 0.00 ? 9  GFL A HN22   2 
HETATM 674  P P      . TAF A 1 10 ? 8.792   1.665  -3.973  1.00 0.00 ? 10 TAF A P      2 
HETATM 675  O OP1    . TAF A 1 10 ? 9.960   0.919  -4.483  1.00 0.00 ? 10 TAF A OP1    2 
HETATM 676  O OP2    . TAF A 1 10 ? 8.529   3.036  -4.463  1.00 0.00 ? 10 TAF A OP2    2 
HETATM 677  O "O5'"  . TAF A 1 10 ? 7.465   0.776  -4.234  1.00 0.00 ? 10 TAF A "O5'"  2 
HETATM 678  N N1     . TAF A 1 10 ? 3.080   0.393  -3.578  1.00 0.00 ? 10 TAF A N1     2 
HETATM 679  C C6     . TAF A 1 10 ? 3.490   1.690  -3.330  1.00 0.00 ? 10 TAF A C6     2 
HETATM 680  C C2     . TAF A 1 10 ? 1.827   -0.045 -3.182  1.00 0.00 ? 10 TAF A C2     2 
HETATM 681  O O2     . TAF A 1 10 ? 1.435   -1.189 -3.389  1.00 0.00 ? 10 TAF A O2     2 
HETATM 682  N N3     . TAF A 1 10 ? 1.035   0.870  -2.541  1.00 0.00 ? 10 TAF A N3     2 
HETATM 683  C C4     . TAF A 1 10 ? 1.359   2.172  -2.253  1.00 0.00 ? 10 TAF A C4     2 
HETATM 684  O O4     . TAF A 1 10 ? 0.554   2.895  -1.671  1.00 0.00 ? 10 TAF A O4     2 
HETATM 685  C C5     . TAF A 1 10 ? 2.680   2.564  -2.693  1.00 0.00 ? 10 TAF A C5     2 
HETATM 686  C C5M    . TAF A 1 10 ? 3.166   3.989  -2.431  1.00 0.00 ? 10 TAF A C5M    2 
HETATM 687  F "F2'"  . TAF A 1 10 ? 3.905   1.007  -6.035  1.00 0.00 ? 10 TAF A "F2'"  2 
HETATM 688  C "C2'"  . TAF A 1 10 ? 3.994   -0.334 -5.776  1.00 0.00 ? 10 TAF A "C2'"  2 
HETATM 689  C "C5'"  . TAF A 1 10 ? 7.495   -0.529 -4.880  1.00 0.00 ? 10 TAF A "C5'"  2 
HETATM 690  C "C4'"  . TAF A 1 10 ? 6.086   -1.146 -4.895  1.00 0.00 ? 10 TAF A "C4'"  2 
HETATM 691  O "O4'"  . TAF A 1 10 ? 5.288   -0.572 -3.833  1.00 0.00 ? 10 TAF A "O4'"  2 
HETATM 692  C "C1'"  . TAF A 1 10 ? 3.941   -0.596 -4.283  1.00 0.00 ? 10 TAF A "C1'"  2 
HETATM 693  C "C3'"  . TAF A 1 10 ? 5.342   -0.863 -6.214  1.00 0.00 ? 10 TAF A "C3'"  2 
HETATM 694  O "O3'"  . TAF A 1 10 ? 5.215   -2.096 -6.979  1.00 0.00 ? 10 TAF A "O3'"  2 
HETATM 695  H H6     . TAF A 1 10 ? 4.479   2.030  -3.656  1.00 0.00 ? 10 TAF A H6     2 
HETATM 696  H H3     . TAF A 1 10 ? 0.122   0.558  -2.259  1.00 0.00 ? 10 TAF A H3     2 
HETATM 697  H H71    . TAF A 1 10 ? 2.369   4.562  -1.955  1.00 0.00 ? 10 TAF A H71    2 
HETATM 698  H H72    . TAF A 1 10 ? 3.439   4.459  -3.377  1.00 0.00 ? 10 TAF A H72    2 
HETATM 699  H H73    . TAF A 1 10 ? 4.035   3.961  -1.775  1.00 0.00 ? 10 TAF A H73    2 
HETATM 700  H "H2'"  . TAF A 1 10 ? 3.192   -0.872 -6.276  1.00 0.00 ? 10 TAF A "H2'"  2 
HETATM 701  H "H5'"  . TAF A 1 10 ? 8.185   -1.209 -4.355  1.00 0.00 ? 10 TAF A "H5'"  2 
HETATM 702  H "H5''" . TAF A 1 10 ? 7.841   -0.410 -5.908  1.00 0.00 ? 10 TAF A "H5''" 2 
HETATM 703  H "H4'"  . TAF A 1 10 ? 6.143   -2.220 -4.742  1.00 0.00 ? 10 TAF A "H4'"  2 
HETATM 704  H "H1'"  . TAF A 1 10 ? 3.560   -1.603 -4.107  1.00 0.00 ? 10 TAF A "H1'"  2 
HETATM 705  H "H3'"  . TAF A 1 10 ? 5.871   -0.097 -6.789  1.00 0.00 ? 10 TAF A "H3'"  2 
HETATM 706  P P      . CFL A 1 11 ? 4.704   -2.129 -8.521  1.00 0.00 ? 11 CFL A P      2 
HETATM 707  O O1P    . CFL A 1 11 ? 5.318   -3.301 -9.177  1.00 0.00 ? 11 CFL A O1P    2 
HETATM 708  O O2P    . CFL A 1 11 ? 4.906   -0.780 -9.092  1.00 0.00 ? 11 CFL A O2P    2 
HETATM 709  O "O5'"  . CFL A 1 11 ? 3.111   -2.392 -8.397  1.00 0.00 ? 11 CFL A "O5'"  2 
HETATM 710  C "C5'"  . CFL A 1 11 ? 2.461   -3.614 -8.862  1.00 0.00 ? 11 CFL A "C5'"  2 
HETATM 711  C "C4'"  . CFL A 1 11 ? 0.978   -3.603 -8.456  1.00 0.00 ? 11 CFL A "C4'"  2 
HETATM 712  O "O4'"  . CFL A 1 11 ? 0.802   -2.756 -7.319  1.00 0.00 ? 11 CFL A "O4'"  2 
HETATM 713  C "C3'"  . CFL A 1 11 ? 0.080   -3.052 -9.566  1.00 0.00 ? 11 CFL A "C3'"  2 
HETATM 714  O "O3'"  . CFL A 1 11 ? -0.650  -4.124 -10.202 1.00 0.00 ? 11 CFL A "O3'"  2 
HETATM 715  C "C2'"  . CFL A 1 11 ? -0.856  -2.099 -8.879  1.00 0.00 ? 11 CFL A "C2'"  2 
HETATM 716  C "C1'"  . CFL A 1 11 ? -0.490  -2.169 -7.402  1.00 0.00 ? 11 CFL A "C1'"  2 
HETATM 717  N N1     . CFL A 1 11 ? -0.496  -0.831 -6.757  1.00 0.00 ? 11 CFL A N1     2 
HETATM 718  C C2     . CFL A 1 11 ? -1.562  -0.521 -5.928  1.00 0.00 ? 11 CFL A C2     2 
HETATM 719  O O2     . CFL A 1 11 ? -2.492  -1.313 -5.784  1.00 0.00 ? 11 CFL A O2     2 
HETATM 720  N N3     . CFL A 1 11 ? -1.558  0.680  -5.295  1.00 0.00 ? 11 CFL A N3     2 
HETATM 721  C C4     . CFL A 1 11 ? -0.560  1.548  -5.459  1.00 0.00 ? 11 CFL A C4     2 
HETATM 722  N N4     . CFL A 1 11 ? -0.605  2.709  -4.813  1.00 0.00 ? 11 CFL A N4     2 
HETATM 723  C C5     . CFL A 1 11 ? 0.544   1.247  -6.311  1.00 0.00 ? 11 CFL A C5     2 
HETATM 724  C C6     . CFL A 1 11 ? 0.541   0.056  -6.945  1.00 0.00 ? 11 CFL A C6     2 
HETATM 725  F F      . CFL A 1 11 ? -0.700  -0.831 -9.365  1.00 0.00 ? 11 CFL A F      2 
HETATM 726  H "H5'1" . CFL A 1 11 ? 2.951   -4.506 -8.437  1.00 0.00 ? 11 CFL A "H5'1" 2 
HETATM 727  H "H5'2" . CFL A 1 11 ? 2.531   -3.665 -9.948  1.00 0.00 ? 11 CFL A "H5'2" 2 
HETATM 728  H "H4'"  . CFL A 1 11 ? 0.640   -4.598 -8.191  1.00 0.00 ? 11 CFL A "H4'"  2 
HETATM 729  H "H3'"  . CFL A 1 11 ? 0.683   -2.509 -10.298 1.00 0.00 ? 11 CFL A "H3'"  2 
HETATM 730  H "H2'"  . CFL A 1 11 ? -1.887  -2.444 -9.021  1.00 0.00 ? 11 CFL A "H2'"  2 
HETATM 731  H "H1'"  . CFL A 1 11 ? -1.187  -2.827 -6.895  1.00 0.00 ? 11 CFL A "H1'"  2 
HETATM 732  H HN41   . CFL A 1 11 ? -1.392  2.921  -4.206  1.00 0.00 ? 11 CFL A HN41   2 
HETATM 733  H HN42   . CFL A 1 11 ? 0.142   3.380  -4.923  1.00 0.00 ? 11 CFL A HN42   2 
HETATM 734  H H5     . CFL A 1 11 ? 1.369   1.952  -6.437  1.00 0.00 ? 11 CFL A H5     2 
HETATM 735  H H6     . CFL A 1 11 ? 1.360   -0.191 -7.625  1.00 0.00 ? 11 CFL A H6     2 
HETATM 736  P P      . CFL A 1 12 ? -1.538  -3.874 -11.531 1.00 0.00 ? 12 CFL A P      2 
HETATM 737  O O1P    . CFL A 1 12 ? -1.736  -5.177 -12.200 1.00 0.00 ? 12 CFL A O1P    2 
HETATM 738  O O2P    . CFL A 1 12 ? -0.930  -2.750 -12.273 1.00 0.00 ? 12 CFL A O2P    2 
HETATM 739  O "O5'"  . CFL A 1 12 ? -2.966  -3.378 -10.946 1.00 0.00 ? 12 CFL A "O5'"  2 
HETATM 740  C "C5'"  . CFL A 1 12 ? -4.020  -4.313 -10.609 1.00 0.00 ? 12 CFL A "C5'"  2 
HETATM 741  C "C4'"  . CFL A 1 12 ? -5.255  -3.583 -10.064 1.00 0.00 ? 12 CFL A "C4'"  2 
HETATM 742  O "O4'"  . CFL A 1 12 ? -4.857  -2.555 -9.160  1.00 0.00 ? 12 CFL A "O4'"  2 
HETATM 743  C "C3'"  . CFL A 1 12 ? -6.054  -2.916 -11.180 1.00 0.00 ? 12 CFL A "C3'"  2 
HETATM 744  O "O3'"  . CFL A 1 12 ? -7.262  -3.642 -11.453 1.00 0.00 ? 12 CFL A "O3'"  2 
HETATM 745  C "C2'"  . CFL A 1 12 ? -6.353  -1.528 -10.693 1.00 0.00 ? 12 CFL A "C2'"  2 
HETATM 746  C "C1'"  . CFL A 1 12 ? -5.781  -1.470 -9.279  1.00 0.00 ? 12 CFL A "C1'"  2 
HETATM 747  N N1     . CFL A 1 12 ? -5.066  -0.197 -9.038  1.00 0.00 ? 12 CFL A N1     2 
HETATM 748  C C2     . CFL A 1 12 ? -5.676  0.772  -8.250  1.00 0.00 ? 12 CFL A C2     2 
HETATM 749  O O2     . CFL A 1 12 ? -6.785  0.572  -7.756  1.00 0.00 ? 12 CFL A O2     2 
HETATM 750  N N3     . CFL A 1 12 ? -5.007  1.940  -8.038  1.00 0.00 ? 12 CFL A N3     2 
HETATM 751  C C4     . CFL A 1 12 ? -3.797  2.148  -8.574  1.00 0.00 ? 12 CFL A C4     2 
HETATM 752  N N4     . CFL A 1 12 ? -3.171  3.294  -8.343  1.00 0.00 ? 12 CFL A N4     2 
HETATM 753  C C5     . CFL A 1 12 ? -3.168  1.160  -9.382  1.00 0.00 ? 12 CFL A C5     2 
HETATM 754  C C6     . CFL A 1 12 ? -3.822  0.012  -9.587  1.00 0.00 ? 12 CFL A C6     2 
HETATM 755  F F      . CFL A 1 12 ? -5.760  -0.599 -11.501 1.00 0.00 ? 12 CFL A F      2 
HETATM 756  H "H5'1" . CFL A 1 12 ? -3.656  -5.007 -9.856  1.00 0.00 ? 12 CFL A "H5'1" 2 
HETATM 757  H "H5'2" . CFL A 1 12 ? -4.302  -4.876 -11.500 1.00 0.00 ? 12 CFL A "H5'2" 2 
HETATM 758  H "H4'"  . CFL A 1 12 ? -5.901  -4.273 -9.530  1.00 0.00 ? 12 CFL A "H4'"  2 
HETATM 759  H "H3'"  . CFL A 1 12 ? -5.439  -2.854 -12.083 1.00 0.00 ? 12 CFL A "H3'"  2 
HETATM 760  H "HO3'" . CFL A 1 12 ? -7.620  -3.933 -10.610 1.00 0.00 ? 12 CFL A "HO3'" 2 
HETATM 761  H "H2'"  . CFL A 1 12 ? -7.449  -1.374 -10.663 1.00 0.00 ? 12 CFL A "H2'"  2 
HETATM 762  H "H1'"  . CFL A 1 12 ? -6.583  -1.602 -8.559  1.00 0.00 ? 12 CFL A "H1'"  2 
HETATM 763  H HN41   . CFL A 1 12 ? -3.612  4.003  -7.767  1.00 0.00 ? 12 CFL A HN41   2 
HETATM 764  H HN42   . CFL A 1 12 ? -2.257  3.460  -8.739  1.00 0.00 ? 12 CFL A HN42   2 
HETATM 765  H H5     . CFL A 1 12 ? -2.190  1.336  -9.827  1.00 0.00 ? 12 CFL A H5     2 
HETATM 766  H H6     . CFL A 1 12 ? -3.348  -0.770 -10.190 1.00 0.00 ? 12 CFL A H6     2 
ATOM   767  O "O5'"  . G   A 1 1  ? -8.843  8.030  -1.376  1.00 0.00 ? 1  G   A "O5'"  3 
ATOM   768  C "C5'"  . G   A 1 1  ? -10.277 8.130  -1.298  1.00 0.00 ? 1  G   A "C5'"  3 
ATOM   769  C "C4'"  . G   A 1 1  ? -10.982 7.130  -2.196  1.00 0.00 ? 1  G   A "C4'"  3 
ATOM   770  O "O4'"  . G   A 1 1  ? -10.628 7.324  -3.584  1.00 0.00 ? 1  G   A "O4'"  3 
ATOM   771  C "C3'"  . G   A 1 1  ? -10.572 5.718  -1.851  1.00 0.00 ? 1  G   A "C3'"  3 
ATOM   772  O "O3'"  . G   A 1 1  ? -11.393 5.156  -0.820  1.00 0.00 ? 1  G   A "O3'"  3 
ATOM   773  C "C2'"  . G   A 1 1  ? -10.717 4.982  -3.141  1.00 0.00 ? 1  G   A "C2'"  3 
ATOM   774  O "O2'"  . G   A 1 1  ? -12.056 4.490  -3.284  1.00 0.00 ? 1  G   A "O2'"  3 
ATOM   775  C "C1'"  . G   A 1 1  ? -10.398 6.028  -4.196  1.00 0.00 ? 1  G   A "C1'"  3 
ATOM   776  N N9     . G   A 1 1  ? -8.988  5.929  -4.612  1.00 0.00 ? 1  G   A N9     3 
ATOM   777  C C8     . G   A 1 1  ? -7.973  6.797  -4.391  1.00 0.00 ? 1  G   A C8     3 
ATOM   778  N N7     . G   A 1 1  ? -6.810  6.488  -4.847  1.00 0.00 ? 1  G   A N7     3 
ATOM   779  C C5     . G   A 1 1  ? -7.061  5.254  -5.456  1.00 0.00 ? 1  G   A C5     3 
ATOM   780  C C6     . G   A 1 1  ? -6.183  4.381  -6.147  1.00 0.00 ? 1  G   A C6     3 
ATOM   781  O O6     . G   A 1 1  ? -4.984  4.522  -6.372  1.00 0.00 ? 1  G   A O6     3 
ATOM   782  N N1     . G   A 1 1  ? -6.841  3.251  -6.595  1.00 0.00 ? 1  G   A N1     3 
ATOM   783  C C2     . G   A 1 1  ? -8.177  2.981  -6.407  1.00 0.00 ? 1  G   A C2     3 
ATOM   784  N N2     . G   A 1 1  ? -8.621  1.841  -6.911  1.00 0.00 ? 1  G   A N2     3 
ATOM   785  N N3     . G   A 1 1  ? -9.014  3.790  -5.764  1.00 0.00 ? 1  G   A N3     3 
ATOM   786  C C4     . G   A 1 1  ? -8.398  4.904  -5.314  1.00 0.00 ? 1  G   A C4     3 
ATOM   787  H "H5'"  . G   A 1 1  ? -10.590 9.104  -1.632  1.00 0.00 ? 1  G   A "H5'"  3 
ATOM   788  H "H5''" . G   A 1 1  ? -10.577 7.978  -0.245  1.00 0.00 ? 1  G   A "H5''" 3 
ATOM   789  H "H4'"  . G   A 1 1  ? -12.059 7.233  -2.086  1.00 0.00 ? 1  G   A "H4'"  3 
ATOM   790  H "H3'"  . G   A 1 1  ? -9.518  5.711  -1.556  1.00 0.00 ? 1  G   A "H3'"  3 
ATOM   791  H "H2'"  . G   A 1 1  ? -10.000 4.164  -3.197  1.00 0.00 ? 1  G   A "H2'"  3 
ATOM   792  H "HO2'" . G   A 1 1  ? -12.419 4.406  -2.394  1.00 0.00 ? 1  G   A "HO2'" 3 
ATOM   793  H "H1'"  . G   A 1 1  ? -11.048 5.900  -5.061  1.00 0.00 ? 1  G   A "H1'"  3 
ATOM   794  H H8     . G   A 1 1  ? -8.135  7.719  -3.833  1.00 0.00 ? 1  G   A H8     3 
ATOM   795  H H1     . G   A 1 1  ? -6.276  2.585  -7.099  1.00 0.00 ? 1  G   A H1     3 
ATOM   796  H H21    . G   A 1 1  ? -7.986  1.219  -7.398  1.00 0.00 ? 1  G   A H21    3 
ATOM   797  H H22    . G   A 1 1  ? -9.592  1.590  -6.804  1.00 0.00 ? 1  G   A H22    3 
ATOM   798  H "HO5'" . G   A 1 1  ? -8.600  7.143  -1.090  1.00 0.00 ? 1  G   A "HO5'" 3 
ATOM   799  P P      . G   A 1 2  ? -10.749 4.176  0.284   1.00 0.00 ? 2  G   A P      3 
ATOM   800  O OP1    . G   A 1 2  ? -11.778 3.893  1.307   1.00 0.00 ? 2  G   A OP1    3 
ATOM   801  O OP2    . G   A 1 2  ? -9.435  4.724  0.686   1.00 0.00 ? 2  G   A OP2    3 
ATOM   802  O "O5'"  . G   A 1 2  ? -10.503 2.835  -0.571  1.00 0.00 ? 2  G   A "O5'"  3 
ATOM   803  C "C5'"  . G   A 1 2  ? -11.624 2.116  -1.121  1.00 0.00 ? 2  G   A "C5'"  3 
ATOM   804  C "C4'"  . G   A 1 2  ? -11.211 0.964  -2.014  1.00 0.00 ? 2  G   A "C4'"  3 
ATOM   805  O "O4'"  . G   A 1 2  ? -10.508 1.413  -3.193  1.00 0.00 ? 2  G   A "O4'"  3 
ATOM   806  C "C3'"  . G   A 1 2  ? -10.277 0.028  -1.287  1.00 0.00 ? 2  G   A "C3'"  3 
ATOM   807  O "O3'"  . G   A 1 2  ? -11.001 -0.966 -0.549  1.00 0.00 ? 2  G   A "O3'"  3 
ATOM   808  C "C2'"  . G   A 1 2  ? -9.430  -0.560 -2.377  1.00 0.00 ? 2  G   A "C2'"  3 
ATOM   809  O "O2'"  . G   A 1 2  ? -9.998  -1.787 -2.868  1.00 0.00 ? 2  G   A "O2'"  3 
ATOM   810  C "C1'"  . G   A 1 2  ? -9.403  0.510  -3.457  1.00 0.00 ? 2  G   A "C1'"  3 
ATOM   811  N N9     . G   A 1 2  ? -8.115  1.243  -3.439  1.00 0.00 ? 2  G   A N9     3 
ATOM   812  C C8     . G   A 1 2  ? -7.770  2.376  -2.778  1.00 0.00 ? 2  G   A C8     3 
ATOM   813  N N7     . G   A 1 2  ? -6.570  2.825  -2.943  1.00 0.00 ? 2  G   A N7     3 
ATOM   814  C C5     . G   A 1 2  ? -6.031  1.877  -3.822  1.00 0.00 ? 2  G   A C5     3 
ATOM   815  C C6     . G   A 1 2  ? -4.733  1.794  -4.397  1.00 0.00 ? 2  G   A C6     3 
ATOM   816  O O6     . G   A 1 2  ? -3.779  2.557  -4.259  1.00 0.00 ? 2  G   A O6     3 
ATOM   817  N N1     . G   A 1 2  ? -4.615  0.685  -5.215  1.00 0.00 ? 2  G   A N1     3 
ATOM   818  C C2     . G   A 1 2  ? -5.612  -0.232 -5.458  1.00 0.00 ? 2  G   A C2     3 
ATOM   819  N N2     . G   A 1 2  ? -5.308  -1.233 -6.269  1.00 0.00 ? 2  G   A N2     3 
ATOM   820  N N3     . G   A 1 2  ? -6.827  -0.165 -4.931  1.00 0.00 ? 2  G   A N3     3 
ATOM   821  C C4     . G   A 1 2  ? -6.974  0.906  -4.126  1.00 0.00 ? 2  G   A C4     3 
ATOM   822  H "H5'"  . G   A 1 2  ? -12.210 2.775  -1.736  1.00 0.00 ? 2  G   A "H5'"  3 
ATOM   823  H "H5''" . G   A 1 2  ? -12.238 1.744  -0.278  1.00 0.00 ? 2  G   A "H5''" 3 
ATOM   824  H "H4'"  . G   A 1 2  ? -12.097 0.415  -2.320  1.00 0.00 ? 2  G   A "H4'"  3 
ATOM   825  H "H3'"  . G   A 1 2  ? -9.632  0.610  -0.618  1.00 0.00 ? 2  G   A "H3'"  3 
ATOM   826  H "H2'"  . G   A 1 2  ? -8.421  -0.734 -2.015  1.00 0.00 ? 2  G   A "H2'"  3 
ATOM   827  H "HO2'" . G   A 1 2  ? -9.743  -2.484 -2.252  1.00 0.00 ? 2  G   A "HO2'" 3 
ATOM   828  H "H1'"  . G   A 1 2  ? -9.538  0.045  -4.430  1.00 0.00 ? 2  G   A "H1'"  3 
ATOM   829  H H8     . G   A 1 2  ? -8.475  2.884  -2.123  1.00 0.00 ? 2  G   A H8     3 
ATOM   830  H H1     . G   A 1 2  ? -3.721  0.560  -5.654  1.00 0.00 ? 2  G   A H1     3 
ATOM   831  H H21    . G   A 1 2  ? -4.380  -1.295 -6.671  1.00 0.00 ? 2  G   A H21    3 
ATOM   832  H H22    . G   A 1 2  ? -6.001  -1.935 -6.481  1.00 0.00 ? 2  G   A H22    3 
ATOM   833  P P      . A   A 1 3  ? -10.525 -1.367 0.935   1.00 0.00 ? 3  A   A P      3 
ATOM   834  O OP1    . A   A 1 3  ? -11.552 -2.249 1.535   1.00 0.00 ? 3  A   A OP1    3 
ATOM   835  O OP2    . A   A 1 3  ? -10.100 -0.136 1.639   1.00 0.00 ? 3  A   A OP2    3 
ATOM   836  O "O5'"  . A   A 1 3  ? -9.208  -2.243 0.630   1.00 0.00 ? 3  A   A "O5'"  3 
ATOM   837  C "C5'"  . A   A 1 3  ? -9.319  -3.488 -0.066  1.00 0.00 ? 3  A   A "C5'"  3 
ATOM   838  C "C4'"  . A   A 1 3  ? -8.050  -3.841 -0.844  1.00 0.00 ? 3  A   A "C4'"  3 
ATOM   839  O "O4'"  . A   A 1 3  ? -7.681  -2.829 -1.811  1.00 0.00 ? 3  A   A "O4'"  3 
ATOM   840  C "C3'"  . A   A 1 3  ? -6.853  -3.980 0.059   1.00 0.00 ? 3  A   A "C3'"  3 
ATOM   841  O "O3'"  . A   A 1 3  ? -6.807  -5.254 0.715   1.00 0.00 ? 3  A   A "O3'"  3 
ATOM   842  C "C2'"  . A   A 1 3  ? -5.700  -3.779 -0.870  1.00 0.00 ? 3  A   A "C2'"  3 
ATOM   843  O "O2'"  . A   A 1 3  ? -5.310  -5.016 -1.481  1.00 0.00 ? 3  A   A "O2'"  3 
ATOM   844  C "C1'"  . A   A 1 3  ? -6.224  -2.803 -1.906  1.00 0.00 ? 3  A   A "C1'"  3 
ATOM   845  N N9     . A   A 1 3  ? -5.671  -1.457 -1.644  1.00 0.00 ? 3  A   A N9     3 
ATOM   846  C C8     . A   A 1 3  ? -6.148  -0.450 -0.870  1.00 0.00 ? 3  A   A C8     3 
ATOM   847  N N7     . A   A 1 3  ? -5.426  0.613  -0.763  1.00 0.00 ? 3  A   A N7     3 
ATOM   848  C C5     . A   A 1 3  ? -4.322  0.287  -1.563  1.00 0.00 ? 3  A   A C5     3 
ATOM   849  C C6     . A   A 1 3  ? -3.150  0.979  -1.894  1.00 0.00 ? 3  A   A C6     3 
ATOM   850  N N6     . A   A 1 3  ? -2.869  2.197  -1.438  1.00 0.00 ? 3  A   A N6     3 
ATOM   851  N N1     . A   A 1 3  ? -2.272  0.361  -2.707  1.00 0.00 ? 3  A   A N1     3 
ATOM   852  C C2     . A   A 1 3  ? -2.531  -0.869 -3.169  1.00 0.00 ? 3  A   A C2     3 
ATOM   853  N N3     . A   A 1 3  ? -3.607  -1.609 -2.918  1.00 0.00 ? 3  A   A N3     3 
ATOM   854  C C4     . A   A 1 3  ? -4.467  -0.968 -2.103  1.00 0.00 ? 3  A   A C4     3 
ATOM   855  H "H5'"  . A   A 1 3  ? -10.155 -3.432 -0.765  1.00 0.00 ? 3  A   A "H5'"  3 
ATOM   856  H "H5''" . A   A 1 3  ? -9.519  -4.280 0.656   1.00 0.00 ? 3  A   A "H5''" 3 
ATOM   857  H "H4'"  . A   A 1 3  ? -8.206  -4.780 -1.370  1.00 0.00 ? 3  A   A "H4'"  3 
ATOM   858  H "H3'"  . A   A 1 3  ? -6.861  -3.168 0.796   1.00 0.00 ? 3  A   A "H3'"  3 
ATOM   859  H "H2'"  . A   A 1 3  ? -4.862  -3.334 -0.343  1.00 0.00 ? 3  A   A "H2'"  3 
ATOM   860  H "HO2'" . A   A 1 3  ? -5.265  -5.674 -0.782  1.00 0.00 ? 3  A   A "HO2'" 3 
ATOM   861  H "H1'"  . A   A 1 3  ? -5.916  -3.135 -2.893  1.00 0.00 ? 3  A   A "H1'"  3 
ATOM   862  H H8     . A   A 1 3  ? -7.098  -0.539 -0.346  1.00 0.00 ? 3  A   A H8     3 
ATOM   863  H H61    . A   A 1 3  ? -2.005  2.653  -1.706  1.00 0.00 ? 3  A   A H61    3 
ATOM   864  H H62    . A   A 1 3  ? -3.518  2.666  -0.823  1.00 0.00 ? 3  A   A H62    3 
ATOM   865  H H2     . A   A 1 3  ? -1.779  -1.311 -3.825  1.00 0.00 ? 3  A   A H2     3 
ATOM   866  P P      . C   A 1 4  ? -6.280  -5.360 2.237   1.00 0.00 ? 4  C   A P      3 
ATOM   867  O OP1    . C   A 1 4  ? -6.784  -6.624 2.816   1.00 0.00 ? 4  C   A OP1    3 
ATOM   868  O OP2    . C   A 1 4  ? -6.558  -4.075 2.919   1.00 0.00 ? 4  C   A OP2    3 
ATOM   869  O "O5'"  . C   A 1 4  ? -4.690  -5.495 2.033   1.00 0.00 ? 4  C   A "O5'"  3 
ATOM   870  C "C5'"  . C   A 1 4  ? -4.151  -6.601 1.296   1.00 0.00 ? 4  C   A "C5'"  3 
ATOM   871  C "C4'"  . C   A 1 4  ? -2.719  -6.340 0.836   1.00 0.00 ? 4  C   A "C4'"  3 
ATOM   872  O "O4'"  . C   A 1 4  ? -2.614  -5.103 0.098   1.00 0.00 ? 4  C   A "O4'"  3 
ATOM   873  C "C3'"  . C   A 1 4  ? -1.776  -6.205 2.009   1.00 0.00 ? 4  C   A "C3'"  3 
ATOM   874  O "O3'"  . C   A 1 4  ? -1.255  -7.471 2.435   1.00 0.00 ? 4  C   A "O3'"  3 
ATOM   875  C "C2'"  . C   A 1 4  ? -0.694  -5.297 1.517   1.00 0.00 ? 4  C   A "C2'"  3 
ATOM   876  O "O2'"  . C   A 1 4  ? 0.420   -6.040 0.997   1.00 0.00 ? 4  C   A "O2'"  3 
ATOM   877  C "C1'"  . C   A 1 4  ? -1.350  -4.466 0.430   1.00 0.00 ? 4  C   A "C1'"  3 
ATOM   878  N N1     . C   A 1 4  ? -1.550  -3.070 0.892   1.00 0.00 ? 4  C   A N1     3 
ATOM   879  C C2     . C   A 1 4  ? -0.487  -2.193 0.740   1.00 0.00 ? 4  C   A C2     3 
ATOM   880  O O2     . C   A 1 4  ? 0.557   -2.576 0.228   1.00 0.00 ? 4  C   A O2     3 
ATOM   881  N N3     . C   A 1 4  ? -0.635  -0.912 1.170   1.00 0.00 ? 4  C   A N3     3 
ATOM   882  C C4     . C   A 1 4  ? -1.774  -0.503 1.730   1.00 0.00 ? 4  C   A C4     3 
ATOM   883  N N4     . C   A 1 4  ? -1.872  0.760  2.140   1.00 0.00 ? 4  C   A N4     3 
ATOM   884  C C5     . C   A 1 4  ? -2.879  -1.399 1.892   1.00 0.00 ? 4  C   A C5     3 
ATOM   885  C C6     . C   A 1 4  ? -2.726  -2.668 1.459   1.00 0.00 ? 4  C   A C6     3 
ATOM   886  H "H5'"  . C   A 1 4  ? -4.774  -6.781 0.419   1.00 0.00 ? 4  C   A "H5'"  3 
ATOM   887  H "H5''" . C   A 1 4  ? -4.165  -7.490 1.926   1.00 0.00 ? 4  C   A "H5''" 3 
ATOM   888  H "H4'"  . C   A 1 4  ? -2.388  -7.159 0.201   1.00 0.00 ? 4  C   A "H4'"  3 
ATOM   889  H "H3'"  . C   A 1 4  ? -2.303  -5.714 2.834   1.00 0.00 ? 4  C   A "H3'"  3 
ATOM   890  H "H2'"  . C   A 1 4  ? -0.366  -4.648 2.318   1.00 0.00 ? 4  C   A "H2'"  3 
ATOM   891  H "HO2'" . C   A 1 4  ? 1.193   -5.807 1.533   1.00 0.00 ? 4  C   A "HO2'" 3 
ATOM   892  H "H1'"  . C   A 1 4  ? -0.707  -4.465 -0.440  1.00 0.00 ? 4  C   A "H1'"  3 
ATOM   893  H H41    . C   A 1 4  ? -1.086  1.391  2.028   1.00 0.00 ? 4  C   A H41    3 
ATOM   894  H H42    . C   A 1 4  ? -2.727  1.087  2.567   1.00 0.00 ? 4  C   A H42    3 
ATOM   895  H H5     . C   A 1 4  ? -3.809  -1.071 2.356   1.00 0.00 ? 4  C   A H5     3 
ATOM   896  H H6     . C   A 1 4  ? -3.546  -3.377 1.564   1.00 0.00 ? 4  C   A H6     3 
ATOM   897  P P      . DT  A 1 5  ? -0.932  -7.720 3.991   1.00 0.00 ? 5  DT  A P      3 
ATOM   898  O OP1    . DT  A 1 5  ? -0.626  -9.155 4.183   1.00 0.00 ? 5  DT  A OP1    3 
ATOM   899  O OP2    . DT  A 1 5  ? -1.989  -7.072 4.801   1.00 0.00 ? 5  DT  A OP2    3 
ATOM   900  O "O5'"  . DT  A 1 5  ? 0.431   -6.878 4.182   1.00 0.00 ? 5  DT  A "O5'"  3 
ATOM   901  C "C5'"  . DT  A 1 5  ? 1.637   -7.298 3.530   1.00 0.00 ? 5  DT  A "C5'"  3 
ATOM   902  C "C4'"  . DT  A 1 5  ? 2.673   -6.182 3.460   1.00 0.00 ? 5  DT  A "C4'"  3 
ATOM   903  O "O4'"  . DT  A 1 5  ? 2.114   -5.027 2.800   1.00 0.00 ? 5  DT  A "O4'"  3 
ATOM   904  C "C3'"  . DT  A 1 5  ? 3.102   -5.747 4.854   1.00 0.00 ? 5  DT  A "C3'"  3 
ATOM   905  O "O3'"  . DT  A 1 5  ? 4.320   -6.414 5.243   1.00 0.00 ? 5  DT  A "O3'"  3 
ATOM   906  C "C2'"  . DT  A 1 5  ? 3.314   -4.277 4.715   1.00 0.00 ? 5  DT  A "C2'"  3 
ATOM   907  C "C1'"  . DT  A 1 5  ? 2.522   -3.830 3.504   1.00 0.00 ? 5  DT  A "C1'"  3 
ATOM   908  N N1     . DT  A 1 5  ? 1.338   -3.044 3.889   1.00 0.00 ? 5  DT  A N1     3 
ATOM   909  C C2     . DT  A 1 5  ? 1.382   -1.673 3.710   1.00 0.00 ? 5  DT  A C2     3 
ATOM   910  O O2     . DT  A 1 5  ? 2.372   -1.098 3.277   1.00 0.00 ? 5  DT  A O2     3 
ATOM   911  N N3     . DT  A 1 5  ? 0.245   -0.984 4.047   1.00 0.00 ? 5  DT  A N3     3 
ATOM   912  C C4     . DT  A 1 5  ? -0.920  -1.527 4.538   1.00 0.00 ? 5  DT  A C4     3 
ATOM   913  O O4     . DT  A 1 5  ? -1.875  -0.805 4.802   1.00 0.00 ? 5  DT  A O4     3 
ATOM   914  C C5     . DT  A 1 5  ? -0.882  -2.966 4.695   1.00 0.00 ? 5  DT  A C5     3 
ATOM   915  C C7     . DT  A 1 5  ? -2.116  -3.703 5.208   1.00 0.00 ? 5  DT  A C7     3 
ATOM   916  C C6     . DT  A 1 5  ? 0.224   -3.666 4.375   1.00 0.00 ? 5  DT  A C6     3 
ATOM   917  H "H5'"  . DT  A 1 5  ? 1.401   -7.625 2.517   1.00 0.00 ? 5  DT  A "H5'"  3 
ATOM   918  H "H5''" . DT  A 1 5  ? 2.054   -8.126 4.079   1.00 0.00 ? 5  DT  A "H5''" 3 
ATOM   919  H "H4'"  . DT  A 1 5  ? 3.544   -6.525 2.903   1.00 0.00 ? 5  DT  A "H4'"  3 
ATOM   920  H "H3'"  . DT  A 1 5  ? 2.306   -5.942 5.577   1.00 0.00 ? 5  DT  A "H3'"  3 
ATOM   921  H "H2'"  . DT  A 1 5  ? 2.951   -3.759 5.616   1.00 0.00 ? 5  DT  A "H2'"  3 
ATOM   922  H "H2''" . DT  A 1 5  ? 4.372   -4.086 4.533   1.00 0.00 ? 5  DT  A "H2''" 3 
ATOM   923  H "H1'"  . DT  A 1 5  ? 3.160   -3.229 2.855   1.00 0.00 ? 5  DT  A "H1'"  3 
ATOM   924  H H3     . DT  A 1 5  ? 0.262   0.014  3.917   1.00 0.00 ? 5  DT  A H3     3 
ATOM   925  H H71    . DT  A 1 5  ? -2.903  -2.983 5.429   1.00 0.00 ? 5  DT  A H71    3 
ATOM   926  H H72    . DT  A 1 5  ? -1.861  -4.254 6.111   1.00 0.00 ? 5  DT  A H72    3 
ATOM   927  H H73    . DT  A 1 5  ? -2.466  -4.398 4.444   1.00 0.00 ? 5  DT  A H73    3 
ATOM   928  H H6     . DT  A 1 5  ? 0.236   -4.750 4.512   1.00 0.00 ? 5  DT  A H6     3 
ATOM   929  P P      . DT  A 1 6  ? 4.867   -6.361 6.764   1.00 0.00 ? 6  DT  A P      3 
ATOM   930  O OP1    . DT  A 1 6  ? 5.993   -7.314 6.885   1.00 0.00 ? 6  DT  A OP1    3 
ATOM   931  O OP2    . DT  A 1 6  ? 3.709   -6.470 7.682   1.00 0.00 ? 6  DT  A OP2    3 
ATOM   932  O "O5'"  . DT  A 1 6  ? 5.457   -4.865 6.882   1.00 0.00 ? 6  DT  A "O5'"  3 
ATOM   933  C "C5'"  . DT  A 1 6  ? 6.459   -4.382 5.968   1.00 0.00 ? 6  DT  A "C5'"  3 
ATOM   934  C "C4'"  . DT  A 1 6  ? 6.486   -2.853 5.935   1.00 0.00 ? 6  DT  A "C4'"  3 
ATOM   935  O "O4'"  . DT  A 1 6  ? 5.168   -2.326 5.616   1.00 0.00 ? 6  DT  A "O4'"  3 
ATOM   936  C "C3'"  . DT  A 1 6  ? 6.883   -2.294 7.295   1.00 0.00 ? 6  DT  A "C3'"  3 
ATOM   937  O "O3'"  . DT  A 1 6  ? 7.977   -1.378 7.181   1.00 0.00 ? 6  DT  A "O3'"  3 
ATOM   938  C "C2'"  . DT  A 1 6  ? 5.663   -1.603 7.795   1.00 0.00 ? 6  DT  A "C2'"  3 
ATOM   939  C "C1'"  . DT  A 1 6  ? 4.812   -1.327 6.593   1.00 0.00 ? 6  DT  A "C1'"  3 
ATOM   940  N N1     . DT  A 1 6  ? 3.383   -1.418 6.945   1.00 0.00 ? 6  DT  A N1     3 
ATOM   941  C C2     . DT  A 1 6  ? 2.559   -0.364 6.599   1.00 0.00 ? 6  DT  A C2     3 
ATOM   942  O O2     . DT  A 1 6  ? 2.978   0.646  6.039   1.00 0.00 ? 6  DT  A O2     3 
ATOM   943  N N3     . DT  A 1 6  ? 1.233   -0.498 6.936   1.00 0.00 ? 6  DT  A N3     3 
ATOM   944  C C4     . DT  A 1 6  ? 0.660   -1.572 7.579   1.00 0.00 ? 6  DT  A C4     3 
ATOM   945  O O4     . DT  A 1 6  ? -0.538  -1.578 7.828   1.00 0.00 ? 6  DT  A O4     3 
ATOM   946  C C5     . DT  A 1 6  ? 1.593   -2.630 7.908   1.00 0.00 ? 6  DT  A C5     3 
ATOM   947  C C7     . DT  A 1 6  ? 1.091   -3.889 8.619   1.00 0.00 ? 6  DT  A C7     3 
ATOM   948  C C6     . DT  A 1 6  ? 2.898   -2.521 7.589   1.00 0.00 ? 6  DT  A C6     3 
ATOM   949  H "H5'"  . DT  A 1 6  ? 6.241   -4.755 4.967   1.00 0.00 ? 6  DT  A "H5'"  3 
ATOM   950  H "H5''" . DT  A 1 6  ? 7.436   -4.751 6.281   1.00 0.00 ? 6  DT  A "H5''" 3 
ATOM   951  H "H4'"  . DT  A 1 6  ? 7.198   -2.518 5.187   1.00 0.00 ? 6  DT  A "H4'"  3 
ATOM   952  H "H3'"  . DT  A 1 6  ? 7.144   -3.114 7.967   1.00 0.00 ? 6  DT  A "H3'"  3 
ATOM   953  H "H2'"  . DT  A 1 6  ? 5.128   -2.277 8.479   1.00 0.00 ? 6  DT  A "H2'"  3 
ATOM   954  H "H2''" . DT  A 1 6  ? 5.930   -0.659 8.277   1.00 0.00 ? 6  DT  A "H2''" 3 
ATOM   955  H "H1'"  . DT  A 1 6  ? 5.032   -0.333 6.206   1.00 0.00 ? 6  DT  A "H1'"  3 
ATOM   956  H H3     . DT  A 1 6  ? 0.625   0.265  6.691   1.00 0.00 ? 6  DT  A H3     3 
ATOM   957  H H71    . DT  A 1 6  ? 1.303   -4.763 8.003   1.00 0.00 ? 6  DT  A H71    3 
ATOM   958  H H72    . DT  A 1 6  ? 0.015   -3.812 8.781   1.00 0.00 ? 6  DT  A H72    3 
ATOM   959  H H73    . DT  A 1 6  ? 1.596   -3.989 9.579   1.00 0.00 ? 6  DT  A H73    3 
ATOM   960  H H6     . DT  A 1 6  ? 3.589   -3.323 7.862   1.00 0.00 ? 6  DT  A H6     3 
ATOM   961  P P      . DC  A 1 7  ? 9.492   -1.906 7.044   1.00 0.00 ? 7  DC  A P      3 
ATOM   962  O OP1    . DC  A 1 7  ? 9.757   -2.180 5.613   1.00 0.00 ? 7  DC  A OP1    3 
ATOM   963  O OP2    . DC  A 1 7  ? 9.711   -2.966 8.056   1.00 0.00 ? 7  DC  A OP2    3 
ATOM   964  O "O5'"  . DC  A 1 7  ? 10.336  -0.604 7.483   1.00 0.00 ? 7  DC  A "O5'"  3 
ATOM   965  C "C5'"  . DC  A 1 7  ? 10.424  0.539  6.617   1.00 0.00 ? 7  DC  A "C5'"  3 
ATOM   966  C "C4'"  . DC  A 1 7  ? 9.769   1.775  7.242   1.00 0.00 ? 7  DC  A "C4'"  3 
ATOM   967  O "O4'"  . DC  A 1 7  ? 8.405   1.487  7.653   1.00 0.00 ? 7  DC  A "O4'"  3 
ATOM   968  C "C3'"  . DC  A 1 7  ? 10.530  2.246  8.480   1.00 0.00 ? 7  DC  A "C3'"  3 
ATOM   969  O "O3'"  . DC  A 1 7  ? 10.816  3.649  8.401   1.00 0.00 ? 7  DC  A "O3'"  3 
ATOM   970  C "C2'"  . DC  A 1 7  ? 9.616   1.956  9.620   1.00 0.00 ? 7  DC  A "C2'"  3 
ATOM   971  C "C1'"  . DC  A 1 7  ? 8.234   1.877  9.033   1.00 0.00 ? 7  DC  A "C1'"  3 
ATOM   972  N N1     . DC  A 1 7  ? 7.402   0.895  9.761   1.00 0.00 ? 7  DC  A N1     3 
ATOM   973  C C2     . DC  A 1 7  ? 6.279   1.362  10.431  1.00 0.00 ? 7  DC  A C2     3 
ATOM   974  O O2     . DC  A 1 7  ? 5.999   2.556  10.410  1.00 0.00 ? 7  DC  A O2     3 
ATOM   975  N N3     . DC  A 1 7  ? 5.506   0.465  11.099  1.00 0.00 ? 7  DC  A N3     3 
ATOM   976  C C4     . DC  A 1 7  ? 5.819   -0.834 11.112  1.00 0.00 ? 7  DC  A C4     3 
ATOM   977  N N4     . DC  A 1 7  ? 5.047   -1.678 11.783  1.00 0.00 ? 7  DC  A N4     3 
ATOM   978  C C5     . DC  A 1 7  ? 6.972   -1.322 10.424  1.00 0.00 ? 7  DC  A C5     3 
ATOM   979  C C6     . DC  A 1 7  ? 7.733   -0.428 9.768   1.00 0.00 ? 7  DC  A C6     3 
ATOM   980  H "H5'"  . DC  A 1 7  ? 9.931   0.314  5.672   1.00 0.00 ? 7  DC  A "H5'"  3 
ATOM   981  H "H5''" . DC  A 1 7  ? 11.475  0.755  6.423   1.00 0.00 ? 7  DC  A "H5''" 3 
ATOM   982  H "H4'"  . DC  A 1 7  ? 9.752   2.579  6.507   1.00 0.00 ? 7  DC  A "H4'"  3 
ATOM   983  H "H3'"  . DC  A 1 7  ? 11.456  1.673  8.591   1.00 0.00 ? 7  DC  A "H3'"  3 
ATOM   984  H "H2'"  . DC  A 1 7  ? 9.887   0.982  10.058  1.00 0.00 ? 7  DC  A "H2'"  3 
ATOM   985  H "H2''" . DC  A 1 7  ? 9.664   2.772  10.358  1.00 0.00 ? 7  DC  A "H2''" 3 
ATOM   986  H "H1'"  . DC  A 1 7  ? 7.762   2.861  9.079   1.00 0.00 ? 7  DC  A "H1'"  3 
ATOM   987  H H41    . DC  A 1 7  ? 4.232   -1.337 12.272  1.00 0.00 ? 7  DC  A H41    3 
ATOM   988  H H42    . DC  A 1 7  ? 5.275   -2.661 11.806  1.00 0.00 ? 7  DC  A H42    3 
ATOM   989  H H5     . DC  A 1 7  ? 7.214   -2.384 10.414  1.00 0.00 ? 7  DC  A H5     3 
ATOM   990  H H6     . DC  A 1 7  ? 8.622   -0.763 9.240   1.00 0.00 ? 7  DC  A H6     3 
ATOM   991  P P      . DG  A 1 8  ? 11.958  4.207  7.408   1.00 0.00 ? 8  DG  A P      3 
ATOM   992  O OP1    . DG  A 1 8  ? 13.125  3.296  7.482   1.00 0.00 ? 8  DG  A OP1    3 
ATOM   993  O OP2    . DG  A 1 8  ? 12.137  5.650  7.684   1.00 0.00 ? 8  DG  A OP2    3 
ATOM   994  O "O5'"  . DG  A 1 8  ? 11.285  4.050  5.945   1.00 0.00 ? 8  DG  A "O5'"  3 
ATOM   995  C "C5'"  . DG  A 1 8  ? 10.576  5.145  5.325   1.00 0.00 ? 8  DG  A "C5'"  3 
ATOM   996  C "C4'"  . DG  A 1 8  ? 9.242   4.720  4.733   1.00 0.00 ? 8  DG  A "C4'"  3 
ATOM   997  O "O4'"  . DG  A 1 8  ? 8.349   4.247  5.778   1.00 0.00 ? 8  DG  A "O4'"  3 
ATOM   998  C "C3'"  . DG  A 1 8  ? 8.552   5.892  4.031   1.00 0.00 ? 8  DG  A "C3'"  3 
ATOM   999  O "O3'"  . DG  A 1 8  ? 8.093   5.513  2.723   1.00 0.00 ? 8  DG  A "O3'"  3 
ATOM   1000 C "C2'"  . DG  A 1 8  ? 7.403   6.232  4.917   1.00 0.00 ? 8  DG  A "C2'"  3 
ATOM   1001 C "C1'"  . DG  A 1 8  ? 7.113   4.988  5.719   1.00 0.00 ? 8  DG  A "C1'"  3 
ATOM   1002 N N9     . DG  A 1 8  ? 6.643   5.322  7.071   1.00 0.00 ? 8  DG  A N9     3 
ATOM   1003 C C8     . DG  A 1 8  ? 7.094   6.269  7.913   1.00 0.00 ? 8  DG  A C8     3 
ATOM   1004 N N7     . DG  A 1 8  ? 6.525   6.375  9.065   1.00 0.00 ? 8  DG  A N7     3 
ATOM   1005 C C5     . DG  A 1 8  ? 5.558   5.364  8.995   1.00 0.00 ? 8  DG  A C5     3 
ATOM   1006 C C6     . DG  A 1 8  ? 4.590   4.956  9.952   1.00 0.00 ? 8  DG  A C6     3 
ATOM   1007 O O6     . DG  A 1 8  ? 4.387   5.408  11.073  1.00 0.00 ? 8  DG  A O6     3 
ATOM   1008 N N1     . DG  A 1 8  ? 3.821   3.906  9.480   1.00 0.00 ? 8  DG  A N1     3 
ATOM   1009 C C2     . DG  A 1 8  ? 3.955   3.314  8.247   1.00 0.00 ? 8  DG  A C2     3 
ATOM   1010 N N2     . DG  A 1 8  ? 3.125   2.313  7.981   1.00 0.00 ? 8  DG  A N2     3 
ATOM   1011 N N3     . DG  A 1 8  ? 4.857   3.685  7.337   1.00 0.00 ? 8  DG  A N3     3 
ATOM   1012 C C4     . DG  A 1 8  ? 5.625   4.712  7.772   1.00 0.00 ? 8  DG  A C4     3 
ATOM   1013 H "H5'"  . DG  A 1 8  ? 11.158  5.529  4.506   1.00 0.00 ? 8  DG  A "H5'"  3 
ATOM   1014 H "H5''" . DG  A 1 8  ? 10.424  5.938  6.082   1.00 0.00 ? 8  DG  A "H5''" 3 
ATOM   1015 H "H4'"  . DG  A 1 8  ? 9.408   3.919  4.018   1.00 0.00 ? 8  DG  A "H4'"  3 
ATOM   1016 H "H3'"  . DG  A 1 8  ? 9.239   6.740  3.966   1.00 0.00 ? 8  DG  A "H3'"  3 
ATOM   1017 H "H2'"  . DG  A 1 8  ? 7.700   7.047  5.594   1.00 0.00 ? 8  DG  A "H2'"  3 
ATOM   1018 H "H2''" . DG  A 1 8  ? 6.524   6.496  4.308   1.00 0.00 ? 8  DG  A "H2''" 3 
ATOM   1019 H "H1'"  . DG  A 1 8  ? 6.360   4.402  5.212   1.00 0.00 ? 8  DG  A "H1'"  3 
ATOM   1020 H H8     . DG  A 1 8  ? 7.913   6.918  7.625   1.00 0.00 ? 8  DG  A H8     3 
ATOM   1021 H H1     . DG  A 1 8  ? 3.118   3.562  10.110  1.00 0.00 ? 8  DG  A H1     3 
ATOM   1022 H H21    . DG  A 1 8  ? 2.440   2.028  8.664   1.00 0.00 ? 8  DG  A H21    3 
ATOM   1023 H H22    . DG  A 1 8  ? 3.185   1.831  7.088   1.00 0.00 ? 8  DG  A H22    3 
HETATM 1024 P P      . GFL A 1 9  ? 7.953   6.592  1.523   1.00 0.00 ? 9  GFL A P      3 
HETATM 1025 O O1P    . GFL A 1 9  ? 8.806   7.762  1.836   1.00 0.00 ? 9  GFL A O1P    3 
HETATM 1026 O O2P    . GFL A 1 9  ? 6.511   6.785  1.239   1.00 0.00 ? 9  GFL A O2P    3 
HETATM 1027 O "O5'"  . GFL A 1 9  ? 8.608   5.815  0.262   1.00 0.00 ? 9  GFL A "O5'"  3 
HETATM 1028 C "C5'"  . GFL A 1 9  ? 9.360   4.599  0.452   1.00 0.00 ? 9  GFL A "C5'"  3 
HETATM 1029 C "C4'"  . GFL A 1 9  ? 8.492   3.349  0.371   1.00 0.00 ? 9  GFL A "C4'"  3 
HETATM 1030 O "O4'"  . GFL A 1 9  ? 7.344   3.445  1.250   1.00 0.00 ? 9  GFL A "O4'"  3 
HETATM 1031 C "C3'"  . GFL A 1 9  ? 7.938   3.130  -1.049  1.00 0.00 ? 9  GFL A "C3'"  3 
HETATM 1032 O "O3'"  . GFL A 1 9  ? 8.587   1.992  -1.673  1.00 0.00 ? 9  GFL A "O3'"  3 
HETATM 1033 C "C2'"  . GFL A 1 9  ? 6.469   2.867  -0.830  1.00 0.00 ? 9  GFL A "C2'"  3 
HETATM 1034 C "C1'"  . GFL A 1 9  ? 6.349   2.628  0.652   1.00 0.00 ? 9  GFL A "C1'"  3 
HETATM 1035 N N9     . GFL A 1 9  ? 4.979   2.886  1.125   1.00 0.00 ? 9  GFL A N9     3 
HETATM 1036 C C8     . GFL A 1 9  ? 4.421   3.971  1.712   1.00 0.00 ? 9  GFL A C8     3 
HETATM 1037 N N7     . GFL A 1 9  ? 3.164   3.899  2.023   1.00 0.00 ? 9  GFL A N7     3 
HETATM 1038 C C5     . GFL A 1 9  ? 2.838   2.603  1.589   1.00 0.00 ? 9  GFL A C5     3 
HETATM 1039 C C6     . GFL A 1 9  ? 1.602   1.887  1.634   1.00 0.00 ? 9  GFL A C6     3 
HETATM 1040 O O6     . GFL A 1 9  ? 0.512   2.251  2.072   1.00 0.00 ? 9  GFL A O6     3 
HETATM 1041 N N1     . GFL A 1 9  ? 1.735   0.618  1.086   1.00 0.00 ? 9  GFL A N1     3 
HETATM 1042 C C2     . GFL A 1 9  ? 2.895   0.098  0.562   1.00 0.00 ? 9  GFL A C2     3 
HETATM 1043 N N2     . GFL A 1 9  ? 2.829   -1.128 0.074   1.00 0.00 ? 9  GFL A N2     3 
HETATM 1044 N N3     . GFL A 1 9  ? 4.042   0.753  0.516   1.00 0.00 ? 9  GFL A N3     3 
HETATM 1045 C C4     . GFL A 1 9  ? 3.950   1.990  1.041   1.00 0.00 ? 9  GFL A C4     3 
HETATM 1046 F F      . GFL A 1 9  ? 5.732   3.958  -1.204  1.00 0.00 ? 9  GFL A F      3 
HETATM 1047 H "H5'1" . GFL A 1 9  ? 9.794   4.596  1.437   1.00 0.00 ? 9  GFL A "H5'1" 3 
HETATM 1048 H "H5'2" . GFL A 1 9  ? 10.160  4.563  -0.310  1.00 0.00 ? 9  GFL A "H5'2" 3 
HETATM 1049 H "H4'"  . GFL A 1 9  ? 9.081   2.480  0.660   1.00 0.00 ? 9  GFL A "H4'"  3 
HETATM 1050 H "H3'"  . GFL A 1 9  ? 8.069   4.036  -1.649  1.00 0.00 ? 9  GFL A "H3'"  3 
HETATM 1051 H "H2'"  . GFL A 1 9  ? 6.146   1.989  -1.368  1.00 0.00 ? 9  GFL A "H2'"  3 
HETATM 1052 H "H1'"  . GFL A 1 9  ? 6.606   1.583  0.859   1.00 0.00 ? 9  GFL A "H1'"  3 
HETATM 1053 H H8     . GFL A 1 9  ? 5.002   4.872  1.910   1.00 0.00 ? 9  GFL A H8     3 
HETATM 1054 H HN1    . GFL A 1 9  ? 0.902   0.046  1.090   1.00 0.00 ? 9  GFL A HN1    3 
HETATM 1055 H HN21   . GFL A 1 9  ? 1.954   -1.643 0.103   1.00 0.00 ? 9  GFL A HN21   3 
HETATM 1056 H HN22   . GFL A 1 9  ? 3.652   -1.553 -0.325  1.00 0.00 ? 9  GFL A HN22   3 
HETATM 1057 P P      . TAF A 1 10 ? 8.335   1.599  -3.227  1.00 0.00 ? 10 TAF A P      3 
HETATM 1058 O OP1    . TAF A 1 10 ? 9.538   0.900  -3.726  1.00 0.00 ? 10 TAF A OP1    3 
HETATM 1059 O OP2    . TAF A 1 10 ? 7.846   2.806  -3.929  1.00 0.00 ? 10 TAF A OP2    3 
HETATM 1060 O "O5'"  . TAF A 1 10 ? 7.115   0.532  -3.152  1.00 0.00 ? 10 TAF A "O5'"  3 
HETATM 1061 N N1     . TAF A 1 10 ? 2.580   0.396  -3.099  1.00 0.00 ? 10 TAF A N1     3 
HETATM 1062 C C6     . TAF A 1 10 ? 3.022   1.626  -2.649  1.00 0.00 ? 10 TAF A C6     3 
HETATM 1063 C C2     . TAF A 1 10 ? 1.252   0.012  -2.943  1.00 0.00 ? 10 TAF A C2     3 
HETATM 1064 O O2     . TAF A 1 10 ? 0.830   -1.076 -3.327  1.00 0.00 ? 10 TAF A O2     3 
HETATM 1065 N N3     . TAF A 1 10 ? 0.422   0.920  -2.329  1.00 0.00 ? 10 TAF A N3     3 
HETATM 1066 C C4     . TAF A 1 10 ? 0.779   2.161  -1.856  1.00 0.00 ? 10 TAF A C4     3 
HETATM 1067 O O4     . TAF A 1 10 ? -0.061  2.884  -1.330  1.00 0.00 ? 10 TAF A O4     3 
HETATM 1068 C C5     . TAF A 1 10 ? 2.176   2.493  -2.051  1.00 0.00 ? 10 TAF A C5     3 
HETATM 1069 C C5M    . TAF A 1 10 ? 2.701   3.849  -1.582  1.00 0.00 ? 10 TAF A C5M    3 
HETATM 1070 F "F2'"  . TAF A 1 10 ? 3.789   1.223  -5.329  1.00 0.00 ? 10 TAF A "F2'"  3 
HETATM 1071 C "C2'"  . TAF A 1 10 ? 3.766   -0.140 -5.229  1.00 0.00 ? 10 TAF A "C2'"  3 
HETATM 1072 C "C5'"  . TAF A 1 10 ? 7.106   -0.711 -3.913  1.00 0.00 ? 10 TAF A "C5'"  3 
HETATM 1073 C "C4'"  . TAF A 1 10 ? 5.664   -1.191 -4.176  1.00 0.00 ? 10 TAF A "C4'"  3 
HETATM 1074 O "O4'"  . TAF A 1 10 ? 4.760   -0.671 -3.171  1.00 0.00 ? 10 TAF A "O4'"  3 
HETATM 1075 C "C1'"  . TAF A 1 10 ? 3.485   -0.565 -3.794  1.00 0.00 ? 10 TAF A "C1'"  3 
HETATM 1076 C "C3'"  . TAF A 1 10 ? 5.136   -0.711 -5.541  1.00 0.00 ? 10 TAF A "C3'"  3 
HETATM 1077 O "O3'"  . TAF A 1 10 ? 5.063   -1.840 -6.463  1.00 0.00 ? 10 TAF A "O3'"  3 
HETATM 1078 H H6     . TAF A 1 10 ? 4.071   1.910  -2.767  1.00 0.00 ? 10 TAF A H6     3 
HETATM 1079 H H3     . TAF A 1 10 ? -0.546  0.649  -2.218  1.00 0.00 ? 10 TAF A H3     3 
HETATM 1080 H H71    . TAF A 1 10 ? 3.489   3.699  -0.847  1.00 0.00 ? 10 TAF A H71    3 
HETATM 1081 H H72    . TAF A 1 10 ? 1.889   4.421  -1.134  1.00 0.00 ? 10 TAF A H72    3 
HETATM 1082 H H73    . TAF A 1 10 ? 3.102   4.398  -2.435  1.00 0.00 ? 10 TAF A H73    3 
HETATM 1083 H "H2'"  . TAF A 1 10 ? 3.014   -0.560 -5.897  1.00 0.00 ? 10 TAF A "H2'"  3 
HETATM 1084 H "H5'"  . TAF A 1 10 ? 7.648   -1.496 -3.362  1.00 0.00 ? 10 TAF A "H5'"  3 
HETATM 1085 H "H5''" . TAF A 1 10 ? 7.606   -0.551 -4.870  1.00 0.00 ? 10 TAF A "H5''" 3 
HETATM 1086 H "H4'"  . TAF A 1 10 ? 5.626   -2.277 -4.147  1.00 0.00 ? 10 TAF A "H4'"  3 
HETATM 1087 H "H1'"  . TAF A 1 10 ? 3.033   -1.558 -3.794  1.00 0.00 ? 10 TAF A "H1'"  3 
HETATM 1088 H "H3'"  . TAF A 1 10 ? 5.783   0.078  -5.938  1.00 0.00 ? 10 TAF A "H3'"  3 
HETATM 1089 P P      . CFL A 1 11 ? 4.820   -1.660 -8.061  1.00 0.00 ? 11 CFL A P      3 
HETATM 1090 O O1P    . CFL A 1 11 ? 5.584   -2.716 -8.757  1.00 0.00 ? 11 CFL A O1P    3 
HETATM 1091 O O2P    . CFL A 1 11 ? 5.064   -0.240 -8.397  1.00 0.00 ? 11 CFL A O2P    3 
HETATM 1092 O "O5'"  . CFL A 1 11 ? 3.243   -1.963 -8.258  1.00 0.00 ? 11 CFL A "O5'"  3 
HETATM 1093 C "C5'"  . CFL A 1 11 ? 2.719   -3.223 -8.781  1.00 0.00 ? 11 CFL A "C5'"  3 
HETATM 1094 C "C4'"  . CFL A 1 11 ? 1.199   -3.278 -8.561  1.00 0.00 ? 11 CFL A "C4'"  3 
HETATM 1095 O "O4'"  . CFL A 1 11 ? 0.866   -2.454 -7.443  1.00 0.00 ? 11 CFL A "O4'"  3 
HETATM 1096 C "C3'"  . CFL A 1 11 ? 0.424   -2.740 -9.768  1.00 0.00 ? 11 CFL A "C3'"  3 
HETATM 1097 O "O3'"  . CFL A 1 11 ? -0.237  -3.819 -10.468 1.00 0.00 ? 11 CFL A "O3'"  3 
HETATM 1098 C "C2'"  . CFL A 1 11 ? -0.578  -1.781 -9.194  1.00 0.00 ? 11 CFL A "C2'"  3 
HETATM 1099 C "C1'"  . CFL A 1 11 ? -0.408  -1.880 -7.683  1.00 0.00 ? 11 CFL A "C1'"  3 
HETATM 1100 N N1     . CFL A 1 11 ? -0.507  -0.558 -7.017  1.00 0.00 ? 11 CFL A N1     3 
HETATM 1101 C C2     . CFL A 1 11 ? -1.687  -0.261 -6.365  1.00 0.00 ? 11 CFL A C2     3 
HETATM 1102 O O2     . CFL A 1 11 ? -2.618  -1.055 -6.385  1.00 0.00 ? 11 CFL A O2     3 
HETATM 1103 N N3     . CFL A 1 11 ? -1.790  0.927  -5.712  1.00 0.00 ? 11 CFL A N3     3 
HETATM 1104 C C4     . CFL A 1 11 ? -0.773  1.793  -5.695  1.00 0.00 ? 11 CFL A C4     3 
HETATM 1105 N N4     . CFL A 1 11 ? -0.912  2.943  -5.041  1.00 0.00 ? 11 CFL A N4     3 
HETATM 1106 C C5     . CFL A 1 11 ? 0.455   1.502  -6.367  1.00 0.00 ? 11 CFL A C5     3 
HETATM 1107 C C6     . CFL A 1 11 ? 0.548   0.323  -7.017  1.00 0.00 ? 11 CFL A C6     3 
HETATM 1108 F F      . CFL A 1 11 ? -0.337  -0.512 -9.636  1.00 0.00 ? 11 CFL A F      3 
HETATM 1109 H "H5'1" . CFL A 1 11 ? 3.195   -4.081 -8.282  1.00 0.00 ? 11 CFL A "H5'1" 3 
HETATM 1110 H "H5'2" . CFL A 1 11 ? 2.928   -3.284 -9.850  1.00 0.00 ? 11 CFL A "H5'2" 3 
HETATM 1111 H "H4'"  . CFL A 1 11 ? 0.869   -4.288 -8.349  1.00 0.00 ? 11 CFL A "H4'"  3 
HETATM 1112 H "H3'"  . CFL A 1 11 ? 1.102   -2.204 -10.438 1.00 0.00 ? 11 CFL A "H3'"  3 
HETATM 1113 H "H2'"  . CFL A 1 11 ? -1.588  -2.104 -9.475  1.00 0.00 ? 11 CFL A "H2'"  3 
HETATM 1114 H "H1'"  . CFL A 1 11 ? -1.159  -2.554 -7.283  1.00 0.00 ? 11 CFL A "H1'"  3 
HETATM 1115 H HN41   . CFL A 1 11 ? -1.781  3.151  -4.565  1.00 0.00 ? 11 CFL A HN41   3 
HETATM 1116 H HN42   . CFL A 1 11 ? -0.150  3.608  -5.016  1.00 0.00 ? 11 CFL A HN42   3 
HETATM 1117 H H5     . CFL A 1 11 ? 1.295   2.201  -6.339  1.00 0.00 ? 11 CFL A H5     3 
HETATM 1118 H H6     . CFL A 1 11 ? 1.464   0.082  -7.562  1.00 0.00 ? 11 CFL A H6     3 
HETATM 1119 P P      . CFL A 1 12 ? -1.002  -3.574 -11.873 1.00 0.00 ? 12 CFL A P      3 
HETATM 1120 O O1P    . CFL A 1 12 ? -1.051  -4.861 -12.599 1.00 0.00 ? 12 CFL A O1P    3 
HETATM 1121 O O2P    . CFL A 1 12 ? -0.400  -2.389 -12.517 1.00 0.00 ? 12 CFL A O2P    3 
HETATM 1122 O "O5'"  . CFL A 1 12 ? -2.509  -3.189 -11.416 1.00 0.00 ? 12 CFL A "O5'"  3 
HETATM 1123 C "C5'"  . CFL A 1 12 ? -3.524  -4.197 -11.200 1.00 0.00 ? 12 CFL A "C5'"  3 
HETATM 1124 C "C4'"  . CFL A 1 12 ? -4.832  -3.569 -10.706 1.00 0.00 ? 12 CFL A "C4'"  3 
HETATM 1125 O "O4'"  . CFL A 1 12 ? -4.564  -2.600 -9.693  1.00 0.00 ? 12 CFL A "O4'"  3 
HETATM 1126 C "C3'"  . CFL A 1 12 ? -5.572  -2.847 -11.830 1.00 0.00 ? 12 CFL A "C3'"  3 
HETATM 1127 O "O3'"  . CFL A 1 12 ? -6.703  -3.610 -12.275 1.00 0.00 ? 12 CFL A "O3'"  3 
HETATM 1128 C "C2'"  . CFL A 1 12 ? -5.999  -1.527 -11.251 1.00 0.00 ? 12 CFL A "C2'"  3 
HETATM 1129 C "C1'"  . CFL A 1 12 ? -5.541  -1.564 -9.796  1.00 0.00 ? 12 CFL A "C1'"  3 
HETATM 1130 N N1     . CFL A 1 12 ? -4.936  -0.277 -9.390  1.00 0.00 ? 12 CFL A N1     3 
HETATM 1131 C C2     . CFL A 1 12 ? -5.671  0.574  -8.576  1.00 0.00 ? 12 CFL A C2     3 
HETATM 1132 O O2     . CFL A 1 12 ? -6.797  0.259  -8.197  1.00 0.00 ? 12 CFL A O2     3 
HETATM 1133 N N3     . CFL A 1 12 ? -5.108  1.758  -8.214  1.00 0.00 ? 12 CFL A N3     3 
HETATM 1134 C C4     . CFL A 1 12 ? -3.883  2.097  -8.629  1.00 0.00 ? 12 CFL A C4     3 
HETATM 1135 N N4     . CFL A 1 12 ? -3.365  3.260  -8.250  1.00 0.00 ? 12 CFL A N4     3 
HETATM 1136 C C5     . CFL A 1 12 ? -3.123  1.231  -9.465  1.00 0.00 ? 12 CFL A C5     3 
HETATM 1137 C C6     . CFL A 1 12 ? -3.675  0.063  -9.818  1.00 0.00 ? 12 CFL A C6     3 
HETATM 1138 F F      . CFL A 1 12 ? -5.409  -0.495 -11.924 1.00 0.00 ? 12 CFL A F      3 
HETATM 1139 H "H5'1" . CFL A 1 12 ? -3.170  -4.911 -10.459 1.00 0.00 ? 12 CFL A "H5'1" 3 
HETATM 1140 H "H5'2" . CFL A 1 12 ? -3.712  -4.726 -12.136 1.00 0.00 ? 12 CFL A "H5'2" 3 
HETATM 1141 H "H4'"  . CFL A 1 12 ? -5.483  -4.330 -10.285 1.00 0.00 ? 12 CFL A "H4'"  3 
HETATM 1142 H "H3'"  . CFL A 1 12 ? -4.886  -2.667 -12.661 1.00 0.00 ? 12 CFL A "H3'"  3 
HETATM 1143 H "HO3'" . CFL A 1 12 ? -7.228  -3.826 -11.500 1.00 0.00 ? 12 CFL A "HO3'" 3 
HETATM 1144 H "H2'"  . CFL A 1 12 ? -7.103  -1.440 -11.297 1.00 0.00 ? 12 CFL A "H2'"  3 
HETATM 1145 H "H1'"  . CFL A 1 12 ? -6.387  -1.806 -9.156  1.00 0.00 ? 12 CFL A "H1'"  3 
HETATM 1146 H HN41   . CFL A 1 12 ? -3.903  3.882  -7.654  1.00 0.00 ? 12 CFL A HN41   3 
HETATM 1147 H HN42   . CFL A 1 12 ? -2.441  3.527  -8.556  1.00 0.00 ? 12 CFL A HN42   3 
HETATM 1148 H H5     . CFL A 1 12 ? -2.135  1.513  -9.820  1.00 0.00 ? 12 CFL A H5     3 
HETATM 1149 H H6     . CFL A 1 12 ? -3.100  -0.628 -10.443 1.00 0.00 ? 12 CFL A H6     3 
ATOM   1150 O "O5'"  . G   A 1 1  ? -8.375  8.517  -1.433  1.00 0.00 ? 1  G   A "O5'"  4 
ATOM   1151 C "C5'"  . G   A 1 1  ? -9.803  8.667  -1.329  1.00 0.00 ? 1  G   A "C5'"  4 
ATOM   1152 C "C4'"  . G   A 1 1  ? -10.564 7.646  -2.159  1.00 0.00 ? 1  G   A "C4'"  4 
ATOM   1153 O "O4'"  . G   A 1 1  ? -10.247 7.759  -3.563  1.00 0.00 ? 1  G   A "O4'"  4 
ATOM   1154 C "C3'"  . G   A 1 1  ? -10.192 6.238  -1.754  1.00 0.00 ? 1  G   A "C3'"  4 
ATOM   1155 O "O3'"  . G   A 1 1  ? -11.009 5.759  -0.676  1.00 0.00 ? 1  G   A "O3'"  4 
ATOM   1156 C "C2'"  . G   A 1 1  ? -10.390 5.443  -3.004  1.00 0.00 ? 1  G   A "C2'"  4 
ATOM   1157 O "O2'"  . G   A 1 1  ? -11.741 4.968  -3.096  1.00 0.00 ? 1  G   A "O2'"  4 
ATOM   1158 C "C1'"  . G   A 1 1  ? -10.084 6.426  -4.118  1.00 0.00 ? 1  G   A "C1'"  4 
ATOM   1159 N N9     . G   A 1 1  ? -8.702  6.250  -4.595  1.00 0.00 ? 1  G   A N9     4 
ATOM   1160 C C8     . G   A 1 1  ? -7.643  7.080  -4.459  1.00 0.00 ? 1  G   A C8     4 
ATOM   1161 N N7     . G   A 1 1  ? -6.521  6.710  -4.973  1.00 0.00 ? 1  G   A N7     4 
ATOM   1162 C C5     . G   A 1 1  ? -6.858  5.470  -5.526  1.00 0.00 ? 1  G   A C5     4 
ATOM   1163 C C6     . G   A 1 1  ? -6.058  4.542  -6.241  1.00 0.00 ? 1  G   A C6     4 
ATOM   1164 O O6     . G   A 1 1  ? -4.873  4.628  -6.539  1.00 0.00 ? 1  G   A O6     4 
ATOM   1165 N N1     . G   A 1 1  ? -6.786  3.428  -6.615  1.00 0.00 ? 1  G   A N1     4 
ATOM   1166 C C2     . G   A 1 1  ? -8.117  3.219  -6.343  1.00 0.00 ? 1  G   A C2     4 
ATOM   1167 N N2     . G   A 1 1  ? -8.633  2.081  -6.782  1.00 0.00 ? 1  G   A N2     4 
ATOM   1168 N N3     . G   A 1 1  ? -8.882  4.080  -5.676  1.00 0.00 ? 1  G   A N3     4 
ATOM   1169 C C4     . G   A 1 1  ? -8.196  5.182  -5.298  1.00 0.00 ? 1  G   A C4     4 
ATOM   1170 H "H5'"  . G   A 1 1  ? -10.092 9.633  -1.703  1.00 0.00 ? 1  G   A "H5'"  4 
ATOM   1171 H "H5''" . G   A 1 1  ? -10.081 8.578  -0.263  1.00 0.00 ? 1  G   A "H5''" 4 
ATOM   1172 H "H4'"  . G   A 1 1  ? -11.634 7.792  -2.022  1.00 0.00 ? 1  G   A "H4'"  4 
ATOM   1173 H "H3'"  . G   A 1 1  ? -9.131  6.212  -1.481  1.00 0.00 ? 1  G   A "H3'"  4 
ATOM   1174 H "H2'"  . G   A 1 1  ? -9.691  4.610  -3.042  1.00 0.00 ? 1  G   A "H2'"  4 
ATOM   1175 H "HO2'" . G   A 1 1  ? -12.076 4.894  -2.198  1.00 0.00 ? 1  G   A "HO2'" 4 
ATOM   1176 H "H1'"  . G   A 1 1  ? -10.779 6.276  -4.944  1.00 0.00 ? 1  G   A "H1'"  4 
ATOM   1177 H H8     . G   A 1 1  ? -7.735  8.023  -3.919  1.00 0.00 ? 1  G   A H8     4 
ATOM   1178 H H1     . G   A 1 1  ? -6.280  2.727  -7.133  1.00 0.00 ? 1  G   A H1     4 
ATOM   1179 H H21    . G   A 1 1  ? -8.051  1.420  -7.287  1.00 0.00 ? 1  G   A H21    4 
ATOM   1180 H H22    . G   A 1 1  ? -9.603  1.870  -6.609  1.00 0.00 ? 1  G   A H22    4 
ATOM   1181 H "HO5'" . G   A 1 1  ? -7.977  9.181  -0.867  1.00 0.00 ? 1  G   A "HO5'" 4 
ATOM   1182 P P      . G   A 1 2  ? -10.372 4.823  0.474   1.00 0.00 ? 2  G   A P      4 
ATOM   1183 O OP1    . G   A 1 2  ? -11.393 4.631  1.529   1.00 0.00 ? 2  G   A OP1    4 
ATOM   1184 O OP2    . G   A 1 2  ? -9.037  5.356  0.825   1.00 0.00 ? 2  G   A OP2    4 
ATOM   1185 O "O5'"  . G   A 1 2  ? -10.177 3.429  -0.303  1.00 0.00 ? 2  G   A "O5'"  4 
ATOM   1186 C "C5'"  . G   A 1 2  ? -11.325 2.685  -0.746  1.00 0.00 ? 2  G   A "C5'"  4 
ATOM   1187 C "C4'"  . G   A 1 2  ? -10.965 1.509  -1.631  1.00 0.00 ? 2  G   A "C4'"  4 
ATOM   1188 O "O4'"  . G   A 1 2  ? -10.314 1.921  -2.853  1.00 0.00 ? 2  G   A "O4'"  4 
ATOM   1189 C "C3'"  . G   A 1 2  ? -10.011 0.578  -0.931  1.00 0.00 ? 2  G   A "C3'"  4 
ATOM   1190 O "O3'"  . G   A 1 2  ? -10.712 -0.376 -0.122  1.00 0.00 ? 2  G   A "O3'"  4 
ATOM   1191 C "C2'"  . G   A 1 2  ? -9.254  -0.068 -2.051  1.00 0.00 ? 2  G   A "C2'"  4 
ATOM   1192 O "O2'"  . G   A 1 2  ? -9.911  -1.269 -2.479  1.00 0.00 ? 2  G   A "O2'"  4 
ATOM   1193 C "C1'"  . G   A 1 2  ? -9.253  0.976  -3.156  1.00 0.00 ? 2  G   A "C1'"  4 
ATOM   1194 N N9     . G   A 1 2  ? -7.947  1.665  -3.234  1.00 0.00 ? 2  G   A N9     4 
ATOM   1195 C C8     . G   A 1 2  ? -7.533  2.808  -2.635  1.00 0.00 ? 2  G   A C8     4 
ATOM   1196 N N7     . G   A 1 2  ? -6.335  3.218  -2.886  1.00 0.00 ? 2  G   A N7     4 
ATOM   1197 C C5     . G   A 1 2  ? -5.875  2.228  -3.762  1.00 0.00 ? 2  G   A C5     4 
ATOM   1198 C C6     . G   A 1 2  ? -4.618  2.088  -4.410  1.00 0.00 ? 2  G   A C6     4 
ATOM   1199 O O6     . G   A 1 2  ? -3.638  2.827  -4.356  1.00 0.00 ? 2  G   A O6     4 
ATOM   1200 N N1     . G   A 1 2  ? -4.578  0.950  -5.193  1.00 0.00 ? 2  G   A N1     4 
ATOM   1201 C C2     . G   A 1 2  ? -5.612  0.054  -5.345  1.00 0.00 ? 2  G   A C2     4 
ATOM   1202 N N2     . G   A 1 2  ? -5.383  -0.982 -6.134  1.00 0.00 ? 2  G   A N2     4 
ATOM   1203 N N3     . G   A 1 2  ? -6.791  0.173  -4.750  1.00 0.00 ? 2  G   A N3     4 
ATOM   1204 C C4     . G   A 1 2  ? -6.860  1.275  -3.975  1.00 0.00 ? 2  G   A C4     4 
ATOM   1205 H "H5'"  . G   A 1 2  ? -11.962 3.320  -1.339  1.00 0.00 ? 2  G   A "H5'"  4 
ATOM   1206 H "H5''" . G   A 1 2  ? -11.874 2.335  0.148   1.00 0.00 ? 2  G   A "H5''" 4 
ATOM   1207 H "H4'"  . G   A 1 2  ? -11.871 0.962  -1.884  1.00 0.00 ? 2  G   A "H4'"  4 
ATOM   1208 H "H3'"  . G   A 1 2  ? -9.314  1.165  -0.321  1.00 0.00 ? 2  G   A "H3'"  4 
ATOM   1209 H "H2'"  . G   A 1 2  ? -8.231  -0.281 -1.745  1.00 0.00 ? 2  G   A "H2'"  4 
ATOM   1210 H "HO2'" . G   A 1 2  ? -10.167 -1.747 -1.687  1.00 0.00 ? 2  G   A "HO2'" 4 
ATOM   1211 H "H1'"  . G   A 1 2  ? -9.460  0.491  -4.107  1.00 0.00 ? 2  G   A "H1'"  4 
ATOM   1212 H H8     . G   A 1 2  ? -8.181  3.355  -1.953  1.00 0.00 ? 2  G   A H8     4 
ATOM   1213 H H1     . G   A 1 2  ? -3.715  0.784  -5.680  1.00 0.00 ? 2  G   A H1     4 
ATOM   1214 H H21    . G   A 1 2  ? -4.482  -1.086 -6.586  1.00 0.00 ? 2  G   A H21    4 
ATOM   1215 H H22    . G   A 1 2  ? -6.104  -1.672 -6.278  1.00 0.00 ? 2  G   A H22    4 
ATOM   1216 P P      . A   A 1 3  ? -10.166 -0.745 1.346   1.00 0.00 ? 3  A   A P      4 
ATOM   1217 O OP1    . A   A 1 3  ? -11.163 -1.616 2.008   1.00 0.00 ? 3  A   A OP1    4 
ATOM   1218 O OP2    . A   A 1 3  ? -9.714  0.501  2.005   1.00 0.00 ? 3  A   A OP2    4 
ATOM   1219 O "O5'"  . A   A 1 3  ? -8.863  -1.625 0.999   1.00 0.00 ? 3  A   A "O5'"  4 
ATOM   1220 C "C5'"  . A   A 1 3  ? -9.001  -2.908 0.375   1.00 0.00 ? 3  A   A "C5'"  4 
ATOM   1221 C "C4'"  . A   A 1 3  ? -7.753  -3.313 -0.406  1.00 0.00 ? 3  A   A "C4'"  4 
ATOM   1222 O "O4'"  . A   A 1 3  ? -7.408  -2.363 -1.441  1.00 0.00 ? 3  A   A "O4'"  4 
ATOM   1223 C "C3'"  . A   A 1 3  ? -6.536  -3.400 0.480   1.00 0.00 ? 3  A   A "C3'"  4 
ATOM   1224 O "O3'"  . A   A 1 3  ? -6.463  -4.649 1.181   1.00 0.00 ? 3  A   A "O3'"  4 
ATOM   1225 C "C2'"  . A   A 1 3  ? -5.394  -3.214 -0.471  1.00 0.00 ? 3  A   A "C2'"  4 
ATOM   1226 O "O2'"  . A   A 1 3  ? -4.926  -4.470 -0.983  1.00 0.00 ? 3  A   A "O2'"  4 
ATOM   1227 C "C1'"  . A   A 1 3  ? -5.957  -2.349 -1.579  1.00 0.00 ? 3  A   A "C1'"  4 
ATOM   1228 N N9     . A   A 1 3  ? -5.396  -0.989 -1.461  1.00 0.00 ? 3  A   A N9     4 
ATOM   1229 C C8     . A   A 1 3  ? -5.833  0.078  -0.748  1.00 0.00 ? 3  A   A C8     4 
ATOM   1230 N N7     . A   A 1 3  ? -5.096  1.138  -0.751  1.00 0.00 ? 3  A   A N7     4 
ATOM   1231 C C5     . A   A 1 3  ? -4.031  0.738  -1.569  1.00 0.00 ? 3  A   A C5     4 
ATOM   1232 C C6     . A   A 1 3  ? -2.869  1.385  -2.000  1.00 0.00 ? 3  A   A C6     4 
ATOM   1233 N N6     . A   A 1 3  ? -2.555  2.629  -1.650  1.00 0.00 ? 3  A   A N6     4 
ATOM   1234 N N1     . A   A 1 3  ? -2.034  0.696  -2.800  1.00 0.00 ? 3  A   A N1     4 
ATOM   1235 C C2     . A   A 1 3  ? -2.324  -0.561 -3.156  1.00 0.00 ? 3  A   A C2     4 
ATOM   1236 N N3     . A   A 1 3  ? -3.394  -1.265 -2.804  1.00 0.00 ? 3  A   A N3     4 
ATOM   1237 C C4     . A   A 1 3  ? -4.211  -0.553 -2.005  1.00 0.00 ? 3  A   A C4     4 
ATOM   1238 H "H5'"  . A   A 1 3  ? -9.850  -2.882 -0.307  1.00 0.00 ? 3  A   A "H5'"  4 
ATOM   1239 H "H5''" . A   A 1 3  ? -9.193  -3.655 1.147   1.00 0.00 ? 3  A   A "H5''" 4 
ATOM   1240 H "H4'"  . A   A 1 3  ? -7.922  -4.285 -0.868  1.00 0.00 ? 3  A   A "H4'"  4 
ATOM   1241 H "H3'"  . A   A 1 3  ? -6.548  -2.562 1.188   1.00 0.00 ? 3  A   A "H3'"  4 
ATOM   1242 H "H2'"  . A   A 1 3  ? -4.585  -2.681 0.018   1.00 0.00 ? 3  A   A "H2'"  4 
ATOM   1243 H "HO2'" . A   A 1 3  ? -4.345  -4.851 -0.315  1.00 0.00 ? 3  A   A "HO2'" 4 
ATOM   1244 H "H1'"  . A   A 1 3  ? -5.677  -2.773 -2.537  1.00 0.00 ? 3  A   A "H1'"  4 
ATOM   1245 H H8     . A   A 1 3  ? -6.766  0.041  -0.187  1.00 0.00 ? 3  A   A H8     4 
ATOM   1246 H H61    . A   A 1 3  ? -1.699  3.051  -1.990  1.00 0.00 ? 3  A   A H61    4 
ATOM   1247 H H62    . A   A 1 3  ? -3.171  3.151  -1.045  1.00 0.00 ? 3  A   A H62    4 
ATOM   1248 H H2     . A   A 1 3  ? -1.606  -1.063 -3.809  1.00 0.00 ? 3  A   A H2     4 
ATOM   1249 P P      . C   A 1 4  ? -5.917  -4.698 2.699   1.00 0.00 ? 4  C   A P      4 
ATOM   1250 O OP1    . C   A 1 4  ? -6.548  -5.847 3.383   1.00 0.00 ? 4  C   A OP1    4 
ATOM   1251 O OP2    . C   A 1 4  ? -6.025  -3.341 3.283   1.00 0.00 ? 4  C   A OP2    4 
ATOM   1252 O "O5'"  . C   A 1 4  ? -4.357  -5.029 2.492   1.00 0.00 ? 4  C   A "O5'"  4 
ATOM   1253 C "C5'"  . C   A 1 4  ? -3.952  -6.175 1.733   1.00 0.00 ? 4  C   A "C5'"  4 
ATOM   1254 C "C4'"  . C   A 1 4  ? -2.599  -5.951 1.069   1.00 0.00 ? 4  C   A "C4'"  4 
ATOM   1255 O "O4'"  . C   A 1 4  ? -2.599  -4.715 0.329   1.00 0.00 ? 4  C   A "O4'"  4 
ATOM   1256 C "C3'"  . C   A 1 4  ? -1.494  -5.830 2.096   1.00 0.00 ? 4  C   A "C3'"  4 
ATOM   1257 O "O3'"  . C   A 1 4  ? -0.893  -7.099 2.389   1.00 0.00 ? 4  C   A "O3'"  4 
ATOM   1258 C "C2'"  . C   A 1 4  ? -0.507  -4.886 1.483   1.00 0.00 ? 4  C   A "C2'"  4 
ATOM   1259 O "O2'"  . C   A 1 4  ? 0.556   -5.590 0.821   1.00 0.00 ? 4  C   A "O2'"  4 
ATOM   1260 C "C1'"  . C   A 1 4  ? -1.313  -4.066 0.499   1.00 0.00 ? 4  C   A "C1'"  4 
ATOM   1261 N N1     . C   A 1 4  ? -1.476  -2.680 0.994   1.00 0.00 ? 4  C   A N1     4 
ATOM   1262 C C2     . C   A 1 4  ? -0.461  -1.788 0.708   1.00 0.00 ? 4  C   A C2     4 
ATOM   1263 O O2     . C   A 1 4  ? 0.511   -2.155 0.067   1.00 0.00 ? 4  C   A O2     4 
ATOM   1264 N N3     . C   A 1 4  ? -0.574  -0.508 1.154   1.00 0.00 ? 4  C   A N3     4 
ATOM   1265 C C4     . C   A 1 4  ? -1.643  -0.120 1.853   1.00 0.00 ? 4  C   A C4     4 
ATOM   1266 N N4     . C   A 1 4  ? -1.719  1.141  2.265   1.00 0.00 ? 4  C   A N4     4 
ATOM   1267 C C5     . C   A 1 4  ? -2.701  -1.037 2.157   1.00 0.00 ? 4  C   A C5     4 
ATOM   1268 C C6     . C   A 1 4  ? -2.579  -2.302 1.709   1.00 0.00 ? 4  C   A C6     4 
ATOM   1269 H "H5'"  . C   A 1 4  ? -4.696  -6.375 0.960   1.00 0.00 ? 4  C   A "H5'"  4 
ATOM   1270 H "H5''" . C   A 1 4  ? -3.888  -7.040 2.395   1.00 0.00 ? 4  C   A "H5''" 4 
ATOM   1271 H "H4'"  . C   A 1 4  ? -2.379  -6.773 0.392   1.00 0.00 ? 4  C   A "H4'"  4 
ATOM   1272 H "H3'"  . C   A 1 4  ? -1.896  -5.379 3.008   1.00 0.00 ? 4  C   A "H3'"  4 
ATOM   1273 H "H2'"  . C   A 1 4  ? -0.101  -4.230 2.247   1.00 0.00 ? 4  C   A "H2'"  4 
ATOM   1274 H "HO2'" . C   A 1 4  ? 1.377   -5.334 1.257   1.00 0.00 ? 4  C   A "HO2'" 4 
ATOM   1275 H "H1'"  . C   A 1 4  ? -0.789  -4.046 -0.446  1.00 0.00 ? 4  C   A "H1'"  4 
ATOM   1276 H H41    . C   A 1 4  ? -0.971  1.790  2.050   1.00 0.00 ? 4  C   A H41    4 
ATOM   1277 H H42    . C   A 1 4  ? -2.522  1.454  2.791   1.00 0.00 ? 4  C   A H42    4 
ATOM   1278 H H5     . C   A 1 4  ? -3.569  -0.726 2.734   1.00 0.00 ? 4  C   A H5     4 
ATOM   1279 H H6     . C   A 1 4  ? -3.362  -3.030 1.926   1.00 0.00 ? 4  C   A H6     4 
ATOM   1280 P P      . DT  A 1 5  ? -0.326  -7.398 3.863   1.00 0.00 ? 5  DT  A P      4 
ATOM   1281 O OP1    . DT  A 1 5  ? 0.106   -8.813 3.923   1.00 0.00 ? 5  DT  A OP1    4 
ATOM   1282 O OP2    . DT  A 1 5  ? -1.291  -6.875 4.857   1.00 0.00 ? 5  DT  A OP2    4 
ATOM   1283 O "O5'"  . DT  A 1 5  ? 0.984   -6.463 3.905   1.00 0.00 ? 5  DT  A "O5'"  4 
ATOM   1284 C "C5'"  . DT  A 1 5  ? 2.131   -6.780 3.103   1.00 0.00 ? 5  DT  A "C5'"  4 
ATOM   1285 C "C4'"  . DT  A 1 5  ? 3.106   -5.608 3.007   1.00 0.00 ? 5  DT  A "C4'"  4 
ATOM   1286 O "O4'"  . DT  A 1 5  ? 2.440   -4.442 2.478   1.00 0.00 ? 5  DT  A "O4'"  4 
ATOM   1287 C "C3'"  . DT  A 1 5  ? 3.639   -5.232 4.377   1.00 0.00 ? 5  DT  A "C3'"  4 
ATOM   1288 O "O3'"  . DT  A 1 5  ? 4.905   -5.856 4.631   1.00 0.00 ? 5  DT  A "O3'"  4 
ATOM   1289 C "C2'"  . DT  A 1 5  ? 3.782   -3.752 4.319   1.00 0.00 ? 5  DT  A "C2'"  4 
ATOM   1290 C "C1'"  . DT  A 1 5  ? 2.871   -3.271 3.217   1.00 0.00 ? 5  DT  A "C1'"  4 
ATOM   1291 N N1     . DT  A 1 5  ? 1.708   -2.559 3.766   1.00 0.00 ? 5  DT  A N1     4 
ATOM   1292 C C2     . DT  A 1 5  ? 1.693   -1.178 3.680   1.00 0.00 ? 5  DT  A C2     4 
ATOM   1293 O O2     . DT  A 1 5  ? 2.624   -0.535 3.209   1.00 0.00 ? 5  DT  A O2     4 
ATOM   1294 N N3     . DT  A 1 5  ? 0.569   -0.557 4.165   1.00 0.00 ? 5  DT  A N3     4 
ATOM   1295 C C4     . DT  A 1 5  ? -0.527  -1.176 4.720   1.00 0.00 ? 5  DT  A C4     4 
ATOM   1296 O O4     . DT  A 1 5  ? -1.479  -0.510 5.113   1.00 0.00 ? 5  DT  A O4     4 
ATOM   1297 C C5     . DT  A 1 5  ? -0.428  -2.618 4.773   1.00 0.00 ? 5  DT  A C5     4 
ATOM   1298 C C7     . DT  A 1 5  ? -1.590  -3.429 5.338   1.00 0.00 ? 5  DT  A C7     4 
ATOM   1299 C C6     . DT  A 1 5  ? 0.667   -3.256 4.308   1.00 0.00 ? 5  DT  A C6     4 
ATOM   1300 H "H5'"  . DT  A 1 5  ? 1.803   -7.051 2.099   1.00 0.00 ? 5  DT  A "H5'"  4 
ATOM   1301 H "H5''" . DT  A 1 5  ? 2.641   -7.621 3.548   1.00 0.00 ? 5  DT  A "H5''" 4 
ATOM   1302 H "H4'"  . DT  A 1 5  ? 3.935   -5.874 2.355   1.00 0.00 ? 5  DT  A "H4'"  4 
ATOM   1303 H "H3'"  . DT  A 1 5  ? 2.918   -5.505 5.152   1.00 0.00 ? 5  DT  A "H3'"  4 
ATOM   1304 H "H2'"  . DT  A 1 5  ? 3.472   -3.308 5.279   1.00 0.00 ? 5  DT  A "H2'"  4 
ATOM   1305 H "H2''" . DT  A 1 5  ? 4.816   -3.501 4.066   1.00 0.00 ? 5  DT  A "H2''" 4 
ATOM   1306 H "H1'"  . DT  A 1 5  ? 3.423   -2.605 2.553   1.00 0.00 ? 5  DT  A "H1'"  4 
ATOM   1307 H H3     . DT  A 1 5  ? 0.543   0.447  4.109   1.00 0.00 ? 5  DT  A H3     4 
ATOM   1308 H H71    . DT  A 1 5  ? -1.982  -4.086 4.564   1.00 0.00 ? 5  DT  A H71    4 
ATOM   1309 H H72    . DT  A 1 5  ? -2.379  -2.752 5.670   1.00 0.00 ? 5  DT  A H72    4 
ATOM   1310 H H73    . DT  A 1 5  ? -1.243  -4.025 6.181   1.00 0.00 ? 5  DT  A H73    4 
ATOM   1311 H H6     . DT  A 1 5  ? 0.738   -4.348 4.386   1.00 0.00 ? 5  DT  A H6     4 
ATOM   1312 P P      . DT  A 1 6  ? 5.351   -6.191 6.141   1.00 0.00 ? 6  DT  A P      4 
ATOM   1313 O OP1    . DT  A 1 6  ? 5.709   -7.623 6.209   1.00 0.00 ? 6  DT  A OP1    4 
ATOM   1314 O OP2    . DT  A 1 6  ? 4.324   -5.649 7.059   1.00 0.00 ? 6  DT  A OP2    4 
ATOM   1315 O "O5'"  . DT  A 1 6  ? 6.702   -5.331 6.336   1.00 0.00 ? 6  DT  A "O5'"  4 
ATOM   1316 C "C5'"  . DT  A 1 6  ? 6.707   -3.892 6.284   1.00 0.00 ? 6  DT  A "C5'"  4 
ATOM   1317 C "C4'"  . DT  A 1 6  ? 7.155   -3.282 7.616   1.00 0.00 ? 6  DT  A "C4'"  4 
ATOM   1318 O "O4'"  . DT  A 1 6  ? 6.112   -3.397 8.617   1.00 0.00 ? 6  DT  A "O4'"  4 
ATOM   1319 C "C3'"  . DT  A 1 6  ? 8.386   -4.009 8.157   1.00 0.00 ? 6  DT  A "C3'"  4 
ATOM   1320 O "O3'"  . DT  A 1 6  ? 9.401   -3.078 8.585   1.00 0.00 ? 6  DT  A "O3'"  4 
ATOM   1321 C "C2'"  . DT  A 1 6  ? 7.857   -4.786 9.317   1.00 0.00 ? 6  DT  A "C2'"  4 
ATOM   1322 C "C1'"  . DT  A 1 6  ? 6.659   -4.024 9.795   1.00 0.00 ? 6  DT  A "C1'"  4 
ATOM   1323 N N1     . DT  A 1 6  ? 5.650   -4.899 10.403  1.00 0.00 ? 6  DT  A N1     4 
ATOM   1324 C C2     . DT  A 1 6  ? 5.262   -4.653 11.707  1.00 0.00 ? 6  DT  A C2     4 
ATOM   1325 O O2     . DT  A 1 6  ? 5.772   -3.772 12.394  1.00 0.00 ? 6  DT  A O2     4 
ATOM   1326 N N3     . DT  A 1 6  ? 4.256   -5.459 12.195  1.00 0.00 ? 6  DT  A N3     4 
ATOM   1327 C C4     . DT  A 1 6  ? 3.615   -6.467 11.506  1.00 0.00 ? 6  DT  A C4     4 
ATOM   1328 O O4     . DT  A 1 6  ? 2.728   -7.122 12.044  1.00 0.00 ? 6  DT  A O4     4 
ATOM   1329 C C5     . DT  A 1 6  ? 4.092   -6.648 10.151  1.00 0.00 ? 6  DT  A C5     4 
ATOM   1330 C C7     . DT  A 1 6  ? 3.437   -7.692 9.247   1.00 0.00 ? 6  DT  A C7     4 
ATOM   1331 C C6     . DT  A 1 6  ? 5.080   -5.874 9.662   1.00 0.00 ? 6  DT  A C6     4 
ATOM   1332 H "H5'"  . DT  A 1 6  ? 5.707   -3.531 6.046   1.00 0.00 ? 6  DT  A "H5'"  4 
ATOM   1333 H "H5''" . DT  A 1 6  ? 7.396   -3.575 5.501   1.00 0.00 ? 6  DT  A "H5''" 4 
ATOM   1334 H "H4'"  . DT  A 1 6  ? 7.390   -2.233 7.467   1.00 0.00 ? 6  DT  A "H4'"  4 
ATOM   1335 H "H3'"  . DT  A 1 6  ? 8.783   -4.690 7.400   1.00 0.00 ? 6  DT  A "H3'"  4 
ATOM   1336 H "H2'"  . DT  A 1 6  ? 7.541   -5.781 8.968   1.00 0.00 ? 6  DT  A "H2'"  4 
ATOM   1337 H "H2''" . DT  A 1 6  ? 8.598   -4.844 10.113  1.00 0.00 ? 6  DT  A "H2''" 4 
ATOM   1338 H "H1'"  . DT  A 1 6  ? 6.969   -3.264 10.508  1.00 0.00 ? 6  DT  A "H1'"  4 
ATOM   1339 H H3     . DT  A 1 6  ? 3.962   -5.296 13.144  1.00 0.00 ? 6  DT  A H3     4 
ATOM   1340 H H71    . DT  A 1 6  ? 2.689   -8.244 9.813   1.00 0.00 ? 6  DT  A H71    4 
ATOM   1341 H H72    . DT  A 1 6  ? 4.192   -8.379 8.871   1.00 0.00 ? 6  DT  A H72    4 
ATOM   1342 H H73    . DT  A 1 6  ? 2.953   -7.188 8.405   1.00 0.00 ? 6  DT  A H73    4 
ATOM   1343 H H6     . DT  A 1 6  ? 5.456   -6.048 8.663   1.00 0.00 ? 6  DT  A H6     4 
ATOM   1344 P P      . DC  A 1 7  ? 9.924   -1.894 7.613   1.00 0.00 ? 7  DC  A P      4 
ATOM   1345 O OP1    . DC  A 1 7  ? 10.097  -2.449 6.251   1.00 0.00 ? 7  DC  A OP1    4 
ATOM   1346 O OP2    . DC  A 1 7  ? 11.056  -1.216 8.282   1.00 0.00 ? 7  DC  A OP2    4 
ATOM   1347 O "O5'"  . DC  A 1 7  ? 8.665   -0.881 7.590   1.00 0.00 ? 7  DC  A "O5'"  4 
ATOM   1348 C "C5'"  . DC  A 1 7  ? 8.598   0.197  6.646   1.00 0.00 ? 7  DC  A "C5'"  4 
ATOM   1349 C "C4'"  . DC  A 1 7  ? 7.817   1.390  7.200   1.00 0.00 ? 7  DC  A "C4'"  4 
ATOM   1350 O "O4'"  . DC  A 1 7  ? 6.435   1.042  7.483   1.00 0.00 ? 7  DC  A "O4'"  4 
ATOM   1351 C "C3'"  . DC  A 1 7  ? 8.433   1.885  8.505   1.00 0.00 ? 7  DC  A "C3'"  4 
ATOM   1352 O "O3'"  . DC  A 1 7  ? 8.761   3.270  8.426   1.00 0.00 ? 7  DC  A "O3'"  4 
ATOM   1353 C "C2'"  . DC  A 1 7  ? 7.394   1.644  9.541   1.00 0.00 ? 7  DC  A "C2'"  4 
ATOM   1354 C "C1'"  . DC  A 1 7  ? 6.096   1.528  8.801   1.00 0.00 ? 7  DC  A "C1'"  4 
ATOM   1355 N N1     . DC  A 1 7  ? 5.171   0.604  9.488   1.00 0.00 ? 7  DC  A N1     4 
ATOM   1356 C C2     . DC  A 1 7  ? 4.190   1.153  10.312  1.00 0.00 ? 7  DC  A C2     4 
ATOM   1357 O O2     . DC  A 1 7  ? 4.116   2.371  10.466  1.00 0.00 ? 7  DC  A O2     4 
ATOM   1358 N N3     . DC  A 1 7  ? 3.328   0.305  10.937  1.00 0.00 ? 7  DC  A N3     4 
ATOM   1359 C C4     . DC  A 1 7  ? 3.420   -1.016 10.763  1.00 0.00 ? 7  DC  A C4     4 
ATOM   1360 N N4     . DC  A 1 7  ? 2.552   -1.814 11.375  1.00 0.00 ? 7  DC  A N4     4 
ATOM   1361 C C5     . DC  A 1 7  ? 4.425   -1.582 9.922   1.00 0.00 ? 7  DC  A C5     4 
ATOM   1362 C C6     . DC  A 1 7  ? 5.274   -0.741 9.308   1.00 0.00 ? 7  DC  A C6     4 
ATOM   1363 H "H5'"  . DC  A 1 7  ? 8.108   -0.156 5.737   1.00 0.00 ? 7  DC  A "H5'"  4 
ATOM   1364 H "H5''" . DC  A 1 7  ? 9.611   0.520  6.403   1.00 0.00 ? 7  DC  A "H5''" 4 
ATOM   1365 H "H4'"  . DC  A 1 7  ? 7.834   2.199  6.467   1.00 0.00 ? 7  DC  A "H4'"  4 
ATOM   1366 H "H3'"  . DC  A 1 7  ? 9.327   1.297  8.737   1.00 0.00 ? 7  DC  A "H3'"  4 
ATOM   1367 H "H2'"  . DC  A 1 7  ? 7.612   0.693  10.058  1.00 0.00 ? 7  DC  A "H2'"  4 
ATOM   1368 H "H2''" . DC  A 1 7  ? 7.352   2.495  10.236  1.00 0.00 ? 7  DC  A "H2''" 4 
ATOM   1369 H "H1'"  . DC  A 1 7  ? 5.637   2.513  8.719   1.00 0.00 ? 7  DC  A "H1'"  4 
ATOM   1370 H H41    . DC  A 1 7  ? 1.841   -1.419 11.972  1.00 0.00 ? 7  DC  A H41    4 
ATOM   1371 H H42    . DC  A 1 7  ? 2.605   -2.813 11.242  1.00 0.00 ? 7  DC  A H42    4 
ATOM   1372 H H5     . DC  A 1 7  ? 4.498   -2.658 9.779   1.00 0.00 ? 7  DC  A H5     4 
ATOM   1373 H H6     . DC  A 1 7  ? 6.055   -1.140 8.662   1.00 0.00 ? 7  DC  A H6     4 
ATOM   1374 P P      . DG  A 1 8  ? 10.239  3.724  7.992   1.00 0.00 ? 8  DG  A P      4 
ATOM   1375 O OP1    . DG  A 1 8  ? 11.200  2.711  8.485   1.00 0.00 ? 8  DG  A OP1    4 
ATOM   1376 O OP2    . DG  A 1 8  ? 10.416  5.143  8.370   1.00 0.00 ? 8  DG  A OP2    4 
ATOM   1377 O "O5'"  . DG  A 1 8  ? 10.186  3.626  6.382   1.00 0.00 ? 8  DG  A "O5'"  4 
ATOM   1378 C "C5'"  . DG  A 1 8  ? 9.878   4.778  5.567   1.00 0.00 ? 8  DG  A "C5'"  4 
ATOM   1379 C "C4'"  . DG  A 1 8  ? 8.761   4.504  4.576   1.00 0.00 ? 8  DG  A "C4'"  4 
ATOM   1380 O "O4'"  . DG  A 1 8  ? 7.518   4.206  5.271   1.00 0.00 ? 8  DG  A "O4'"  4 
ATOM   1381 C "C3'"  . DG  A 1 8  ? 8.506   5.709  3.668   1.00 0.00 ? 8  DG  A "C3'"  4 
ATOM   1382 O "O3'"  . DG  A 1 8  ? 8.575   5.331  2.279   1.00 0.00 ? 8  DG  A "O3'"  4 
ATOM   1383 C "C2'"  . DG  A 1 8  ? 7.138   6.172  4.041   1.00 0.00 ? 8  DG  A "C2'"  4 
ATOM   1384 C "C1'"  . DG  A 1 8  ? 6.467   5.002  4.698   1.00 0.00 ? 8  DG  A "C1'"  4 
ATOM   1385 N N9     . DG  A 1 8  ? 5.524   5.455  5.717   1.00 0.00 ? 8  DG  A N9     4 
ATOM   1386 C C8     . DG  A 1 8  ? 5.763   6.158  6.830   1.00 0.00 ? 8  DG  A C8     4 
ATOM   1387 N N7     . DG  A 1 8  ? 4.758   6.467  7.576   1.00 0.00 ? 8  DG  A N7     4 
ATOM   1388 C C5     . DG  A 1 8  ? 3.697   5.894  6.866   1.00 0.00 ? 8  DG  A C5     4 
ATOM   1389 C C6     . DG  A 1 8  ? 2.305   5.873  7.149   1.00 0.00 ? 8  DG  A C6     4 
ATOM   1390 O O6     . DG  A 1 8  ? 1.709   6.369  8.100   1.00 0.00 ? 8  DG  A O6     4 
ATOM   1391 N N1     . DG  A 1 8  ? 1.600   5.188  6.172   1.00 0.00 ? 8  DG  A N1     4 
ATOM   1392 C C2     . DG  A 1 8  ? 2.157   4.595  5.062   1.00 0.00 ? 8  DG  A C2     4 
ATOM   1393 N N2     . DG  A 1 8  ? 1.323   3.976  4.242   1.00 0.00 ? 8  DG  A N2     4 
ATOM   1394 N N3     . DG  A 1 8  ? 3.456   4.608  4.788   1.00 0.00 ? 8  DG  A N3     4 
ATOM   1395 C C4     . DG  A 1 8  ? 4.166   5.270  5.722   1.00 0.00 ? 8  DG  A C4     4 
ATOM   1396 H "H5'"  . DG  A 1 8  ? 10.740  5.043  4.980   1.00 0.00 ? 8  DG  A "H5'"  4 
ATOM   1397 H "H5''" . DG  A 1 8  ? 9.606   5.617  6.233   1.00 0.00 ? 8  DG  A "H5''" 4 
ATOM   1398 H "H4'"  . DG  A 1 8  ? 9.031   3.652  3.960   1.00 0.00 ? 8  DG  A "H4'"  4 
ATOM   1399 H "H3'"  . DG  A 1 8  ? 9.235   6.493  3.887   1.00 0.00 ? 8  DG  A "H3'"  4 
ATOM   1400 H "H2'"  . DG  A 1 8  ? 7.224   7.000  4.764   1.00 0.00 ? 8  DG  A "H2'"  4 
ATOM   1401 H "H2''" . DG  A 1 8  ? 6.576   6.466  3.143   1.00 0.00 ? 8  DG  A "H2''" 4 
ATOM   1402 H "H1'"  . DG  A 1 8  ? 5.943   4.419  3.962   1.00 0.00 ? 8  DG  A "H1'"  4 
ATOM   1403 H H8     . DG  A 1 8  ? 6.773   6.456  7.081   1.00 0.00 ? 8  DG  A H8     4 
ATOM   1404 H H1     . DG  A 1 8  ? 0.606   5.137  6.304   1.00 0.00 ? 8  DG  A H1     4 
ATOM   1405 H H21    . DG  A 1 8  ? 0.336   3.960  4.441   1.00 0.00 ? 8  DG  A H21    4 
ATOM   1406 H H22    . DG  A 1 8  ? 1.679   3.518  3.417   1.00 0.00 ? 8  DG  A H22    4 
HETATM 1407 P P      . GFL A 1 9  ? 8.372   6.413  1.088   1.00 0.00 ? 9  GFL A P      4 
HETATM 1408 O O1P    . GFL A 1 9  ? 9.200   7.601  1.392   1.00 0.00 ? 9  GFL A O1P    4 
HETATM 1409 O O2P    . GFL A 1 9  ? 6.919   6.570  0.848   1.00 0.00 ? 9  GFL A O2P    4 
HETATM 1410 O "O5'"  . GFL A 1 9  ? 9.015   5.671  -0.204  1.00 0.00 ? 9  GFL A "O5'"  4 
HETATM 1411 C "C5'"  . GFL A 1 9  ? 9.687   4.401  -0.077  1.00 0.00 ? 9  GFL A "C5'"  4 
HETATM 1412 C "C4'"  . GFL A 1 9  ? 8.740   3.216  -0.204  1.00 0.00 ? 9  GFL A "C4'"  4 
HETATM 1413 O "O4'"  . GFL A 1 9  ? 7.594   3.377  0.660   1.00 0.00 ? 9  GFL A "O4'"  4 
HETATM 1414 C "C3'"  . GFL A 1 9  ? 8.194   3.064  -1.638  1.00 0.00 ? 9  GFL A "C3'"  4 
HETATM 1415 O "O3'"  . GFL A 1 9  ? 8.780   1.898  -2.276  1.00 0.00 ? 9  GFL A "O3'"  4 
HETATM 1416 C "C2'"  . GFL A 1 9  ? 6.705   2.902  -1.444  1.00 0.00 ? 9  GFL A "C2'"  4 
HETATM 1417 C "C1'"  . GFL A 1 9  ? 6.547   2.654  0.038   1.00 0.00 ? 9  GFL A "C1'"  4 
HETATM 1418 N N9     . GFL A 1 9  ? 5.199   3.023  0.512   1.00 0.00 ? 9  GFL A N9     4 
HETATM 1419 C C8     . GFL A 1 9  ? 4.686   4.205  0.949   1.00 0.00 ? 9  GFL A C8     4 
HETATM 1420 N N7     . GFL A 1 9  ? 3.441   4.212  1.311   1.00 0.00 ? 9  GFL A N7     4 
HETATM 1421 C C5     . GFL A 1 9  ? 3.072   2.875  1.088   1.00 0.00 ? 9  GFL A C5     4 
HETATM 1422 C C6     . GFL A 1 9  ? 1.825   2.211  1.284   1.00 0.00 ? 9  GFL A C6     4 
HETATM 1423 O O6     . GFL A 1 9  ? 0.769   2.668  1.715   1.00 0.00 ? 9  GFL A O6     4 
HETATM 1424 N N1     . GFL A 1 9  ? 1.902   0.872  0.927   1.00 0.00 ? 9  GFL A N1     4 
HETATM 1425 C C2     . GFL A 1 9  ? 3.030   0.247  0.447   1.00 0.00 ? 9  GFL A C2     4 
HETATM 1426 N N2     . GFL A 1 9  ? 2.923   -1.032 0.150   1.00 0.00 ? 9  GFL A N2     4 
HETATM 1427 N N3     . GFL A 1 9  ? 4.190   0.853  0.264   1.00 0.00 ? 9  GFL A N3     4 
HETATM 1428 C C4     . GFL A 1 9  ? 4.146   2.156  0.600   1.00 0.00 ? 9  GFL A C4     4 
HETATM 1429 F F      . GFL A 1 9  ? 6.053   4.045  -1.814  1.00 0.00 ? 9  GFL A F      4 
HETATM 1430 H "H5'1" . GFL A 1 9  ? 10.124  4.326  0.905   1.00 0.00 ? 9  GFL A "H5'1" 4 
HETATM 1431 H "H5'2" . GFL A 1 9  ? 10.482  4.347  -0.844  1.00 0.00 ? 9  GFL A "H5'2" 4 
HETATM 1432 H "H4'"  . GFL A 1 9  ? 9.262   2.302  0.074   1.00 0.00 ? 9  GFL A "H4'"  4 
HETATM 1433 H "H3'"  . GFL A 1 9  ? 8.397   3.972  -2.217  1.00 0.00 ? 9  GFL A "H3'"  4 
HETATM 1434 H "H2'"  . GFL A 1 9  ? 6.330   2.051  -2.002  1.00 0.00 ? 9  GFL A "H2'"  4 
HETATM 1435 H "H1'"  . GFL A 1 9  ? 6.716   1.590  0.237   1.00 0.00 ? 9  GFL A "H1'"  4 
HETATM 1436 H H8     . GFL A 1 9  ? 5.291   5.118  0.986   1.00 0.00 ? 9  GFL A H8     4 
HETATM 1437 H HN1    . GFL A 1 9  ? 1.054   0.334  1.040   1.00 0.00 ? 9  GFL A HN1    4 
HETATM 1438 H HN21   . GFL A 1 9  ? 2.041   -1.515 0.283   1.00 0.00 ? 9  GFL A HN21   4 
HETATM 1439 H HN22   . GFL A 1 9  ? 3.722   -1.530 -0.211  1.00 0.00 ? 9  GFL A HN22   4 
HETATM 1440 P P      . TAF A 1 10 ? 8.547   1.546  -3.843  1.00 0.00 ? 10 TAF A P      4 
HETATM 1441 O OP1    . TAF A 1 10 ? 9.699   0.744  -4.305  1.00 0.00 ? 10 TAF A OP1    4 
HETATM 1442 O OP2    . TAF A 1 10 ? 8.195   2.799  -4.546  1.00 0.00 ? 10 TAF A OP2    4 
HETATM 1443 O "O5'"  . TAF A 1 10 ? 7.239   0.593  -3.819  1.00 0.00 ? 10 TAF A "O5'"  4 
HETATM 1444 N N1     . TAF A 1 10 ? 2.750   0.574  -3.491  1.00 0.00 ? 10 TAF A N1     4 
HETATM 1445 C C6     . TAF A 1 10 ? 3.240   1.832  -3.184  1.00 0.00 ? 10 TAF A C6     4 
HETATM 1446 C C2     . TAF A 1 10 ? 1.432   0.234  -3.210  1.00 0.00 ? 10 TAF A C2     4 
HETATM 1447 O O2     . TAF A 1 10 ? 0.967   -0.874 -3.467  1.00 0.00 ? 10 TAF A O2     4 
HETATM 1448 N N3     . TAF A 1 10 ? 0.664   1.208  -2.620  1.00 0.00 ? 10 TAF A N3     4 
HETATM 1449 C C4     . TAF A 1 10 ? 1.069   2.476  -2.283  1.00 0.00 ? 10 TAF A C4     4 
HETATM 1450 O O4     . TAF A 1 10 ? 0.279   3.257  -1.761  1.00 0.00 ? 10 TAF A O4     4 
HETATM 1451 C C5     . TAF A 1 10 ? 2.451   2.763  -2.603  1.00 0.00 ? 10 TAF A C5     4 
HETATM 1452 C C5M    . TAF A 1 10 ? 3.024   4.142  -2.283  1.00 0.00 ? 10 TAF A C5M    4 
HETATM 1453 F "F2'"  . TAF A 1 10 ? 3.835   1.171  -5.856  1.00 0.00 ? 10 TAF A "F2'"  4 
HETATM 1454 C "C2'"  . TAF A 1 10 ? 3.792   -0.178 -5.633  1.00 0.00 ? 10 TAF A "C2'"  4 
HETATM 1455 C "C5'"  . TAF A 1 10 ? 7.186   -0.706 -4.477  1.00 0.00 ? 10 TAF A "C5'"  4 
HETATM 1456 C "C4'"  . TAF A 1 10 ? 5.729   -1.183 -4.610  1.00 0.00 ? 10 TAF A "C4'"  4 
HETATM 1457 O "O4'"  . TAF A 1 10 ? 4.898   -0.559 -3.600  1.00 0.00 ? 10 TAF A "O4'"  4 
HETATM 1458 C "C1'"  . TAF A 1 10 ? 3.591   -0.468 -4.153  1.00 0.00 ? 10 TAF A "C1'"  4 
HETATM 1459 C "C3'"  . TAF A 1 10 ? 5.128   -0.807 -5.974  1.00 0.00 ? 10 TAF A "C3'"  4 
HETATM 1460 O "O3'"  . TAF A 1 10 ? 4.979   -2.005 -6.787  1.00 0.00 ? 10 TAF A "O3'"  4 
HETATM 1461 H H6     . TAF A 1 10 ? 4.280   2.088  -3.408  1.00 0.00 ? 10 TAF A H6     4 
HETATM 1462 H H3     . TAF A 1 10 ? -0.295  0.967  -2.417  1.00 0.00 ? 10 TAF A H3     4 
HETATM 1463 H H71    . TAF A 1 10 ? 3.403   4.599  -3.198  1.00 0.00 ? 10 TAF A H71    4 
HETATM 1464 H H72    . TAF A 1 10 ? 3.835   4.041  -1.565  1.00 0.00 ? 10 TAF A H72    4 
HETATM 1465 H H73    . TAF A 1 10 ? 2.242   4.774  -1.860  1.00 0.00 ? 10 TAF A H73    4 
HETATM 1466 H "H2'"  . TAF A 1 10 ? 2.992   -0.635 -6.215  1.00 0.00 ? 10 TAF A "H2'"  4 
HETATM 1467 H "H5'"  . TAF A 1 10 ? 7.762   -1.455 -3.907  1.00 0.00 ? 10 TAF A "H5'"  4 
HETATM 1468 H "H5''" . TAF A 1 10 ? 7.623   -0.619 -5.473  1.00 0.00 ? 10 TAF A "H5''" 4 
HETATM 1469 H "H4'"  . TAF A 1 10 ? 5.676   -2.261 -4.484  1.00 0.00 ? 10 TAF A "H4'"  4 
HETATM 1470 H "H1'"  . TAF A 1 10 ? 3.119   -1.446 -4.039  1.00 0.00 ? 10 TAF A "H1'"  4 
HETATM 1471 H "H3'"  . TAF A 1 10 ? 5.764   -0.072 -6.475  1.00 0.00 ? 10 TAF A "H3'"  4 
HETATM 1472 P P      . CFL A 1 11 ? 4.647   -1.949 -8.375  1.00 0.00 ? 11 CFL A P      4 
HETATM 1473 O O1P    . CFL A 1 11 ? 5.320   -3.096 -9.021  1.00 0.00 ? 11 CFL A O1P    4 
HETATM 1474 O O2P    . CFL A 1 11 ? 4.928   -0.576 -8.847  1.00 0.00 ? 11 CFL A O2P    4 
HETATM 1475 O "O5'"  . CFL A 1 11 ? 3.051   -2.193 -8.449  1.00 0.00 ? 11 CFL A "O5'"  4 
HETATM 1476 C "C5'"  . CFL A 1 11 ? 2.451   -3.449 -8.883  1.00 0.00 ? 11 CFL A "C5'"  4 
HETATM 1477 C "C4'"  . CFL A 1 11 ? 0.947   -3.430 -8.583  1.00 0.00 ? 11 CFL A "C4'"  4 
HETATM 1478 O "O4'"  . CFL A 1 11 ? 0.699   -2.541 -7.492  1.00 0.00 ? 11 CFL A "O4'"  4 
HETATM 1479 C "C3'"  . CFL A 1 11 ? 0.129   -2.921 -9.772  1.00 0.00 ? 11 CFL A "C3'"  4 
HETATM 1480 O "O3'"  . CFL A 1 11 ? -0.579  -4.012 -10.399 1.00 0.00 ? 11 CFL A "O3'"  4 
HETATM 1481 C "C2'"  . CFL A 1 11 ? -0.827  -1.919 -9.191  1.00 0.00 ? 11 CFL A "C2'"  4 
HETATM 1482 C "C1'"  . CFL A 1 11 ? -0.572  -1.944 -7.690  1.00 0.00 ? 11 CFL A "C1'"  4 
HETATM 1483 N N1     . CFL A 1 11 ? -0.602  -0.590 -7.089  1.00 0.00 ? 11 CFL A N1     4 
HETATM 1484 C C2     . CFL A 1 11 ? -1.733  -0.237 -6.377  1.00 0.00 ? 11 CFL A C2     4 
HETATM 1485 O O2     . CFL A 1 11 ? -2.681  -1.009 -6.307  1.00 0.00 ? 11 CFL A O2     4 
HETATM 1486 N N3     . CFL A 1 11 ? -1.768  0.977  -5.772  1.00 0.00 ? 11 CFL A N3     4 
HETATM 1487 C C4     . CFL A 1 11 ? -0.736  1.818  -5.856  1.00 0.00 ? 11 CFL A C4     4 
HETATM 1488 N N4     . CFL A 1 11 ? -0.808  2.992  -5.238  1.00 0.00 ? 11 CFL A N4     4 
HETATM 1489 C C5     . CFL A 1 11 ? 0.441   1.471  -6.591  1.00 0.00 ? 11 CFL A C5     4 
HETATM 1490 C C6     . CFL A 1 11 ? 0.468   0.266  -7.194  1.00 0.00 ? 11 CFL A C6     4 
HETATM 1491 F F      . CFL A 1 11 ? -0.598  -0.675 -9.710  1.00 0.00 ? 11 CFL A F      4 
HETATM 1492 H "H5'1" . CFL A 1 11 ? 2.917   -4.304 -8.370  1.00 0.00 ? 11 CFL A "H5'1" 4 
HETATM 1493 H "H5'2" . CFL A 1 11 ? 2.599   -3.566 -9.958  1.00 0.00 ? 11 CFL A "H5'2" 4 
HETATM 1494 H "H4'"  . CFL A 1 11 ? 0.591   -4.414 -8.303  1.00 0.00 ? 11 CFL A "H4'"  4 
HETATM 1495 H "H3'"  . CFL A 1 11 ? 0.787   -2.425 -10.492 1.00 0.00 ? 11 CFL A "H3'"  4 
HETATM 1496 H "H2'"  . CFL A 1 11 ? -1.855  -2.241 -9.396  1.00 0.00 ? 11 CFL A "H2'"  4 
HETATM 1497 H "H1'"  . CFL A 1 11 ? -1.314  -2.576 -7.213  1.00 0.00 ? 11 CFL A "H1'"  4 
HETATM 1498 H HN41   . CFL A 1 11 ? -1.641  3.236  -4.717  1.00 0.00 ? 11 CFL A HN41   4 
HETATM 1499 H HN42   . CFL A 1 11 ? -0.032  3.637  -5.283  1.00 0.00 ? 11 CFL A HN42   4 
HETATM 1500 H H5     . CFL A 1 11 ? 1.295   2.152  -6.648  1.00 0.00 ? 11 CFL A H5     4 
HETATM 1501 H H6     . CFL A 1 11 ? 1.341   -0.018 -7.789  1.00 0.00 ? 11 CFL A H6     4 
HETATM 1502 P P      . CFL A 1 12 ? -1.389  -3.811 -11.783 1.00 0.00 ? 12 CFL A P      4 
HETATM 1503 O O1P    . CFL A 1 12 ? -1.507  -5.127 -12.442 1.00 0.00 ? 12 CFL A O1P    4 
HETATM 1504 O O2P    . CFL A 1 12 ? -0.774  -2.678 -12.506 1.00 0.00 ? 12 CFL A O2P    4 
HETATM 1505 O "O5'"  . CFL A 1 12 ? -2.862  -3.355 -11.289 1.00 0.00 ? 12 CFL A "O5'"  4 
HETATM 1506 C "C5'"  . CFL A 1 12 ? -3.893  -4.319 -10.970 1.00 0.00 ? 12 CFL A "C5'"  4 
HETATM 1507 C "C4'"  . CFL A 1 12 ? -5.167  -3.623 -10.482 1.00 0.00 ? 12 CFL A "C4'"  4 
HETATM 1508 O "O4'"  . CFL A 1 12 ? -4.843  -2.606 -9.537  1.00 0.00 ? 12 CFL A "O4'"  4 
HETATM 1509 C "C3'"  . CFL A 1 12 ? -5.913  -2.949 -11.630 1.00 0.00 ? 12 CFL A "C3'"  4 
HETATM 1510 O "O3'"  . CFL A 1 12 ? -7.075  -3.704 -12.002 1.00 0.00 ? 12 CFL A "O3'"  4 
HETATM 1511 C "C2'"  . CFL A 1 12 ? -6.287  -1.583 -11.123 1.00 0.00 ? 12 CFL A "C2'"  4 
HETATM 1512 C "C1'"  . CFL A 1 12 ? -5.793  -1.546 -9.679  1.00 0.00 ? 12 CFL A "C1'"  4 
HETATM 1513 N N1     . CFL A 1 12 ? -5.131  -0.257 -9.363  1.00 0.00 ? 12 CFL A N1     4 
HETATM 1514 C C2     . CFL A 1 12 ? -5.804  0.656  -8.560  1.00 0.00 ? 12 CFL A C2     4 
HETATM 1515 O O2     . CFL A 1 12 ? -6.926  0.402  -8.126  1.00 0.00 ? 12 CFL A O2     4 
HETATM 1516 N N3     . CFL A 1 12 ? -5.184  1.833  -8.272  1.00 0.00 ? 12 CFL A N3     4 
HETATM 1517 C C4     . CFL A 1 12 ? -3.963  2.106  -8.748  1.00 0.00 ? 12 CFL A C4     4 
HETATM 1518 N N4     . CFL A 1 12 ? -3.387  3.262  -8.442  1.00 0.00 ? 12 CFL A N4     4 
HETATM 1519 C C5     . CFL A 1 12 ? -3.269  1.176  -9.572  1.00 0.00 ? 12 CFL A C5     4 
HETATM 1520 C C6     . CFL A 1 12 ? -3.876  0.017  -9.853  1.00 0.00 ? 12 CFL A C6     4 
HETATM 1521 F F      . CFL A 1 12 ? -5.685  -0.611 -11.873 1.00 0.00 ? 12 CFL A F      4 
HETATM 1522 H "H5'1" . CFL A 1 12 ? -3.531  -4.988 -10.191 1.00 0.00 ? 12 CFL A "H5'1" 4 
HETATM 1523 H "H5'2" . CFL A 1 12 ? -4.123  -4.907 -11.860 1.00 0.00 ? 12 CFL A "H5'2" 4 
HETATM 1524 H "H4'"  . CFL A 1 12 ? -5.829  -4.338 -10.001 1.00 0.00 ? 12 CFL A "H4'"  4 
HETATM 1525 H "H3'"  . CFL A 1 12 ? -5.242  -2.840 -12.487 1.00 0.00 ? 12 CFL A "H3'"  4 
HETATM 1526 H "HO3'" . CFL A 1 12 ? -6.774  -4.571 -12.291 1.00 0.00 ? 12 CFL A "HO3'" 4 
HETATM 1527 H "H2'"  . CFL A 1 12 ? -7.389  -1.467 -11.147 1.00 0.00 ? 12 CFL A "H2'"  4 
HETATM 1528 H "H1'"  . CFL A 1 12 ? -6.628  -1.723 -9.005  1.00 0.00 ? 12 CFL A "H1'"  4 
HETATM 1529 H HN41   . CFL A 1 12 ? -3.875  3.931  -7.854  1.00 0.00 ? 12 CFL A HN41   4 
HETATM 1530 H HN42   . CFL A 1 12 ? -2.466  3.477  -8.795  1.00 0.00 ? 12 CFL A HN42   4 
HETATM 1531 H H5     . CFL A 1 12 ? -2.284  1.404  -9.972  1.00 0.00 ? 12 CFL A H5     4 
HETATM 1532 H H6     . CFL A 1 12 ? -3.351  -0.721 -10.467 1.00 0.00 ? 12 CFL A H6     4 
ATOM   1533 O "O5'"  . G   A 1 1  ? -9.149  8.144  -1.900  1.00 0.00 ? 1  G   A "O5'"  5 
ATOM   1534 C "C5'"  . G   A 1 1  ? -10.585 8.176  -1.946  1.00 0.00 ? 1  G   A "C5'"  5 
ATOM   1535 C "C4'"  . G   A 1 1  ? -11.179 7.030  -2.750  1.00 0.00 ? 1  G   A "C4'"  5 
ATOM   1536 O "O4'"  . G   A 1 1  ? -10.747 7.062  -4.129  1.00 0.00 ? 1  G   A "O4'"  5 
ATOM   1537 C "C3'"  . G   A 1 1  ? -10.741 5.694  -2.196  1.00 0.00 ? 1  G   A "C3'"  5 
ATOM   1538 O "O3'"  . G   A 1 1  ? -11.625 5.238  -1.161  1.00 0.00 ? 1  G   A "O3'"  5 
ATOM   1539 C "C2'"  . G   A 1 1  ? -10.748 4.787  -3.392  1.00 0.00 ? 1  G   A "C2'"  5 
ATOM   1540 O "O2'"  . G   A 1 1  ? -12.030 4.160  -3.564  1.00 0.00 ? 1  G   A "O2'"  5 
ATOM   1541 C "C1'"  . G   A 1 1  ? -10.436 5.708  -4.559  1.00 0.00 ? 1  G   A "C1'"  5 
ATOM   1542 N N9     . G   A 1 1  ? -9.013  5.608  -4.930  1.00 0.00 ? 1  G   A N9     5 
ATOM   1543 C C8     . G   A 1 1  ? -8.009  6.493  -4.727  1.00 0.00 ? 1  G   A C8     5 
ATOM   1544 N N7     . G   A 1 1  ? -6.834  6.170  -5.145  1.00 0.00 ? 1  G   A N7     5 
ATOM   1545 C C5     . G   A 1 1  ? -7.069  4.907  -5.703  1.00 0.00 ? 1  G   A C5     5 
ATOM   1546 C C6     . G   A 1 1  ? -6.172  4.011  -6.339  1.00 0.00 ? 1  G   A C6     5 
ATOM   1547 O O6     . G   A 1 1  ? -4.971  4.148  -6.541  1.00 0.00 ? 1  G   A O6     5 
ATOM   1548 N N1     . G   A 1 1  ? -6.818  2.858  -6.753  1.00 0.00 ? 1  G   A N1     5 
ATOM   1549 C C2     . G   A 1 1  ? -8.156  2.590  -6.581  1.00 0.00 ? 1  G   A C2     5 
ATOM   1550 N N2     . G   A 1 1  ? -8.588  1.427  -7.046  1.00 0.00 ? 1  G   A N2     5 
ATOM   1551 N N3     . G   A 1 1  ? -9.007  3.422  -5.987  1.00 0.00 ? 1  G   A N3     5 
ATOM   1552 C C4     . G   A 1 1  ? -8.403  4.557  -5.573  1.00 0.00 ? 1  G   A C4     5 
ATOM   1553 H "H5'"  . G   A 1 1  ? -10.910 9.081  -2.431  1.00 0.00 ? 1  G   A "H5'"  5 
ATOM   1554 H "H5''" . G   A 1 1  ? -10.964 8.151  -0.908  1.00 0.00 ? 1  G   A "H5''" 5 
ATOM   1555 H "H4'"  . G   A 1 1  ? -12.266 7.091  -2.720  1.00 0.00 ? 1  G   A "H4'"  5 
ATOM   1556 H "H3'"  . G   A 1 1  ? -9.715  5.777  -1.818  1.00 0.00 ? 1  G   A "H3'"  5 
ATOM   1557 H "H2'"  . G   A 1 1  ? -9.965  4.035  -3.300  1.00 0.00 ? 1  G   A "H2'"  5 
ATOM   1558 H "HO2'" . G   A 1 1  ? -12.111 3.492  -2.880  1.00 0.00 ? 1  G   A "HO2'" 5 
ATOM   1559 H "H1'"  . G   A 1 1  ? -11.054 5.440  -5.413  1.00 0.00 ? 1  G   A "H1'"  5 
ATOM   1560 H H8     . G   A 1 1  ? -8.187  7.444  -4.223  1.00 0.00 ? 1  G   A H8     5 
ATOM   1561 H H1     . G   A 1 1  ? -6.239  2.176  -7.222  1.00 0.00 ? 1  G   A H1     5 
ATOM   1562 H H21    . G   A 1 1  ? -7.944  0.787  -7.496  1.00 0.00 ? 1  G   A H21    5 
ATOM   1563 H H22    . G   A 1 1  ? -9.561  1.179  -6.946  1.00 0.00 ? 1  G   A H22    5 
ATOM   1564 H "HO5'" . G   A 1 1  ? -8.862  8.902  -1.386  1.00 0.00 ? 1  G   A "HO5'" 5 
ATOM   1565 P P      . G   A 1 2  ? -11.039 4.505  0.148   1.00 0.00 ? 2  G   A P      5 
ATOM   1566 O OP1    . G   A 1 2  ? -12.142 4.345  1.120   1.00 0.00 ? 2  G   A OP1    5 
ATOM   1567 O OP2    . G   A 1 2  ? -9.793  5.196  0.549   1.00 0.00 ? 2  G   A OP2    5 
ATOM   1568 O "O5'"  . G   A 1 2  ? -10.652 3.053  -0.427  1.00 0.00 ? 2  G   A "O5'"  5 
ATOM   1569 C "C5'"  . G   A 1 2  ? -11.686 2.155  -0.867  1.00 0.00 ? 2  G   A "C5'"  5 
ATOM   1570 C "C4'"  . G   A 1 2  ? -11.168 1.040  -1.761  1.00 0.00 ? 2  G   A "C4'"  5 
ATOM   1571 O "O4'"  . G   A 1 2  ? -10.499 1.544  -2.941  1.00 0.00 ? 2  G   A "O4'"  5 
ATOM   1572 C "C3'"  . G   A 1 2  ? -10.157 0.187  -1.040  1.00 0.00 ? 2  G   A "C3'"  5 
ATOM   1573 O "O3'"  . G   A 1 2  ? -10.789 -0.816 -0.233  1.00 0.00 ? 2  G   A "O3'"  5 
ATOM   1574 C "C2'"  . G   A 1 2  ? -9.335  -0.395 -2.151  1.00 0.00 ? 2  G   A "C2'"  5 
ATOM   1575 O "O2'"  . G   A 1 2  ? -9.896  -1.634 -2.618  1.00 0.00 ? 2  G   A "O2'"  5 
ATOM   1576 C "C1'"  . G   A 1 2  ? -9.370  0.668  -3.238  1.00 0.00 ? 2  G   A "C1'"  5 
ATOM   1577 N N9     . G   A 1 2  ? -8.093  1.416  -3.252  1.00 0.00 ? 2  G   A N9     5 
ATOM   1578 C C8     . G   A 1 2  ? -7.741  2.548  -2.593  1.00 0.00 ? 2  G   A C8     5 
ATOM   1579 N N7     . G   A 1 2  ? -6.536  2.981  -2.749  1.00 0.00 ? 2  G   A N7     5 
ATOM   1580 C C5     . G   A 1 2  ? -6.000  2.027  -3.622  1.00 0.00 ? 2  G   A C5     5 
ATOM   1581 C C6     . G   A 1 2  ? -4.697  1.928  -4.187  1.00 0.00 ? 2  G   A C6     5 
ATOM   1582 O O6     . G   A 1 2  ? -3.734  2.677  -4.033  1.00 0.00 ? 2  G   A O6     5 
ATOM   1583 N N1     . G   A 1 2  ? -4.585  0.818  -5.006  1.00 0.00 ? 2  G   A N1     5 
ATOM   1584 C C2     . G   A 1 2  ? -5.592  -0.088 -5.257  1.00 0.00 ? 2  G   A C2     5 
ATOM   1585 N N2     . G   A 1 2  ? -5.298  -1.091 -6.067  1.00 0.00 ? 2  G   A N2     5 
ATOM   1586 N N3     . G   A 1 2  ? -6.810  -0.005 -4.740  1.00 0.00 ? 2  G   A N3     5 
ATOM   1587 C C4     . G   A 1 2  ? -6.952  1.068  -3.934  1.00 0.00 ? 2  G   A C4     5 
ATOM   1588 H "H5'"  . G   A 1 2  ? -12.409 2.695  -1.452  1.00 0.00 ? 2  G   A "H5'"  5 
ATOM   1589 H "H5''" . G   A 1 2  ? -12.174 1.729  0.029   1.00 0.00 ? 2  G   A "H5''" 5 
ATOM   1590 H "H4'"  . G   A 1 2  ? -12.004 0.416  -2.071  1.00 0.00 ? 2  G   A "H4'"  5 
ATOM   1591 H "H3'"  . G   A 1 2  ? -9.516  0.830  -0.425  1.00 0.00 ? 2  G   A "H3'"  5 
ATOM   1592 H "H2'"  . G   A 1 2  ? -8.310  -0.543 -1.822  1.00 0.00 ? 2  G   A "H2'"  5 
ATOM   1593 H "HO2'" . G   A 1 2  ? -9.627  -2.318 -1.994  1.00 0.00 ? 2  G   A "HO2'" 5 
ATOM   1594 H "H1'"  . G   A 1 2  ? -9.522  0.190  -4.204  1.00 0.00 ? 2  G   A "H1'"  5 
ATOM   1595 H H8     . G   A 1 2  ? -8.446  3.066  -1.945  1.00 0.00 ? 2  G   A H8     5 
ATOM   1596 H H1     . G   A 1 2  ? -3.684  0.681  -5.438  1.00 0.00 ? 2  G   A H1     5 
ATOM   1597 H H21    . G   A 1 2  ? -4.369  -1.167 -6.465  1.00 0.00 ? 2  G   A H21    5 
ATOM   1598 H H22    . G   A 1 2  ? -6.000  -1.781 -6.283  1.00 0.00 ? 2  G   A H22    5 
ATOM   1599 P P      . A   A 1 3  ? -10.209 -1.163 1.230   1.00 0.00 ? 3  A   A P      5 
ATOM   1600 O OP1    . A   A 1 3  ? -11.237 -1.931 1.970   1.00 0.00 ? 3  A   A OP1    5 
ATOM   1601 O OP2    . A   A 1 3  ? -9.644  0.075  1.816   1.00 0.00 ? 3  A   A OP2    5 
ATOM   1602 O "O5'"  . A   A 1 3  ? -8.987  -2.152 0.877   1.00 0.00 ? 3  A   A "O5'"  5 
ATOM   1603 C "C5'"  . A   A 1 3  ? -9.245  -3.413 0.252   1.00 0.00 ? 3  A   A "C5'"  5 
ATOM   1604 C "C4'"  . A   A 1 3  ? -8.085  -3.872 -0.629  1.00 0.00 ? 3  A   A "C4'"  5 
ATOM   1605 O "O4'"  . A   A 1 3  ? -7.740  -2.892 -1.641  1.00 0.00 ? 3  A   A "O4'"  5 
ATOM   1606 C "C3'"  . A   A 1 3  ? -6.820  -4.094 0.161   1.00 0.00 ? 3  A   A "C3'"  5 
ATOM   1607 O "O3'"  . A   A 1 3  ? -6.780  -5.369 0.812   1.00 0.00 ? 3  A   A "O3'"  5 
ATOM   1608 C "C2'"  . A   A 1 3  ? -5.758  -3.967 -0.873  1.00 0.00 ? 3  A   A "C2'"  5 
ATOM   1609 O "O2'"  . A   A 1 3  ? -5.578  -5.207 -1.572  1.00 0.00 ? 3  A   A "O2'"  5 
ATOM   1610 C "C1'"  . A   A 1 3  ? -6.291  -2.889 -1.797  1.00 0.00 ? 3  A   A "C1'"  5 
ATOM   1611 N N9     . A   A 1 3  ? -5.703  -1.584 -1.424  1.00 0.00 ? 3  A   A N9     5 
ATOM   1612 C C8     . A   A 1 3  ? -6.161  -0.638 -0.568  1.00 0.00 ? 3  A   A C8     5 
ATOM   1613 N N7     . A   A 1 3  ? -5.423  0.403  -0.381  1.00 0.00 ? 3  A   A N7     5 
ATOM   1614 C C5     . A   A 1 3  ? -4.331  0.129  -1.212  1.00 0.00 ? 3  A   A C5     5 
ATOM   1615 C C6     . A   A 1 3  ? -3.154  0.831  -1.496  1.00 0.00 ? 3  A   A C6     5 
ATOM   1616 N N6     . A   A 1 3  ? -2.856  2.006  -0.947  1.00 0.00 ? 3  A   A N6     5 
ATOM   1617 N N1     . A   A 1 3  ? -2.290  0.272  -2.362  1.00 0.00 ? 3  A   A N1     5 
ATOM   1618 C C2     . A   A 1 3  ? -2.566  -0.913 -2.920  1.00 0.00 ? 3  A   A C2     5 
ATOM   1619 N N3     . A   A 1 3  ? -3.649  -1.661 -2.721  1.00 0.00 ? 3  A   A N3     5 
ATOM   1620 C C4     . A   A 1 3  ? -4.496  -1.078 -1.851  1.00 0.00 ? 3  A   A C4     5 
ATOM   1621 H "H5'"  . A   A 1 3  ? -10.140 -3.326 -0.365  1.00 0.00 ? 3  A   A "H5'"  5 
ATOM   1622 H "H5''" . A   A 1 3  ? -9.422  -4.162 1.025   1.00 0.00 ? 3  A   A "H5''" 5 
ATOM   1623 H "H4'"  . A   A 1 3  ? -8.362  -4.799 -1.127  1.00 0.00 ? 3  A   A "H4'"  5 
ATOM   1624 H "H3'"  . A   A 1 3  ? -6.704  -3.283 0.891   1.00 0.00 ? 3  A   A "H3'"  5 
ATOM   1625 H "H2'"  . A   A 1 3  ? -4.826  -3.643 -0.419  1.00 0.00 ? 3  A   A "H2'"  5 
ATOM   1626 H "HO2'" . A   A 1 3  ? -5.724  -5.912 -0.936  1.00 0.00 ? 3  A   A "HO2'" 5 
ATOM   1627 H "H1'"  . A   A 1 3  ? -6.032  -3.127 -2.826  1.00 0.00 ? 3  A   A "H1'"  5 
ATOM   1628 H H8     . A   A 1 3  ? -7.111  -0.756 -0.046  1.00 0.00 ? 3  A   A H8     5 
ATOM   1629 H H61    . A   A 1 3  ? -1.989  2.473  -1.185  1.00 0.00 ? 3  A   A H61    5 
ATOM   1630 H H62    . A   A 1 3  ? -3.495  2.431  -0.291  1.00 0.00 ? 3  A   A H62    5 
ATOM   1631 H H2     . A   A 1 3  ? -1.821  -1.313 -3.615  1.00 0.00 ? 3  A   A H2     5 
ATOM   1632 P P      . C   A 1 4  ? -6.126  -5.496 2.284   1.00 0.00 ? 4  C   A P      5 
ATOM   1633 O OP1    . C   A 1 4  ? -6.320  -6.884 2.758   1.00 0.00 ? 4  C   A OP1    5 
ATOM   1634 O OP2    . C   A 1 4  ? -6.610  -4.362 3.105   1.00 0.00 ? 4  C   A OP2    5 
ATOM   1635 O "O5'"  . C   A 1 4  ? -4.550  -5.275 1.984   1.00 0.00 ? 4  C   A "O5'"  5 
ATOM   1636 C "C5'"  . C   A 1 4  ? -3.844  -6.192 1.134   1.00 0.00 ? 4  C   A "C5'"  5 
ATOM   1637 C "C4'"  . C   A 1 4  ? -2.569  -5.590 0.530   1.00 0.00 ? 4  C   A "C4'"  5 
ATOM   1638 O "O4'"  . C   A 1 4  ? -2.806  -4.290 -0.060  1.00 0.00 ? 4  C   A "O4'"  5 
ATOM   1639 C "C3'"  . C   A 1 4  ? -1.475  -5.377 1.558   1.00 0.00 ? 4  C   A "C3'"  5 
ATOM   1640 O "O3'"  . C   A 1 4  ? -0.679  -6.554 1.765   1.00 0.00 ? 4  C   A "O3'"  5 
ATOM   1641 C "C2'"  . C   A 1 4  ? -0.650  -4.273 0.981   1.00 0.00 ? 4  C   A "C2'"  5 
ATOM   1642 O "O2'"  . C   A 1 4  ? 0.450   -4.802 0.231   1.00 0.00 ? 4  C   A "O2'"  5 
ATOM   1643 C "C1'"  . C   A 1 4  ? -1.595  -3.497 0.086   1.00 0.00 ? 4  C   A "C1'"  5 
ATOM   1644 N N1     . C   A 1 4  ? -1.853  -2.161 0.677   1.00 0.00 ? 4  C   A N1     5 
ATOM   1645 C C2     . C   A 1 4  ? -0.834  -1.231 0.560   1.00 0.00 ? 4  C   A C2     5 
ATOM   1646 O O2     . C   A 1 4  ? 0.176   -1.510 -0.064  1.00 0.00 ? 4  C   A O2     5 
ATOM   1647 N N3     . C   A 1 4  ? -0.982  -0.018 1.140   1.00 0.00 ? 4  C   A N3     5 
ATOM   1648 C C4     . C   A 1 4  ? -2.086  0.283  1.816   1.00 0.00 ? 4  C   A C4     5 
ATOM   1649 N N4     . C   A 1 4  ? -2.186  1.485  2.377   1.00 0.00 ? 4  C   A N4     5 
ATOM   1650 C C5     . C   A 1 4  ? -3.157  -0.668 1.945   1.00 0.00 ? 4  C   A C5     5 
ATOM   1651 C C6     . C   A 1 4  ? -3.002  -1.872 1.358   1.00 0.00 ? 4  C   A C6     5 
ATOM   1652 H "H5'"  . C   A 1 4  ? -4.504  -6.491 0.319   1.00 0.00 ? 4  C   A "H5'"  5 
ATOM   1653 H "H5''" . C   A 1 4  ? -3.578  -7.079 1.712   1.00 0.00 ? 4  C   A "H5''" 5 
ATOM   1654 H "H4'"  . C   A 1 4  ? -2.197  -6.257 -0.246  1.00 0.00 ? 4  C   A "H4'"  5 
ATOM   1655 H "H3'"  . C   A 1 4  ? -1.919  -5.041 2.498   1.00 0.00 ? 4  C   A "H3'"  5 
ATOM   1656 H "H2'"  . C   A 1 4  ? -0.286  -3.623 1.769   1.00 0.00 ? 4  C   A "H2'"  5 
ATOM   1657 H "HO2'" . C   A 1 4  ? 0.690   -5.638 0.642   1.00 0.00 ? 4  C   A "HO2'" 5 
ATOM   1658 H "H1'"  . C   A 1 4  ? -1.120  -3.372 -0.881  1.00 0.00 ? 4  C   A "H1'"  5 
ATOM   1659 H H41    . C   A 1 4  ? -1.427  2.151  2.283   1.00 0.00 ? 4  C   A H41    5 
ATOM   1660 H H42    . C   A 1 4  ? -3.014  1.734  2.897   1.00 0.00 ? 4  C   A H42    5 
ATOM   1661 H H5     . C   A 1 4  ? -4.052  -0.438 2.520   1.00 0.00 ? 4  C   A H5     5 
ATOM   1662 H H6     . C   A 1 4  ? -3.806  -2.605 1.414   1.00 0.00 ? 4  C   A H6     5 
ATOM   1663 P P      . DT  A 1 5  ? -0.104  -6.902 3.232   1.00 0.00 ? 5  DT  A P      5 
ATOM   1664 O OP1    . DT  A 1 5  ? 0.645   -8.175 3.144   1.00 0.00 ? 5  DT  A OP1    5 
ATOM   1665 O OP2    . DT  A 1 5  ? -1.206  -6.762 4.210   1.00 0.00 ? 5  DT  A OP2    5 
ATOM   1666 O "O5'"  . DT  A 1 5  ? 0.954   -5.706 3.491   1.00 0.00 ? 5  DT  A "O5'"  5 
ATOM   1667 C "C5'"  . DT  A 1 5  ? 2.225   -5.674 2.813   1.00 0.00 ? 5  DT  A "C5'"  5 
ATOM   1668 C "C4'"  . DT  A 1 5  ? 2.881   -4.288 2.875   1.00 0.00 ? 5  DT  A "C4'"  5 
ATOM   1669 O "O4'"  . DT  A 1 5  ? 1.968   -3.273 2.403   1.00 0.00 ? 5  DT  A "O4'"  5 
ATOM   1670 C "C3'"  . DT  A 1 5  ? 3.259   -3.914 4.302   1.00 0.00 ? 5  DT  A "C3'"  5 
ATOM   1671 O "O3'"  . DT  A 1 5  ? 4.640   -4.224 4.568   1.00 0.00 ? 5  DT  A "O3'"  5 
ATOM   1672 C "C2'"  . DT  A 1 5  ? 3.035   -2.443 4.358   1.00 0.00 ? 5  DT  A "C2'"  5 
ATOM   1673 C "C1'"  . DT  A 1 5  ? 2.071   -2.103 3.253   1.00 0.00 ? 5  DT  A "C1'"  5 
ATOM   1674 N N1     . DT  A 1 5  ? 0.756   -1.753 3.799   1.00 0.00 ? 5  DT  A N1     5 
ATOM   1675 C C2     . DT  A 1 5  ? 0.447   -0.417 3.950   1.00 0.00 ? 5  DT  A C2     5 
ATOM   1676 O O2     . DT  A 1 5  ? 1.242   0.471  3.685   1.00 0.00 ? 5  DT  A O2     5 
ATOM   1677 N N3     . DT  A 1 5  ? -0.807  -0.135 4.425   1.00 0.00 ? 5  DT  A N3     5 
ATOM   1678 C C4     . DT  A 1 5  ? -1.775  -1.053 4.758   1.00 0.00 ? 5  DT  A C4     5 
ATOM   1679 O O4     . DT  A 1 5  ? -2.865  -0.680 5.174   1.00 0.00 ? 5  DT  A O4     5 
ATOM   1680 C C5     . DT  A 1 5  ? -1.369  -2.429 4.572   1.00 0.00 ? 5  DT  A C5     5 
ATOM   1681 C C7     . DT  A 1 5  ? -2.365  -3.543 4.866   1.00 0.00 ? 5  DT  A C7     5 
ATOM   1682 C C6     . DT  A 1 5  ? -0.132  -2.731 4.110   1.00 0.00 ? 5  DT  A C6     5 
ATOM   1683 H "H5'"  . DT  A 1 5  ? 2.078   -5.947 1.768   1.00 0.00 ? 5  DT  A "H5'"  5 
ATOM   1684 H "H5''" . DT  A 1 5  ? 2.889   -6.400 3.278   1.00 0.00 ? 5  DT  A "H5''" 5 
ATOM   1685 H "H4'"  . DT  A 1 5  ? 3.774   -4.280 2.251   1.00 0.00 ? 5  DT  A "H4'"  5 
ATOM   1686 H "H3'"  . DT  A 1 5  ? 2.599   -4.418 5.013   1.00 0.00 ? 5  DT  A "H3'"  5 
ATOM   1687 H "H2'"  . DT  A 1 5  ? 2.601   -2.166 5.332   1.00 0.00 ? 5  DT  A "H2'"  5 
ATOM   1688 H "H2''" . DT  A 1 5  ? 3.979   -1.934 4.172   1.00 0.00 ? 5  DT  A "H2''" 5 
ATOM   1689 H "H1'"  . DT  A 1 5  ? 2.460   -1.265 2.676   1.00 0.00 ? 5  DT  A "H1'"  5 
ATOM   1690 H H3     . DT  A 1 5  ? -1.039  0.838  4.543   1.00 0.00 ? 5  DT  A H3     5 
ATOM   1691 H H71    . DT  A 1 5  ? -1.883  -4.318 5.457   1.00 0.00 ? 5  DT  A H71    5 
ATOM   1692 H H72    . DT  A 1 5  ? -2.721  -3.967 3.927   1.00 0.00 ? 5  DT  A H72    5 
ATOM   1693 H H73    . DT  A 1 5  ? -3.212  -3.133 5.419   1.00 0.00 ? 5  DT  A H73    5 
ATOM   1694 H H6     . DT  A 1 5  ? 0.181   -3.777 4.011   1.00 0.00 ? 5  DT  A H6     5 
ATOM   1695 P P      . DT  A 1 6  ? 5.197   -4.407 6.079   1.00 0.00 ? 6  DT  A P      5 
ATOM   1696 O OP1    . DT  A 1 6  ? 6.644   -4.711 6.007   1.00 0.00 ? 6  DT  A OP1    5 
ATOM   1697 O OP2    . DT  A 1 6  ? 4.292   -5.337 6.794   1.00 0.00 ? 6  DT  A OP2    5 
ATOM   1698 O "O5'"  . DT  A 1 6  ? 5.020   -2.940 6.734   1.00 0.00 ? 6  DT  A "O5'"  5 
ATOM   1699 C "C5'"  . DT  A 1 6  ? 5.768   -1.802 6.261   1.00 0.00 ? 6  DT  A "C5'"  5 
ATOM   1700 C "C4'"  . DT  A 1 6  ? 5.181   -0.498 6.807   1.00 0.00 ? 6  DT  A "C4'"  5 
ATOM   1701 O "O4'"  . DT  A 1 6  ? 3.758   -0.464 6.556   1.00 0.00 ? 6  DT  A "O4'"  5 
ATOM   1702 C "C3'"  . DT  A 1 6  ? 5.377   -0.399 8.323   1.00 0.00 ? 6  DT  A "C3'"  5 
ATOM   1703 O "O3'"  . DT  A 1 6  ? 5.857   0.904  8.702   1.00 0.00 ? 6  DT  A "O3'"  5 
ATOM   1704 C "C2'"  . DT  A 1 6  ? 4.020   -0.619 8.888   1.00 0.00 ? 6  DT  A "C2'"  5 
ATOM   1705 C "C1'"  . DT  A 1 6  ? 3.072   -0.219 7.795   1.00 0.00 ? 6  DT  A "C1'"  5 
ATOM   1706 N N1     . DT  A 1 6  ? 1.811   -0.978 7.836   1.00 0.00 ? 6  DT  A N1     5 
ATOM   1707 C C2     . DT  A 1 6  ? 0.644   -0.262 7.654   1.00 0.00 ? 6  DT  A C2     5 
ATOM   1708 O O2     . DT  A 1 6  ? 0.639   0.958  7.487   1.00 0.00 ? 6  DT  A O2     5 
ATOM   1709 N N3     . DT  A 1 6  ? -0.521  -0.993 7.666   1.00 0.00 ? 6  DT  A N3     5 
ATOM   1710 C C4     . DT  A 1 6  ? -0.626  -2.356 7.840   1.00 0.00 ? 6  DT  A C4     5 
ATOM   1711 O O4     . DT  A 1 6  ? -1.724  -2.898 7.830   1.00 0.00 ? 6  DT  A O4     5 
ATOM   1712 C C5     . DT  A 1 6  ? 0.641   -3.030 8.025   1.00 0.00 ? 6  DT  A C5     5 
ATOM   1713 C C7     . DT  A 1 6  ? 0.669   -4.545 8.223   1.00 0.00 ? 6  DT  A C7     5 
ATOM   1714 C C6     . DT  A 1 6  ? 1.798   -2.339 8.018   1.00 0.00 ? 6  DT  A C6     5 
ATOM   1715 H "H5'"  . DT  A 1 6  ? 5.734   -1.779 5.172   1.00 0.00 ? 6  DT  A "H5'"  5 
ATOM   1716 H "H5''" . DT  A 1 6  ? 6.805   -1.892 6.584   1.00 0.00 ? 6  DT  A "H5''" 5 
ATOM   1717 H "H4'"  . DT  A 1 6  ? 5.653   0.351  6.321   1.00 0.00 ? 6  DT  A "H4'"  5 
ATOM   1718 H "H3'"  . DT  A 1 6  ? 6.062   -1.178 8.667   1.00 0.00 ? 6  DT  A "H3'"  5 
ATOM   1719 H "H2'"  . DT  A 1 6  ? 3.895   -1.685 9.119   1.00 0.00 ? 6  DT  A "H2'"  5 
ATOM   1720 H "H2''" . DT  A 1 6  ? 3.868   0.023  9.770   1.00 0.00 ? 6  DT  A "H2''" 5 
ATOM   1721 H "H1'"  . DT  A 1 6  ? 2.857   0.841  7.885   1.00 0.00 ? 6  DT  A "H1'"  5 
ATOM   1722 H H3     . DT  A 1 6  ? -1.380  -0.485 7.533   1.00 0.00 ? 6  DT  A H3     5 
ATOM   1723 H H71    . DT  A 1 6  ? 1.247   -5.006 7.422   1.00 0.00 ? 6  DT  A H71    5 
ATOM   1724 H H72    . DT  A 1 6  ? -0.350  -4.934 8.208   1.00 0.00 ? 6  DT  A H72    5 
ATOM   1725 H H73    . DT  A 1 6  ? 1.131   -4.777 9.183   1.00 0.00 ? 6  DT  A H73    5 
ATOM   1726 H H6     . DT  A 1 6  ? 2.740   -2.873 8.162   1.00 0.00 ? 6  DT  A H6     5 
ATOM   1727 P P      . DC  A 1 7  ? 7.333   1.412  8.293   1.00 0.00 ? 7  DC  A P      5 
ATOM   1728 O OP1    . DC  A 1 7  ? 7.498   2.794  8.795   1.00 0.00 ? 7  DC  A OP1    5 
ATOM   1729 O OP2    . DC  A 1 7  ? 7.551   1.115  6.861   1.00 0.00 ? 7  DC  A OP2    5 
ATOM   1730 O "O5'"  . DC  A 1 7  ? 8.281   0.435  9.159   1.00 0.00 ? 7  DC  A "O5'"  5 
ATOM   1731 C "C5'"  . DC  A 1 7  ? 9.190   0.956  10.141  1.00 0.00 ? 7  DC  A "C5'"  5 
ATOM   1732 C "C4'"  . DC  A 1 7  ? 10.634  0.648  9.758   1.00 0.00 ? 7  DC  A "C4'"  5 
ATOM   1733 O "O4'"  . DC  A 1 7  ? 10.852  -0.783 9.684   1.00 0.00 ? 7  DC  A "O4'"  5 
ATOM   1734 C "C3'"  . DC  A 1 7  ? 10.952  1.228  8.383   1.00 0.00 ? 7  DC  A "C3'"  5 
ATOM   1735 O "O3'"  . DC  A 1 7  ? 12.158  1.999  8.397   1.00 0.00 ? 7  DC  A "O3'"  5 
ATOM   1736 C "C2'"  . DC  A 1 7  ? 11.078  0.052  7.492   1.00 0.00 ? 7  DC  A "C2'"  5 
ATOM   1737 C "C1'"  . DC  A 1 7  ? 11.386  -1.111 8.383   1.00 0.00 ? 7  DC  A "C1'"  5 
ATOM   1738 N N1     . DC  A 1 7  ? 10.763  -2.340 7.856   1.00 0.00 ? 7  DC  A N1     5 
ATOM   1739 C C2     . DC  A 1 7  ? 11.582  -3.310 7.288   1.00 0.00 ? 7  DC  A C2     5 
ATOM   1740 O O2     . DC  A 1 7  ? 12.803  -3.155 7.256   1.00 0.00 ? 7  DC  A O2     5 
ATOM   1741 N N3     . DC  A 1 7  ? 10.992  -4.426 6.776   1.00 0.00 ? 7  DC  A N3     5 
ATOM   1742 C C4     . DC  A 1 7  ? 9.662   -4.581 6.819   1.00 0.00 ? 7  DC  A C4     5 
ATOM   1743 N N4     . DC  A 1 7  ? 9.117   -5.669 6.293   1.00 0.00 ? 7  DC  A N4     5 
ATOM   1744 C C5     . DC  A 1 7  ? 8.823   -3.590 7.404   1.00 0.00 ? 7  DC  A C5     5 
ATOM   1745 C C6     . DC  A 1 7  ? 9.408   -2.493 7.908   1.00 0.00 ? 7  DC  A C6     5 
ATOM   1746 H "H5'"  . DC  A 1 7  ? 8.971   0.497  11.107  1.00 0.00 ? 7  DC  A "H5'"  5 
ATOM   1747 H "H5''" . DC  A 1 7  ? 9.060   2.037  10.221  1.00 0.00 ? 7  DC  A "H5''" 5 
ATOM   1748 H "H4'"  . DC  A 1 7  ? 11.308  1.075  10.500  1.00 0.00 ? 7  DC  A "H4'"  5 
ATOM   1749 H "H3'"  . DC  A 1 7  ? 10.122  1.834  8.046   1.00 0.00 ? 7  DC  A "H3'"  5 
ATOM   1750 H "H2'"  . DC  A 1 7  ? 10.117  -0.119 6.984   1.00 0.00 ? 7  DC  A "H2'"  5 
ATOM   1751 H "H2''" . DC  A 1 7  ? 11.903  0.205  6.780   1.00 0.00 ? 7  DC  A "H2''" 5 
ATOM   1752 H "H1'"  . DC  A 1 7  ? 12.458  -1.235 8.449   1.00 0.00 ? 7  DC  A "H1'"  5 
ATOM   1753 H H41    . DC  A 1 7  ? 9.702   -6.375 5.878   1.00 0.00 ? 7  DC  A H41    5 
ATOM   1754 H H42    . DC  A 1 7  ? 8.109   -5.788 6.310   1.00 0.00 ? 7  DC  A H42    5 
ATOM   1755 H H5     . DC  A 1 7  ? 7.741   -3.717 7.441   1.00 0.00 ? 7  DC  A H5     5 
ATOM   1756 H H6     . DC  A 1 7  ? 8.796   -1.718 8.367   1.00 0.00 ? 7  DC  A H6     5 
ATOM   1757 P P      . DG  A 1 8  ? 12.123  3.557  7.990   1.00 0.00 ? 8  DG  A P      5 
ATOM   1758 O OP1    . DG  A 1 8  ? 13.510  4.001  7.743   1.00 0.00 ? 8  DG  A OP1    5 
ATOM   1759 O OP2    . DG  A 1 8  ? 11.283  4.275  8.974   1.00 0.00 ? 8  DG  A OP2    5 
ATOM   1760 O "O5'"  . DG  A 1 8  ? 11.344  3.531  6.580   1.00 0.00 ? 8  DG  A "O5'"  5 
ATOM   1761 C "C5'"  . DG  A 1 8  ? 10.763  4.725  6.016   1.00 0.00 ? 8  DG  A "C5'"  5 
ATOM   1762 C "C4'"  . DG  A 1 8  ? 9.646   4.395  5.047   1.00 0.00 ? 8  DG  A "C4'"  5 
ATOM   1763 O "O4'"  . DG  A 1 8  ? 8.541   3.770  5.746   1.00 0.00 ? 8  DG  A "O4'"  5 
ATOM   1764 C "C3'"  . DG  A 1 8  ? 9.104   5.639  4.337   1.00 0.00 ? 8  DG  A "C3'"  5 
ATOM   1765 O "O3'"  . DG  A 1 8  ? 9.134   5.442  2.912   1.00 0.00 ? 8  DG  A "O3'"  5 
ATOM   1766 C "C2'"  . DG  A 1 8  ? 7.712   5.780  4.847   1.00 0.00 ? 8  DG  A "C2'"  5 
ATOM   1767 C "C1'"  . DG  A 1 8  ? 7.322   4.426  5.366   1.00 0.00 ? 8  DG  A "C1'"  5 
ATOM   1768 N N9     . DG  A 1 8  ? 6.410   4.556  6.499   1.00 0.00 ? 8  DG  A N9     5 
ATOM   1769 C C8     . DG  A 1 8  ? 6.546   5.281  7.618   1.00 0.00 ? 8  DG  A C8     5 
ATOM   1770 N N7     . DG  A 1 8  ? 5.580   5.255  8.473   1.00 0.00 ? 8  DG  A N7     5 
ATOM   1771 C C5     . DG  A 1 8  ? 4.675   4.393  7.842   1.00 0.00 ? 8  DG  A C5     5 
ATOM   1772 C C6     . DG  A 1 8  ? 3.394   3.939  8.256   1.00 0.00 ? 8  DG  A C6     5 
ATOM   1773 O O6     . DG  A 1 8  ? 2.778   4.212  9.283   1.00 0.00 ? 8  DG  A O6     5 
ATOM   1774 N N1     . DG  A 1 8  ? 2.834   3.087  7.317   1.00 0.00 ? 8  DG  A N1     5 
ATOM   1775 C C2     . DG  A 1 8  ? 3.427   2.717  6.130   1.00 0.00 ? 8  DG  A C2     5 
ATOM   1776 N N2     . DG  A 1 8  ? 2.745   1.893  5.360   1.00 0.00 ? 8  DG  A N2     5 
ATOM   1777 N N3     . DG  A 1 8  ? 4.619   3.136  5.736   1.00 0.00 ? 8  DG  A N3     5 
ATOM   1778 C C4     . DG  A 1 8  ? 5.186   3.964  6.629   1.00 0.00 ? 8  DG  A C4     5 
ATOM   1779 H "H5'"  . DG  A 1 8  ? 11.504  5.259  5.451   1.00 0.00 ? 8  DG  A "H5'"  5 
ATOM   1780 H "H5''" . DG  A 1 8  ? 10.386  5.358  6.842   1.00 0.00 ? 8  DG  A "H5''" 5 
ATOM   1781 H "H4'"  . DG  A 1 8  ? 10.019  3.704  4.299   1.00 0.00 ? 8  DG  A "H4'"  5 
ATOM   1782 H "H3'"  . DG  A 1 8  ? 9.697   6.512  4.617   1.00 0.00 ? 8  DG  A "H3'"  5 
ATOM   1783 H "H2'"  . DG  A 1 8  ? 7.704   6.506  5.676   1.00 0.00 ? 8  DG  A "H2'"  5 
ATOM   1784 H "H2''" . DG  A 1 8  ? 7.034   6.074  4.032   1.00 0.00 ? 8  DG  A "H2''" 5 
ATOM   1785 H "H1'"  . DG  A 1 8  ? 6.842   3.862  4.584   1.00 0.00 ? 8  DG  A "H1'"  5 
ATOM   1786 H H8     . DG  A 1 8  ? 7.441   5.872  7.787   1.00 0.00 ? 8  DG  A H8     5 
ATOM   1787 H H1     . DG  A 1 8  ? 1.920   2.721  7.541   1.00 0.00 ? 8  DG  A H1     5 
ATOM   1788 H H21    . DG  A 1 8  ? 1.837   1.565  5.647   1.00 0.00 ? 8  DG  A H21    5 
ATOM   1789 H H22    . DG  A 1 8  ? 3.135   1.587  4.482   1.00 0.00 ? 8  DG  A H22    5 
HETATM 1790 P P      . GFL A 1 9  ? 8.445   6.463  1.856   1.00 0.00 ? 9  GFL A P      5 
HETATM 1791 O O1P    . GFL A 1 9  ? 9.120   7.778  1.962   1.00 0.00 ? 9  GFL A O1P    5 
HETATM 1792 O O2P    . GFL A 1 9  ? 6.973   6.372  2.001   1.00 0.00 ? 9  GFL A O2P    5 
HETATM 1793 O "O5'"  . GFL A 1 9  ? 8.858   5.793  0.442   1.00 0.00 ? 9  GFL A "O5'"  5 
HETATM 1794 C "C5'"  . GFL A 1 9  ? 9.548   4.526  0.430   1.00 0.00 ? 9  GFL A "C5'"  5 
HETATM 1795 C "C4'"  . GFL A 1 9  ? 8.608   3.328  0.528   1.00 0.00 ? 9  GFL A "C4'"  5 
HETATM 1796 O "O4'"  . GFL A 1 9  ? 7.482   3.598  1.409   1.00 0.00 ? 9  GFL A "O4'"  5 
HETATM 1797 C "C3'"  . GFL A 1 9  ? 8.008   2.958  -0.837  1.00 0.00 ? 9  GFL A "C3'"  5 
HETATM 1798 O "O3'"  . GFL A 1 9  ? 8.584   1.722  -1.314  1.00 0.00 ? 9  GFL A "O3'"  5 
HETATM 1799 C "C2'"  . GFL A 1 9  ? 6.539   2.799  -0.567  1.00 0.00 ? 9  GFL A "C2'"  5 
HETATM 1800 C "C1'"  . GFL A 1 9  ? 6.436   2.761  0.932   1.00 0.00 ? 9  GFL A "C1'"  5 
HETATM 1801 N N9     . GFL A 1 9  ? 5.080   3.138  1.361   1.00 0.00 ? 9  GFL A N9     5 
HETATM 1802 C C8     . GFL A 1 9  ? 4.592   4.253  1.955   1.00 0.00 ? 9  GFL A C8     5 
HETATM 1803 N N7     . GFL A 1 9  ? 3.318   4.278  2.215   1.00 0.00 ? 9  GFL A N7     5 
HETATM 1804 C C5     . GFL A 1 9  ? 2.906   3.023  1.731   1.00 0.00 ? 9  GFL A C5     5 
HETATM 1805 C C6     . GFL A 1 9  ? 1.615   2.404  1.702   1.00 0.00 ? 9  GFL A C6     5 
HETATM 1806 O O6     . GFL A 1 9  ? 0.535   2.836  2.110   1.00 0.00 ? 9  GFL A O6     5 
HETATM 1807 N N1     . GFL A 1 9  ? 1.674   1.143  1.119   1.00 0.00 ? 9  GFL A N1     5 
HETATM 1808 C C2     . GFL A 1 9  ? 2.817   0.549  0.631   1.00 0.00 ? 9  GFL A C2     5 
HETATM 1809 N N2     . GFL A 1 9  ? 2.688   -0.655 0.105   1.00 0.00 ? 9  GFL A N2     5 
HETATM 1810 N N3     . GFL A 1 9  ? 4.009   1.114  0.656   1.00 0.00 ? 9  GFL A N3     5 
HETATM 1811 C C4     . GFL A 1 9  ? 3.988   2.336  1.212   1.00 0.00 ? 9  GFL A C4     5 
HETATM 1812 F F      . GFL A 1 9  ? 5.846   3.863  -1.074  1.00 0.00 ? 9  GFL A F      5 
HETATM 1813 H "H5'1" . GFL A 1 9  ? 10.187  4.467  1.298   1.00 0.00 ? 9  GFL A "H5'1" 5 
HETATM 1814 H "H5'2" . GFL A 1 9  ? 10.161  4.465  -0.487  1.00 0.00 ? 9  GFL A "H5'2" 5 
HETATM 1815 H "H4'"  . GFL A 1 9  ? 9.155   2.471  0.917   1.00 0.00 ? 9  GFL A "H4'"  5 
HETATM 1816 H "H3'"  . GFL A 1 9  ? 8.170   3.769  -1.555  1.00 0.00 ? 9  GFL A "H3'"  5 
HETATM 1817 H "H2'"  . GFL A 1 9  ? 6.168   1.869  -0.981  1.00 0.00 ? 9  GFL A "H2'"  5 
HETATM 1818 H "H1'"  . GFL A 1 9  ? 6.644   1.741  1.269   1.00 0.00 ? 9  GFL A "H1'"  5 
HETATM 1819 H H8     . GFL A 1 9  ? 5.234   5.103  2.188   1.00 0.00 ? 9  GFL A H8     5 
HETATM 1820 H HN1    . GFL A 1 9  ? 0.800   0.641  1.065   1.00 0.00 ? 9  GFL A HN1    5 
HETATM 1821 H HN21   . GFL A 1 9  ? 1.777   -1.104 0.078   1.00 0.00 ? 9  GFL A HN21   5 
HETATM 1822 H HN22   . GFL A 1 9  ? 3.496   -1.128 -0.272  1.00 0.00 ? 9  GFL A HN22   5 
HETATM 1823 P P      . TAF A 1 10 ? 8.267   1.138  -2.791  1.00 0.00 ? 10 TAF A P      5 
HETATM 1824 O OP1    . TAF A 1 10 ? 9.450   0.374  -3.242  1.00 0.00 ? 10 TAF A OP1    5 
HETATM 1825 O OP2    . TAF A 1 10 ? 7.751   2.245  -3.623  1.00 0.00 ? 10 TAF A OP2    5 
HETATM 1826 O "O5'"  . TAF A 1 10 ? 7.053   0.095  -2.533  1.00 0.00 ? 10 TAF A "O5'"  5 
HETATM 1827 N N1     . TAF A 1 10 ? 2.517   0.359  -2.762  1.00 0.00 ? 10 TAF A N1     5 
HETATM 1828 C C6     . TAF A 1 10 ? 3.023   1.570  -2.325  1.00 0.00 ? 10 TAF A C6     5 
HETATM 1829 C C2     . TAF A 1 10 ? 1.164   0.071  -2.659  1.00 0.00 ? 10 TAF A C2     5 
HETATM 1830 O O2     . TAF A 1 10 ? 0.685   -0.990 -3.047  1.00 0.00 ? 10 TAF A O2     5 
HETATM 1831 N N3     . TAF A 1 10 ? 0.373   1.046  -2.105  1.00 0.00 ? 10 TAF A N3     5 
HETATM 1832 C C4     . TAF A 1 10 ? 0.788   2.275  -1.651  1.00 0.00 ? 10 TAF A C4     5 
HETATM 1833 O O4     . TAF A 1 10 ? -0.022  3.064  -1.176  1.00 0.00 ? 10 TAF A O4     5 
HETATM 1834 C C5     . TAF A 1 10 ? 2.212   2.510  -1.792  1.00 0.00 ? 10 TAF A C5     5 
HETATM 1835 C C5M    . TAF A 1 10 ? 2.799   3.852  -1.358  1.00 0.00 ? 10 TAF A C5M    5 
HETATM 1836 F "F2'"  . TAF A 1 10 ? 3.942   1.027  -4.929  1.00 0.00 ? 10 TAF A "F2'"  5 
HETATM 1837 C "C2'"  . TAF A 1 10 ? 3.791   -0.327 -4.802  1.00 0.00 ? 10 TAF A "C2'"  5 
HETATM 1838 C "C5'"  . TAF A 1 10 ? 6.962   -1.178 -3.230  1.00 0.00 ? 10 TAF A "C5'"  5 
HETATM 1839 C "C4'"  . TAF A 1 10 ? 5.506   -1.518 -3.595  1.00 0.00 ? 10 TAF A "C4'"  5 
HETATM 1840 O "O4'"  . TAF A 1 10 ? 4.589   -0.895 -2.667  1.00 0.00 ? 10 TAF A "O4'"  5 
HETATM 1841 C "C1'"  . TAF A 1 10 ? 3.378   -0.689 -3.381  1.00 0.00 ? 10 TAF A "C1'"  5 
HETATM 1842 C "C3'"  . TAF A 1 10 ? 5.126   -1.022 -5.003  1.00 0.00 ? 10 TAF A "C3'"  5 
HETATM 1843 O "O3'"  . TAF A 1 10 ? 5.021   -2.153 -5.921  1.00 0.00 ? 10 TAF A "O3'"  5 
HETATM 1844 H H6     . TAF A 1 10 ? 4.097   1.776  -2.394  1.00 0.00 ? 10 TAF A H6     5 
HETATM 1845 H H3     . TAF A 1 10 ? -0.611  0.838  -2.025  1.00 0.00 ? 10 TAF A H3     5 
HETATM 1846 H H71    . TAF A 1 10 ? 3.635   3.683  -0.684  1.00 0.00 ? 10 TAF A H71    5 
HETATM 1847 H H72    . TAF A 1 10 ? 2.034   4.438  -0.848  1.00 0.00 ? 10 TAF A H72    5 
HETATM 1848 H H73    . TAF A 1 10 ? 3.147   4.396  -2.237  1.00 0.00 ? 10 TAF A H73    5 
HETATM 1849 H "H2'"  . TAF A 1 10 ? 3.048   -0.700 -5.515  1.00 0.00 ? 10 TAF A "H2'"  5 
HETATM 1850 H "H5'"  . TAF A 1 10 ? 7.361   -1.979 -2.589  1.00 0.00 ? 10 TAF A "H5'"  5 
HETATM 1851 H "H5''" . TAF A 1 10 ? 7.558   -1.135 -4.143  1.00 0.00 ? 10 TAF A "H5''" 5 
HETATM 1852 H "H4'"  . TAF A 1 10 ? 5.360   -2.595 -3.551  1.00 0.00 ? 10 TAF A "H4'"  5 
HETATM 1853 H "H1'"  . TAF A 1 10 ? 2.841   -1.639 -3.393  1.00 0.00 ? 10 TAF A "H1'"  5 
HETATM 1854 H "H3'"  . TAF A 1 10 ? 5.866   -0.299 -5.358  1.00 0.00 ? 10 TAF A "H3'"  5 
HETATM 1855 P P      . CFL A 1 11 ? 4.923   -1.966 -7.536  1.00 0.00 ? 11 CFL A P      5 
HETATM 1856 O O1P    . CFL A 1 11 ? 5.723   -3.036 -8.169  1.00 0.00 ? 11 CFL A O1P    5 
HETATM 1857 O O2P    . CFL A 1 11 ? 5.221   -0.551 -7.846  1.00 0.00 ? 11 CFL A O2P    5 
HETATM 1858 O "O5'"  . CFL A 1 11 ? 3.360   -2.237 -7.873  1.00 0.00 ? 11 CFL A "O5'"  5 
HETATM 1859 C "C5'"  . CFL A 1 11 ? 2.848   -3.527 -8.321  1.00 0.00 ? 11 CFL A "C5'"  5 
HETATM 1860 C "C4'"  . CFL A 1 11 ? 1.322   -3.571 -8.146  1.00 0.00 ? 11 CFL A "C4'"  5 
HETATM 1861 O "O4'"  . CFL A 1 11 ? 0.948   -2.697 -7.080  1.00 0.00 ? 11 CFL A "O4'"  5 
HETATM 1862 C "C3'"  . CFL A 1 11 ? 0.581   -3.099 -9.400  1.00 0.00 ? 11 CFL A "C3'"  5 
HETATM 1863 O "O3'"  . CFL A 1 11 ? -0.034  -4.218 -10.080 1.00 0.00 ? 11 CFL A "O3'"  5 
HETATM 1864 C "C2'"  . CFL A 1 11 ? -0.459  -2.135 -8.897  1.00 0.00 ? 11 CFL A "C2'"  5 
HETATM 1865 C "C1'"  . CFL A 1 11 ? -0.329  -2.160 -7.378  1.00 0.00 ? 11 CFL A "C1'"  5 
HETATM 1866 N N1     . CFL A 1 11 ? -0.473  -0.815 -6.772  1.00 0.00 ? 11 CFL A N1     5 
HETATM 1867 C C2     . CFL A 1 11 ? -1.677  -0.516 -6.156  1.00 0.00 ? 11 CFL A C2     5 
HETATM 1868 O O2     . CFL A 1 11 ? -2.601  -1.322 -6.183  1.00 0.00 ? 11 CFL A O2     5 
HETATM 1869 N N3     . CFL A 1 11 ? -1.808  0.687  -5.535  1.00 0.00 ? 11 CFL A N3     5 
HETATM 1870 C C4     . CFL A 1 11 ? -0.801  1.565  -5.514  1.00 0.00 ? 11 CFL A C4     5 
HETATM 1871 N N4     . CFL A 1 11 ? -0.963  2.722  -4.881  1.00 0.00 ? 11 CFL A N4     5 
HETATM 1872 C C5     . CFL A 1 11 ? 0.446   1.272  -6.150  1.00 0.00 ? 11 CFL A C5     5 
HETATM 1873 C C6     . CFL A 1 11 ? 0.569   0.081  -6.769  1.00 0.00 ? 11 CFL A C6     5 
HETATM 1874 F F      . CFL A 1 11 ? -0.235  -0.881 -9.391  1.00 0.00 ? 11 CFL A F      5 
HETATM 1875 H "H5'1" . CFL A 1 11 ? 3.306   -4.345 -7.747  1.00 0.00 ? 11 CFL A "H5'1" 5 
HETATM 1876 H "H5'2" . CFL A 1 11 ? 3.091   -3.664 -9.375  1.00 0.00 ? 11 CFL A "H5'2" 5 
HETATM 1877 H "H4'"  . CFL A 1 11 ? 0.989   -4.572 -7.894  1.00 0.00 ? 11 CFL A "H4'"  5 
HETATM 1878 H "H3'"  . CFL A 1 11 ? 1.272   -2.575 -10.065 1.00 0.00 ? 11 CFL A "H3'"  5 
HETATM 1879 H "H2'"  . CFL A 1 11 ? -1.454  -2.495 -9.187  1.00 0.00 ? 11 CFL A "H2'"  5 
HETATM 1880 H "H1'"  . CFL A 1 11 ? -1.076  -2.830 -6.966  1.00 0.00 ? 11 CFL A "H1'"  5 
HETATM 1881 H HN41   . CFL A 1 11 ? -1.847  2.931  -4.429  1.00 0.00 ? 11 CFL A HN41   5 
HETATM 1882 H HN42   . CFL A 1 11 ? -0.206  3.390  -4.845  1.00 0.00 ? 11 CFL A HN42   5 
HETATM 1883 H H5     . CFL A 1 11 ? 1.276   1.984  -6.120  1.00 0.00 ? 11 CFL A H5     5 
HETATM 1884 H H6     . CFL A 1 11 ? 1.499   -0.158 -7.292  1.00 0.00 ? 11 CFL A H6     5 
HETATM 1885 P P      . CFL A 1 12 ? -0.743  -4.047 -11.526 1.00 0.00 ? 12 CFL A P      5 
HETATM 1886 O O1P    . CFL A 1 12 ? -0.731  -5.361 -12.201 1.00 0.00 ? 12 CFL A O1P    5 
HETATM 1887 O O2P    . CFL A 1 12 ? -0.138  -2.873 -12.190 1.00 0.00 ? 12 CFL A O2P    5 
HETATM 1888 O "O5'"  . CFL A 1 12 ? -2.276  -3.680 -11.154 1.00 0.00 ? 12 CFL A "O5'"  5 
HETATM 1889 C "C5'"  . CFL A 1 12 ? -3.271  -4.703 -10.922 1.00 0.00 ? 12 CFL A "C5'"  5 
HETATM 1890 C "C4'"  . CFL A 1 12 ? -4.615  -4.084 -10.523 1.00 0.00 ? 12 CFL A "C4'"  5 
HETATM 1891 O "O4'"  . CFL A 1 12 ? -4.411  -3.073 -9.541  1.00 0.00 ? 12 CFL A "O4'"  5 
HETATM 1892 C "C3'"  . CFL A 1 12 ? -5.312  -3.425 -11.709 1.00 0.00 ? 12 CFL A "C3'"  5 
HETATM 1893 O "O3'"  . CFL A 1 12 ? -6.417  -4.220 -12.165 1.00 0.00 ? 12 CFL A "O3'"  5 
HETATM 1894 C "C2'"  . CFL A 1 12 ? -5.774  -2.084 -11.214 1.00 0.00 ? 12 CFL A "C2'"  5 
HETATM 1895 C "C1'"  . CFL A 1 12 ? -5.389  -2.052 -9.740  1.00 0.00 ? 12 CFL A "C1'"  5 
HETATM 1896 N N1     . CFL A 1 12 ? -4.809  -0.746 -9.366  1.00 0.00 ? 12 CFL A N1     5 
HETATM 1897 C C2     . CFL A 1 12 ? -5.589  0.147  -8.647  1.00 0.00 ? 12 CFL A C2     5 
HETATM 1898 O O2     . CFL A 1 12 ? -6.741  -0.144 -8.328  1.00 0.00 ? 12 CFL A O2     5 
HETATM 1899 N N3     . CFL A 1 12 ? -5.043  1.346  -8.310  1.00 0.00 ? 12 CFL A N3     5 
HETATM 1900 C C4     . CFL A 1 12 ? -3.790  1.657  -8.663  1.00 0.00 ? 12 CFL A C4     5 
HETATM 1901 N N4     . CFL A 1 12 ? -3.288  2.835  -8.311  1.00 0.00 ? 12 CFL A N4     5 
HETATM 1902 C C5     . CFL A 1 12 ? -2.985  0.745  -9.403  1.00 0.00 ? 12 CFL A C5     5 
HETATM 1903 C C6     . CFL A 1 12 ? -3.521  -0.435 -9.731  1.00 0.00 ? 12 CFL A C6     5 
HETATM 1904 F F      . CFL A 1 12 ? -5.158  -1.079 -11.904 1.00 0.00 ? 12 CFL A F      5 
HETATM 1905 H "H5'1" . CFL A 1 12 ? -2.930  -5.359 -10.123 1.00 0.00 ? 12 CFL A "H5'1" 5 
HETATM 1906 H "H5'2" . CFL A 1 12 ? -3.404  -5.292 -11.831 1.00 0.00 ? 12 CFL A "H5'2" 5 
HETATM 1907 H "H4'"  . CFL A 1 12 ? -5.271  -4.839 -10.101 1.00 0.00 ? 12 CFL A "H4'"  5 
HETATM 1908 H "H3'"  . CFL A 1 12 ? -4.592  -3.278 -12.520 1.00 0.00 ? 12 CFL A "H3'"  5 
HETATM 1909 H "HO3'" . CFL A 1 12 ? -6.947  -4.448 -11.396 1.00 0.00 ? 12 CFL A "HO3'" 5 
HETATM 1910 H "H2'"  . CFL A 1 12 ? -6.875  -2.009 -11.318 1.00 0.00 ? 12 CFL A "H2'"  5 
HETATM 1911 H "H1'"  . CFL A 1 12 ? -6.263  -2.271 -9.130  1.00 0.00 ? 12 CFL A "H1'"  5 
HETATM 1912 H HN41   . CFL A 1 12 ? -3.857  3.489  -7.784  1.00 0.00 ? 12 CFL A HN41   5 
HETATM 1913 H HN42   . CFL A 1 12 ? -2.343  3.079  -8.569  1.00 0.00 ? 12 CFL A HN42   5 
HETATM 1914 H H5     . CFL A 1 12 ? -1.974  1.003  -9.708  1.00 0.00 ? 12 CFL A H5     5 
HETATM 1915 H H6     . CFL A 1 12 ? -2.916  -1.160 -10.283 1.00 0.00 ? 12 CFL A H6     5 
# 
